data_8E1D
#
_entry.id   8E1D
#
loop_
_entity.id
_entity.type
_entity.pdbx_description
1 polymer 'Microphthalmia-associated transcription factor'
2 polymer 'Histone acetyltransferase p300'
3 non-polymer 'ZINC ION'
#
loop_
_entity_poly.entity_id
_entity_poly.type
_entity_poly.pdbx_seq_one_letter_code
_entity_poly.pdbx_strand_id
1 'polypeptide(L)' GSRASCMQMDDVIDDIISLESSYNEEILGLMDPA B
2 'polypeptide(L)'
;GSATQSPGDSRRLSIQRAIQSLVHAAQCRNANCSLPSCQKMKRVVQHTKGCKRKTNGGCPICKQLIALAAYHAKHCQENK
CPVPFCLNIKQK
;
A
#
loop_
_chem_comp.id
_chem_comp.type
_chem_comp.name
_chem_comp.formula
ZN non-polymer 'ZINC ION' 'Zn 2'
#
# COMPACT_ATOMS: atom_id res chain seq x y z
N GLY A 1 -31.44 -15.23 -0.87
CA GLY A 1 -30.96 -14.91 0.50
C GLY A 1 -31.50 -13.58 0.98
N SER A 2 -31.19 -13.22 2.22
CA SER A 2 -31.62 -11.95 2.78
C SER A 2 -30.91 -10.80 2.07
N ARG A 3 -31.70 -9.89 1.49
CA ARG A 3 -31.15 -8.80 0.69
C ARG A 3 -30.53 -7.73 1.57
N ALA A 4 -30.64 -7.90 2.89
CA ALA A 4 -30.05 -6.97 3.83
C ALA A 4 -28.53 -6.93 3.71
N SER A 5 -27.97 -7.95 3.05
CA SER A 5 -26.53 -8.07 2.89
C SER A 5 -25.96 -6.94 2.03
N CYS A 6 -26.80 -6.35 1.18
CA CYS A 6 -26.35 -5.29 0.28
C CYS A 6 -26.52 -3.91 0.93
N MET A 7 -26.99 -3.91 2.17
CA MET A 7 -27.17 -2.67 2.91
C MET A 7 -26.52 -2.77 4.29
N GLN A 8 -25.35 -3.37 4.33
CA GLN A 8 -24.59 -3.51 5.55
C GLN A 8 -23.46 -2.49 5.58
N MET A 9 -22.69 -2.46 6.66
CA MET A 9 -21.56 -1.56 6.76
C MET A 9 -20.37 -2.12 5.99
N ASP A 10 -19.87 -1.35 5.05
CA ASP A 10 -18.74 -1.77 4.24
C ASP A 10 -17.43 -1.64 5.00
N ASP A 11 -16.80 -2.78 5.26
CA ASP A 11 -15.51 -2.80 5.94
C ASP A 11 -14.45 -2.16 5.06
N VAL A 12 -14.68 -2.21 3.76
CA VAL A 12 -13.73 -1.71 2.78
C VAL A 12 -13.72 -0.19 2.73
N ILE A 13 -14.87 0.43 2.94
CA ILE A 13 -14.96 1.89 2.89
C ILE A 13 -14.45 2.50 4.18
N ASP A 14 -14.72 1.82 5.30
CA ASP A 14 -14.17 2.26 6.59
C ASP A 14 -12.66 2.16 6.54
N ASP A 15 -12.19 1.13 5.86
CA ASP A 15 -10.76 0.91 5.65
C ASP A 15 -10.14 2.09 4.91
N ILE A 16 -10.81 2.53 3.85
CA ILE A 16 -10.33 3.66 3.05
C ILE A 16 -10.02 4.87 3.92
N ILE A 17 -11.00 5.29 4.72
CA ILE A 17 -10.84 6.44 5.61
C ILE A 17 -9.64 6.26 6.52
N SER A 18 -9.54 5.08 7.10
CA SER A 18 -8.43 4.74 7.98
C SER A 18 -7.10 4.85 7.24
N LEU A 19 -7.07 4.34 6.01
CA LEU A 19 -5.88 4.38 5.17
C LEU A 19 -5.55 5.80 4.72
N GLU A 20 -6.59 6.63 4.58
CA GLU A 20 -6.40 8.03 4.22
C GLU A 20 -5.88 8.83 5.41
N SER A 21 -5.96 8.24 6.58
CA SER A 21 -5.49 8.89 7.80
C SER A 21 -4.10 8.37 8.17
N SER A 22 -3.93 7.06 8.11
CA SER A 22 -2.64 6.44 8.37
C SER A 22 -2.48 5.18 7.52
N TYR A 23 -2.15 5.38 6.25
CA TYR A 23 -1.94 4.27 5.33
C TYR A 23 -0.85 3.33 5.83
N ASN A 24 0.25 3.91 6.29
CA ASN A 24 1.32 3.16 6.92
C ASN A 24 2.27 4.14 7.58
N GLU A 25 1.73 4.87 8.54
CA GLU A 25 2.44 5.95 9.19
C GLU A 25 3.60 5.42 10.03
N GLU A 26 3.65 4.10 10.20
CA GLU A 26 4.72 3.46 10.96
C GLU A 26 6.08 3.70 10.32
N ILE A 27 6.13 3.72 8.99
CA ILE A 27 7.39 3.97 8.29
C ILE A 27 7.68 5.47 8.26
N LEU A 28 6.62 6.27 8.21
CA LEU A 28 6.74 7.72 8.23
C LEU A 28 7.47 8.19 9.48
N GLY A 29 6.88 7.93 10.64
CA GLY A 29 7.43 8.43 11.88
C GLY A 29 7.55 9.94 11.86
N LEU A 30 6.60 10.58 11.18
CA LEU A 30 6.63 12.01 10.97
C LEU A 30 6.50 12.77 12.29
N MET A 31 7.46 13.65 12.52
CA MET A 31 7.44 14.50 13.70
C MET A 31 7.47 15.96 13.28
N ASP A 32 6.75 16.80 14.01
CA ASP A 32 6.81 18.24 13.79
C ASP A 32 7.70 18.89 14.84
N PRO A 33 8.93 19.24 14.48
CA PRO A 33 9.89 19.82 15.41
C PRO A 33 9.64 21.31 15.63
N ALA A 34 8.56 21.62 16.32
CA ALA A 34 8.22 22.99 16.63
C ALA A 34 8.95 23.44 17.89
N GLY B 1 3.92 21.96 13.43
CA GLY B 1 2.88 22.84 12.86
C GLY B 1 2.18 22.20 11.69
N SER B 2 1.50 23.01 10.88
CA SER B 2 0.78 22.54 9.70
C SER B 2 -0.41 21.66 10.06
N ALA B 3 -0.14 20.43 10.46
CA ALA B 3 -1.18 19.46 10.74
C ALA B 3 -0.70 18.43 11.76
N THR B 4 -1.43 18.29 12.85
CA THR B 4 -1.10 17.31 13.88
C THR B 4 -1.46 15.88 13.43
N GLN B 5 -2.39 15.80 12.48
CA GLN B 5 -2.78 14.52 11.91
C GLN B 5 -2.28 14.42 10.47
N SER B 6 -2.34 13.22 9.91
CA SER B 6 -1.92 13.00 8.55
C SER B 6 -3.12 13.14 7.60
N PRO B 7 -3.13 14.18 6.76
CA PRO B 7 -4.24 14.44 5.85
C PRO B 7 -4.27 13.47 4.67
N GLY B 8 -5.47 13.19 4.19
CA GLY B 8 -5.63 12.27 3.08
C GLY B 8 -5.11 12.86 1.79
N ASP B 9 -4.97 14.17 1.76
CA ASP B 9 -4.39 14.87 0.61
C ASP B 9 -2.96 14.43 0.37
N SER B 10 -2.16 14.49 1.43
CA SER B 10 -0.74 14.21 1.34
C SER B 10 -0.49 12.71 1.16
N ARG B 11 -1.19 11.89 1.94
CA ARG B 11 -1.05 10.44 1.85
C ARG B 11 -1.44 9.96 0.45
N ARG B 12 -2.40 10.64 -0.17
CA ARG B 12 -2.85 10.28 -1.49
C ARG B 12 -1.70 10.33 -2.48
N LEU B 13 -1.10 11.52 -2.63
CA LEU B 13 -0.02 11.69 -3.57
C LEU B 13 1.22 10.91 -3.13
N SER B 14 1.42 10.81 -1.82
CA SER B 14 2.50 10.01 -1.27
C SER B 14 2.41 8.58 -1.78
N ILE B 15 1.24 7.95 -1.58
CA ILE B 15 0.98 6.63 -2.13
C ILE B 15 1.23 6.57 -3.64
N GLN B 16 0.60 7.47 -4.39
CA GLN B 16 0.69 7.47 -5.85
C GLN B 16 2.13 7.44 -6.34
N ARG B 17 2.99 8.24 -5.71
CA ARG B 17 4.42 8.27 -6.05
C ARG B 17 5.03 6.90 -5.81
N ALA B 18 4.74 6.36 -4.65
CA ALA B 18 5.21 5.02 -4.27
C ALA B 18 4.66 3.97 -5.23
N ILE B 19 3.43 4.17 -5.65
CA ILE B 19 2.79 3.23 -6.56
C ILE B 19 3.48 3.21 -7.91
N GLN B 20 3.90 4.37 -8.39
CA GLN B 20 4.69 4.46 -9.62
C GLN B 20 5.90 3.54 -9.54
N SER B 21 6.54 3.55 -8.38
CA SER B 21 7.66 2.68 -8.11
C SER B 21 7.24 1.22 -8.09
N LEU B 22 6.14 0.95 -7.39
CA LEU B 22 5.67 -0.40 -7.17
C LEU B 22 5.22 -1.07 -8.46
N VAL B 23 4.39 -0.37 -9.23
CA VAL B 23 3.86 -0.93 -10.47
C VAL B 23 4.97 -1.20 -11.48
N HIS B 24 5.95 -0.32 -11.53
CA HIS B 24 7.08 -0.51 -12.44
C HIS B 24 7.99 -1.65 -11.95
N ALA B 25 8.48 -1.54 -10.72
CA ALA B 25 9.42 -2.52 -10.15
C ALA B 25 8.82 -3.93 -10.11
N ALA B 26 7.51 -4.02 -10.01
CA ALA B 26 6.84 -5.31 -9.91
C ALA B 26 7.05 -6.16 -11.16
N GLN B 27 7.00 -5.53 -12.32
CA GLN B 27 6.99 -6.24 -13.59
C GLN B 27 8.26 -5.99 -14.40
N CYS B 28 9.02 -5.00 -13.97
CA CYS B 28 10.25 -4.60 -14.64
C CYS B 28 11.22 -5.77 -14.73
N ARG B 29 11.52 -6.20 -15.95
CA ARG B 29 12.49 -7.27 -16.14
C ARG B 29 13.80 -6.72 -16.68
N ASN B 30 13.83 -5.40 -16.87
CA ASN B 30 15.01 -4.73 -17.39
C ASN B 30 16.09 -4.64 -16.32
N ALA B 31 17.14 -5.40 -16.54
CA ALA B 31 18.28 -5.42 -15.64
C ALA B 31 19.05 -4.10 -15.74
N ASN B 32 19.07 -3.53 -16.93
CA ASN B 32 19.73 -2.26 -17.17
C ASN B 32 18.99 -1.10 -16.54
N CYS B 33 17.77 -1.35 -16.06
CA CYS B 33 16.98 -0.31 -15.39
C CYS B 33 17.79 0.36 -14.28
N SER B 34 17.80 1.69 -14.30
CA SER B 34 18.52 2.45 -13.31
C SER B 34 17.82 3.78 -13.06
N LEU B 35 16.53 3.69 -12.77
CA LEU B 35 15.70 4.86 -12.48
C LEU B 35 15.96 5.31 -11.02
N PRO B 36 15.18 6.26 -10.45
CA PRO B 36 15.24 6.53 -9.01
C PRO B 36 14.77 5.35 -8.11
N SER B 37 13.46 5.10 -8.08
CA SER B 37 12.87 4.22 -7.05
C SER B 37 12.77 2.72 -7.42
N CYS B 38 12.54 2.39 -8.70
CA CYS B 38 12.29 1.00 -9.15
C CYS B 38 13.30 0.01 -8.55
N GLN B 39 14.57 0.36 -8.57
CA GLN B 39 15.63 -0.51 -8.05
C GLN B 39 15.39 -0.91 -6.60
N LYS B 40 15.09 0.08 -5.77
CA LYS B 40 14.85 -0.13 -4.36
C LYS B 40 13.51 -0.82 -4.16
N MET B 41 12.53 -0.29 -4.83
CA MET B 41 11.17 -0.82 -4.79
C MET B 41 11.13 -2.26 -5.30
N LYS B 42 12.07 -2.59 -6.17
CA LYS B 42 12.25 -3.94 -6.67
C LYS B 42 12.50 -4.90 -5.52
N ARG B 43 13.45 -4.56 -4.66
CA ARG B 43 13.76 -5.37 -3.50
C ARG B 43 12.61 -5.39 -2.51
N VAL B 44 11.70 -4.43 -2.65
CA VAL B 44 10.51 -4.36 -1.84
C VAL B 44 9.49 -5.39 -2.33
N VAL B 45 9.26 -5.41 -3.63
CA VAL B 45 8.45 -6.44 -4.27
C VAL B 45 9.07 -7.81 -4.00
N GLN B 46 10.38 -7.84 -4.11
CA GLN B 46 11.17 -9.05 -3.87
C GLN B 46 11.19 -9.44 -2.40
N HIS B 47 10.91 -8.47 -1.53
CA HIS B 47 10.81 -8.73 -0.10
C HIS B 47 9.61 -9.61 0.19
N THR B 48 8.50 -9.30 -0.47
CA THR B 48 7.23 -9.95 -0.21
C THR B 48 7.24 -11.41 -0.70
N LYS B 49 8.14 -11.72 -1.63
CA LYS B 49 8.40 -13.08 -2.10
C LYS B 49 8.27 -14.13 -1.00
N GLY B 50 9.06 -13.99 0.05
CA GLY B 50 9.08 -15.01 1.09
C GLY B 50 8.63 -14.48 2.44
N CYS B 51 7.64 -13.60 2.43
CA CYS B 51 7.16 -13.02 3.65
C CYS B 51 6.21 -13.93 4.41
N LYS B 52 6.60 -14.26 5.63
CA LYS B 52 5.73 -14.93 6.58
C LYS B 52 5.65 -14.07 7.83
N ARG B 53 6.53 -13.06 7.89
CA ARG B 53 6.61 -12.16 9.03
C ARG B 53 5.47 -11.14 8.99
N LYS B 54 4.84 -10.99 7.83
CA LYS B 54 3.77 -10.02 7.67
C LYS B 54 2.53 -10.43 8.46
N THR B 55 2.27 -11.73 8.54
CA THR B 55 1.08 -12.24 9.24
C THR B 55 1.19 -11.98 10.74
N ASN B 56 2.40 -11.68 11.21
CA ASN B 56 2.62 -11.33 12.61
C ASN B 56 2.77 -9.83 12.76
N GLY B 57 2.45 -9.12 11.70
CA GLY B 57 2.49 -7.67 11.72
C GLY B 57 3.90 -7.10 11.61
N GLY B 58 4.86 -7.94 11.27
CA GLY B 58 6.24 -7.51 11.24
C GLY B 58 6.68 -6.97 9.90
N CYS B 59 5.74 -6.85 8.98
CA CYS B 59 6.03 -6.27 7.67
C CYS B 59 5.44 -4.87 7.51
N PRO B 60 6.25 -3.81 7.68
CA PRO B 60 5.84 -2.44 7.36
C PRO B 60 5.82 -2.20 5.87
N ILE B 61 6.57 -3.01 5.17
CA ILE B 61 6.65 -2.94 3.74
C ILE B 61 5.43 -3.56 3.11
N CYS B 62 5.13 -4.80 3.48
CA CYS B 62 3.90 -5.43 3.04
C CYS B 62 2.69 -4.60 3.48
N LYS B 63 2.78 -3.96 4.65
CA LYS B 63 1.81 -2.97 5.09
C LYS B 63 1.64 -1.86 4.05
N GLN B 64 2.76 -1.44 3.46
CA GLN B 64 2.74 -0.43 2.41
C GLN B 64 2.10 -0.94 1.14
N LEU B 65 2.57 -2.08 0.66
CA LEU B 65 2.01 -2.68 -0.54
C LEU B 65 0.51 -2.86 -0.37
N ILE B 66 0.11 -3.47 0.73
CA ILE B 66 -1.29 -3.51 1.12
C ILE B 66 -1.93 -2.12 1.05
N ALA B 67 -1.28 -1.16 1.71
CA ALA B 67 -1.75 0.22 1.76
C ALA B 67 -2.00 0.79 0.37
N LEU B 68 -0.99 0.69 -0.48
CA LEU B 68 -1.05 1.30 -1.80
C LEU B 68 -1.90 0.47 -2.75
N ALA B 69 -1.69 -0.84 -2.73
CA ALA B 69 -2.37 -1.73 -3.68
C ALA B 69 -3.87 -1.74 -3.45
N ALA B 70 -4.29 -1.58 -2.21
CA ALA B 70 -5.71 -1.48 -1.91
C ALA B 70 -6.30 -0.26 -2.60
N TYR B 71 -5.59 0.86 -2.46
CA TYR B 71 -5.93 2.10 -3.16
C TYR B 71 -5.87 1.90 -4.67
N HIS B 72 -4.77 1.31 -5.13
CA HIS B 72 -4.56 1.07 -6.55
C HIS B 72 -5.67 0.16 -7.10
N ALA B 73 -6.03 -0.86 -6.32
CA ALA B 73 -7.04 -1.83 -6.73
C ALA B 73 -8.45 -1.27 -6.63
N LYS B 74 -8.59 -0.10 -6.01
CA LYS B 74 -9.88 0.56 -5.95
C LYS B 74 -10.41 0.86 -7.33
N HIS B 75 -9.49 0.95 -8.28
CA HIS B 75 -9.85 1.19 -9.67
C HIS B 75 -9.38 0.04 -10.54
N CYS B 76 -9.23 -1.14 -9.93
CA CYS B 76 -8.85 -2.34 -10.65
C CYS B 76 -9.99 -3.33 -10.67
N GLN B 77 -10.29 -3.86 -11.84
CA GLN B 77 -11.26 -4.94 -11.96
C GLN B 77 -10.64 -6.11 -12.71
N GLU B 78 -9.33 -6.00 -12.93
CA GLU B 78 -8.57 -7.02 -13.62
C GLU B 78 -8.10 -8.08 -12.63
N ASN B 79 -7.99 -9.31 -13.09
CA ASN B 79 -7.56 -10.43 -12.26
C ASN B 79 -6.04 -10.50 -12.26
N LYS B 80 -5.44 -9.96 -13.31
CA LYS B 80 -3.99 -9.87 -13.40
C LYS B 80 -3.56 -8.40 -13.38
N CYS B 81 -2.60 -8.10 -12.52
CA CYS B 81 -2.15 -6.73 -12.33
C CYS B 81 -0.68 -6.72 -11.98
N PRO B 82 0.01 -5.60 -12.23
CA PRO B 82 1.46 -5.50 -12.04
C PRO B 82 1.90 -5.73 -10.60
N VAL B 83 1.54 -4.80 -9.70
CA VAL B 83 1.95 -4.90 -8.30
C VAL B 83 1.45 -6.19 -7.65
N PRO B 84 2.16 -6.62 -6.60
CA PRO B 84 1.91 -7.90 -5.93
C PRO B 84 0.58 -7.96 -5.16
N PHE B 85 0.34 -6.99 -4.29
CA PHE B 85 -0.78 -7.09 -3.37
C PHE B 85 -2.11 -6.73 -4.01
N CYS B 86 -2.10 -6.29 -5.27
CA CYS B 86 -3.36 -5.94 -5.92
C CYS B 86 -4.18 -7.20 -6.12
N LEU B 87 -3.49 -8.26 -6.51
CA LEU B 87 -4.13 -9.54 -6.73
C LEU B 87 -4.50 -10.16 -5.38
N ASN B 88 -3.75 -9.77 -4.34
CA ASN B 88 -4.10 -10.16 -2.98
C ASN B 88 -5.45 -9.58 -2.57
N ILE B 89 -5.68 -8.30 -2.87
CA ILE B 89 -6.99 -7.68 -2.66
C ILE B 89 -8.09 -8.48 -3.34
N LYS B 90 -7.81 -8.93 -4.56
CA LYS B 90 -8.79 -9.65 -5.36
C LYS B 90 -9.03 -11.06 -4.82
N GLN B 91 -8.22 -11.50 -3.86
CA GLN B 91 -8.37 -12.82 -3.27
C GLN B 91 -9.53 -12.84 -2.28
N LYS B 92 -10.07 -11.67 -1.97
CA LYS B 92 -11.19 -11.57 -1.06
C LYS B 92 -12.50 -11.58 -1.84
ZN ZN C . 12.56 -0.59 -13.63
ZN ZN D . 6.82 -8.42 3.76
ZN ZN E . -4.27 -3.34 -9.81
N GLY A 1 -21.42 -17.90 2.37
CA GLY A 1 -22.51 -17.17 3.07
C GLY A 1 -21.98 -16.24 4.14
N SER A 2 -21.20 -15.25 3.74
CA SER A 2 -20.64 -14.29 4.67
C SER A 2 -21.55 -13.08 4.80
N ARG A 3 -22.68 -13.27 5.48
CA ARG A 3 -23.66 -12.20 5.63
C ARG A 3 -23.51 -11.52 6.99
N ALA A 4 -22.84 -12.20 7.92
CA ALA A 4 -22.69 -11.68 9.28
C ALA A 4 -21.93 -10.36 9.28
N SER A 5 -20.93 -10.27 8.43
CA SER A 5 -20.11 -9.08 8.32
C SER A 5 -20.88 -7.93 7.65
N CYS A 6 -21.82 -8.29 6.79
CA CYS A 6 -22.62 -7.31 6.07
C CYS A 6 -23.82 -6.86 6.91
N MET A 7 -24.31 -7.78 7.75
CA MET A 7 -25.45 -7.49 8.61
C MET A 7 -25.10 -6.45 9.66
N GLN A 8 -23.85 -6.50 10.12
CA GLN A 8 -23.37 -5.55 11.11
C GLN A 8 -22.60 -4.43 10.44
N MET A 9 -21.82 -3.67 11.22
CA MET A 9 -20.96 -2.64 10.64
C MET A 9 -19.87 -3.29 9.81
N ASP A 10 -19.66 -2.75 8.62
CA ASP A 10 -18.60 -3.25 7.74
C ASP A 10 -17.24 -2.93 8.32
N ASP A 11 -16.38 -3.94 8.39
CA ASP A 11 -15.02 -3.73 8.84
C ASP A 11 -14.12 -3.55 7.62
N VAL A 12 -14.67 -3.87 6.46
CA VAL A 12 -13.96 -3.67 5.20
C VAL A 12 -13.87 -2.18 4.89
N ILE A 13 -14.90 -1.45 5.29
CA ILE A 13 -14.93 0.00 5.09
C ILE A 13 -14.04 0.68 6.11
N ASP A 14 -13.92 0.06 7.29
CA ASP A 14 -13.06 0.60 8.34
C ASP A 14 -11.61 0.59 7.88
N ASP A 15 -11.27 -0.44 7.12
CA ASP A 15 -9.95 -0.55 6.50
C ASP A 15 -9.67 0.67 5.64
N ILE A 16 -10.67 1.11 4.89
CA ILE A 16 -10.55 2.30 4.04
C ILE A 16 -10.17 3.52 4.87
N ILE A 17 -10.94 3.79 5.92
CA ILE A 17 -10.68 4.92 6.81
C ILE A 17 -9.32 4.79 7.45
N SER A 18 -9.02 3.59 7.93
CA SER A 18 -7.72 3.29 8.53
C SER A 18 -6.59 3.58 7.55
N LEU A 19 -6.82 3.30 6.28
CA LEU A 19 -5.84 3.61 5.23
C LEU A 19 -5.70 5.12 5.06
N GLU A 20 -6.81 5.82 5.12
CA GLU A 20 -6.81 7.28 4.99
C GLU A 20 -6.07 7.92 6.16
N SER A 21 -6.32 7.40 7.36
CA SER A 21 -5.71 7.96 8.57
C SER A 21 -4.25 7.50 8.71
N SER A 22 -4.05 6.19 8.76
CA SER A 22 -2.74 5.63 9.03
C SER A 22 -2.42 4.48 8.07
N TYR A 23 -2.27 4.81 6.80
CA TYR A 23 -1.92 3.81 5.79
C TYR A 23 -0.59 3.11 6.13
N ASN A 24 0.44 3.89 6.38
CA ASN A 24 1.74 3.36 6.81
C ASN A 24 2.64 4.49 7.28
N GLU A 25 2.11 5.32 8.16
CA GLU A 25 2.84 6.46 8.70
C GLU A 25 4.06 6.00 9.48
N GLU A 26 4.07 4.73 9.86
CA GLU A 26 5.20 4.13 10.56
C GLU A 26 6.50 4.31 9.77
N ILE A 27 6.43 4.13 8.47
CA ILE A 27 7.62 4.29 7.63
C ILE A 27 7.73 5.73 7.13
N LEU A 28 6.63 6.46 7.21
CA LEU A 28 6.58 7.82 6.69
C LEU A 28 7.10 8.81 7.71
N GLY A 29 6.70 8.64 8.97
CA GLY A 29 7.19 9.48 10.04
C GLY A 29 8.69 9.35 10.24
N LEU A 30 9.21 8.14 10.00
CA LEU A 30 10.64 7.89 10.10
C LEU A 30 11.28 8.05 8.73
N MET A 31 12.60 7.89 8.68
CA MET A 31 13.33 8.01 7.42
C MET A 31 13.29 6.70 6.65
N ASP A 32 13.33 6.80 5.32
CA ASP A 32 13.35 5.62 4.47
C ASP A 32 14.79 5.19 4.23
N PRO A 33 15.03 3.87 4.11
CA PRO A 33 16.37 3.33 3.92
C PRO A 33 16.74 3.24 2.46
N ALA A 34 18.01 2.97 2.20
CA ALA A 34 18.53 2.91 0.84
C ALA A 34 19.60 1.84 0.73
N GLY B 1 -7.53 12.86 21.06
CA GLY B 1 -6.63 13.86 21.68
C GLY B 1 -5.25 13.85 21.05
N SER B 2 -4.77 15.02 20.64
CA SER B 2 -3.45 15.16 20.01
C SER B 2 -3.39 14.38 18.70
N ALA B 3 -4.48 14.41 17.96
CA ALA B 3 -4.57 13.67 16.70
C ALA B 3 -3.76 14.34 15.61
N THR B 4 -3.12 13.52 14.79
CA THR B 4 -2.39 14.00 13.63
C THR B 4 -2.44 12.95 12.53
N GLN B 5 -3.48 12.99 11.72
CA GLN B 5 -3.68 12.00 10.68
C GLN B 5 -2.94 12.41 9.41
N SER B 6 -2.45 11.42 8.68
CA SER B 6 -1.81 11.64 7.40
C SER B 6 -2.80 12.31 6.44
N PRO B 7 -2.49 13.56 6.02
CA PRO B 7 -3.38 14.35 5.16
C PRO B 7 -3.88 13.57 3.95
N GLY B 8 -5.17 13.23 3.98
CA GLY B 8 -5.74 12.29 3.03
C GLY B 8 -5.38 12.57 1.59
N ASP B 9 -5.85 13.68 1.05
CA ASP B 9 -5.65 14.01 -0.35
C ASP B 9 -4.17 14.11 -0.69
N SER B 10 -3.43 14.80 0.14
CA SER B 10 -2.02 15.05 -0.10
C SER B 10 -1.22 13.74 -0.06
N ARG B 11 -1.52 12.88 0.89
CA ARG B 11 -0.84 11.61 1.01
C ARG B 11 -1.38 10.63 -0.02
N ARG B 12 -2.58 10.88 -0.53
CA ARG B 12 -3.15 10.05 -1.58
C ARG B 12 -2.29 10.14 -2.84
N LEU B 13 -1.92 11.36 -3.23
CA LEU B 13 -1.08 11.54 -4.40
C LEU B 13 0.35 11.13 -4.10
N SER B 14 0.76 11.31 -2.86
CA SER B 14 2.06 10.84 -2.40
C SER B 14 2.14 9.31 -2.55
N ILE B 15 1.07 8.63 -2.15
CA ILE B 15 0.91 7.20 -2.44
C ILE B 15 1.13 6.92 -3.93
N GLN B 16 0.43 7.67 -4.78
CA GLN B 16 0.55 7.53 -6.24
C GLN B 16 2.02 7.57 -6.68
N ARG B 17 2.79 8.47 -6.06
CA ARG B 17 4.21 8.59 -6.39
C ARG B 17 4.92 7.28 -6.12
N ALA B 18 4.64 6.72 -4.95
CA ALA B 18 5.18 5.41 -4.57
C ALA B 18 4.62 4.32 -5.46
N ILE B 19 3.36 4.46 -5.82
CA ILE B 19 2.68 3.46 -6.63
C ILE B 19 3.29 3.37 -8.03
N GLN B 20 3.71 4.51 -8.58
CA GLN B 20 4.44 4.52 -9.84
C GLN B 20 5.66 3.63 -9.76
N SER B 21 6.37 3.77 -8.65
CA SER B 21 7.55 2.97 -8.38
C SER B 21 7.17 1.49 -8.26
N LEU B 22 6.08 1.24 -7.57
CA LEU B 22 5.61 -0.12 -7.31
C LEU B 22 5.20 -0.82 -8.59
N VAL B 23 4.36 -0.16 -9.39
CA VAL B 23 3.90 -0.77 -10.64
C VAL B 23 5.06 -1.06 -11.57
N HIS B 24 6.03 -0.15 -11.61
CA HIS B 24 7.21 -0.34 -12.45
C HIS B 24 8.06 -1.50 -11.92
N ALA B 25 8.47 -1.40 -10.66
CA ALA B 25 9.36 -2.40 -10.06
C ALA B 25 8.71 -3.78 -9.96
N ALA B 26 7.40 -3.81 -9.80
CA ALA B 26 6.69 -5.08 -9.68
C ALA B 26 6.89 -5.96 -10.90
N GLN B 27 6.88 -5.34 -12.07
CA GLN B 27 6.98 -6.07 -13.31
C GLN B 27 8.09 -5.53 -14.21
N CYS B 28 9.10 -4.93 -13.60
CA CYS B 28 10.24 -4.45 -14.37
C CYS B 28 11.03 -5.64 -14.88
N ARG B 29 10.94 -5.89 -16.17
CA ARG B 29 11.57 -7.04 -16.78
C ARG B 29 13.05 -6.78 -17.00
N ASN B 30 13.40 -5.51 -17.15
CA ASN B 30 14.79 -5.12 -17.31
C ASN B 30 15.50 -5.23 -15.97
N ALA B 31 16.26 -6.31 -15.84
CA ALA B 31 16.95 -6.63 -14.61
C ALA B 31 18.01 -5.59 -14.29
N ASN B 32 18.59 -5.02 -15.33
CA ASN B 32 19.65 -4.06 -15.18
C ASN B 32 19.09 -2.71 -14.75
N CYS B 33 17.81 -2.48 -15.04
CA CYS B 33 17.15 -1.24 -14.63
C CYS B 33 17.18 -1.08 -13.13
N SER B 34 17.72 0.04 -12.70
CA SER B 34 17.64 0.44 -11.33
C SER B 34 17.48 1.93 -11.24
N LEU B 35 16.35 2.43 -11.72
CA LEU B 35 16.03 3.82 -11.56
C LEU B 35 15.83 4.13 -10.07
N PRO B 36 15.73 5.42 -9.70
CA PRO B 36 15.74 5.87 -8.31
C PRO B 36 14.95 4.99 -7.36
N SER B 37 13.67 4.85 -7.63
CA SER B 37 12.79 4.08 -6.78
C SER B 37 12.71 2.61 -7.22
N CYS B 38 12.89 2.34 -8.52
CA CYS B 38 12.66 1.00 -9.06
C CYS B 38 13.56 -0.03 -8.40
N GLN B 39 14.79 0.34 -8.13
CA GLN B 39 15.74 -0.56 -7.47
C GLN B 39 15.25 -1.00 -6.09
N LYS B 40 14.96 -0.03 -5.24
CA LYS B 40 14.49 -0.30 -3.90
C LYS B 40 13.16 -1.01 -3.96
N MET B 41 12.27 -0.42 -4.72
CA MET B 41 10.92 -0.98 -4.90
C MET B 41 11.00 -2.42 -5.40
N LYS B 42 11.96 -2.69 -6.27
CA LYS B 42 12.19 -4.05 -6.77
C LYS B 42 12.52 -4.99 -5.63
N ARG B 43 13.55 -4.66 -4.85
CA ARG B 43 13.93 -5.46 -3.69
C ARG B 43 12.79 -5.53 -2.67
N VAL B 44 11.88 -4.57 -2.76
CA VAL B 44 10.72 -4.51 -1.88
C VAL B 44 9.67 -5.52 -2.35
N VAL B 45 9.34 -5.48 -3.64
CA VAL B 45 8.48 -6.48 -4.25
C VAL B 45 9.08 -7.86 -4.05
N GLN B 46 10.38 -7.92 -4.22
CA GLN B 46 11.17 -9.13 -4.06
C GLN B 46 11.29 -9.54 -2.59
N HIS B 47 11.04 -8.59 -1.69
CA HIS B 47 11.02 -8.87 -0.26
C HIS B 47 9.80 -9.71 0.09
N THR B 48 8.66 -9.35 -0.51
CA THR B 48 7.39 -9.98 -0.19
C THR B 48 7.31 -11.42 -0.70
N LYS B 49 8.19 -11.75 -1.66
CA LYS B 49 8.36 -13.13 -2.16
C LYS B 49 8.14 -14.20 -1.08
N GLY B 50 9.03 -14.23 -0.09
CA GLY B 50 8.93 -15.24 0.94
C GLY B 50 8.83 -14.66 2.32
N CYS B 51 7.97 -13.67 2.49
CA CYS B 51 7.79 -13.01 3.76
C CYS B 51 7.14 -13.89 4.82
N LYS B 52 7.91 -14.21 5.83
CA LYS B 52 7.43 -14.98 6.97
C LYS B 52 7.14 -14.07 8.15
N ARG B 53 7.96 -13.03 8.29
CA ARG B 53 7.82 -12.06 9.37
C ARG B 53 6.53 -11.27 9.24
N LYS B 54 5.89 -11.38 8.07
CA LYS B 54 4.64 -10.69 7.80
C LYS B 54 3.51 -11.21 8.68
N THR B 55 3.44 -12.52 8.86
CA THR B 55 2.38 -13.12 9.68
C THR B 55 2.57 -12.75 11.15
N ASN B 56 3.74 -12.22 11.47
CA ASN B 56 4.04 -11.80 12.83
C ASN B 56 3.98 -10.29 12.96
N GLY B 57 3.36 -9.65 11.96
CA GLY B 57 3.20 -8.21 11.98
C GLY B 57 4.50 -7.46 12.02
N GLY B 58 5.47 -7.91 11.24
CA GLY B 58 6.77 -7.26 11.24
C GLY B 58 7.20 -6.79 9.86
N CYS B 59 6.26 -6.79 8.92
CA CYS B 59 6.51 -6.23 7.60
C CYS B 59 5.85 -4.87 7.43
N PRO B 60 6.59 -3.77 7.62
CA PRO B 60 6.09 -2.43 7.34
C PRO B 60 6.05 -2.16 5.85
N ILE B 61 6.82 -2.97 5.15
CA ILE B 61 6.90 -2.89 3.71
C ILE B 61 5.69 -3.55 3.10
N CYS B 62 5.44 -4.81 3.44
CA CYS B 62 4.22 -5.48 3.01
C CYS B 62 2.99 -4.66 3.42
N LYS B 63 3.08 -4.02 4.59
CA LYS B 63 2.06 -3.10 5.05
C LYS B 63 1.87 -1.94 4.08
N GLN B 64 2.98 -1.47 3.48
CA GLN B 64 2.92 -0.41 2.47
C GLN B 64 2.31 -0.91 1.18
N LEU B 65 2.82 -2.03 0.67
CA LEU B 65 2.27 -2.62 -0.54
C LEU B 65 0.78 -2.82 -0.38
N ILE B 66 0.40 -3.50 0.70
CA ILE B 66 -1.00 -3.61 1.09
C ILE B 66 -1.69 -2.25 1.09
N ALA B 67 -1.08 -1.28 1.76
CA ALA B 67 -1.59 0.08 1.86
C ALA B 67 -1.87 0.68 0.48
N LEU B 68 -0.84 0.78 -0.34
CA LEU B 68 -0.96 1.44 -1.62
C LEU B 68 -1.78 0.60 -2.60
N ALA B 69 -1.57 -0.73 -2.58
CA ALA B 69 -2.25 -1.61 -3.52
C ALA B 69 -3.74 -1.68 -3.26
N ALA B 70 -4.13 -1.53 -2.01
CA ALA B 70 -5.55 -1.49 -1.65
C ALA B 70 -6.20 -0.27 -2.29
N TYR B 71 -5.50 0.86 -2.18
CA TYR B 71 -5.90 2.08 -2.85
C TYR B 71 -5.87 1.91 -4.37
N HIS B 72 -4.77 1.36 -4.86
CA HIS B 72 -4.60 1.15 -6.30
C HIS B 72 -5.68 0.22 -6.84
N ALA B 73 -6.01 -0.83 -6.09
CA ALA B 73 -7.02 -1.81 -6.48
C ALA B 73 -8.43 -1.22 -6.43
N LYS B 74 -8.57 -0.06 -5.79
CA LYS B 74 -9.85 0.63 -5.78
C LYS B 74 -10.24 1.04 -7.19
N HIS B 75 -9.23 1.24 -8.02
CA HIS B 75 -9.43 1.70 -9.38
C HIS B 75 -9.12 0.56 -10.36
N CYS B 76 -9.09 -0.66 -9.84
CA CYS B 76 -8.76 -1.82 -10.64
C CYS B 76 -9.95 -2.74 -10.83
N GLN B 77 -10.47 -2.76 -12.04
CA GLN B 77 -11.55 -3.64 -12.41
C GLN B 77 -10.98 -4.92 -13.02
N GLU B 78 -9.66 -4.98 -13.05
CA GLU B 78 -8.95 -6.11 -13.62
C GLU B 78 -8.37 -6.99 -12.54
N ASN B 79 -8.28 -8.28 -12.82
CA ASN B 79 -7.72 -9.23 -11.87
C ASN B 79 -6.21 -9.35 -12.11
N LYS B 80 -5.79 -9.13 -13.35
CA LYS B 80 -4.39 -9.13 -13.70
C LYS B 80 -3.81 -7.73 -13.57
N CYS B 81 -2.75 -7.60 -12.79
CA CYS B 81 -2.18 -6.30 -12.50
C CYS B 81 -0.69 -6.39 -12.22
N PRO B 82 0.01 -5.25 -12.35
CA PRO B 82 1.46 -5.19 -12.14
C PRO B 82 1.86 -5.46 -10.70
N VAL B 83 1.48 -4.55 -9.79
CA VAL B 83 1.86 -4.69 -8.38
C VAL B 83 1.29 -5.98 -7.79
N PRO B 84 1.99 -6.48 -6.77
CA PRO B 84 1.79 -7.80 -6.20
C PRO B 84 0.52 -7.94 -5.38
N PHE B 85 0.31 -7.00 -4.47
CA PHE B 85 -0.78 -7.12 -3.51
C PHE B 85 -2.12 -6.72 -4.11
N CYS B 86 -2.12 -6.22 -5.34
CA CYS B 86 -3.40 -5.87 -5.97
C CYS B 86 -4.20 -7.14 -6.19
N LEU B 87 -3.50 -8.17 -6.65
CA LEU B 87 -4.13 -9.46 -6.86
C LEU B 87 -4.38 -10.14 -5.52
N ASN B 88 -3.64 -9.73 -4.51
CA ASN B 88 -3.87 -10.21 -3.14
C ASN B 88 -5.18 -9.66 -2.60
N ILE B 89 -5.43 -8.37 -2.84
CA ILE B 89 -6.73 -7.76 -2.53
C ILE B 89 -7.84 -8.54 -3.22
N LYS B 90 -7.62 -8.87 -4.49
CA LYS B 90 -8.62 -9.57 -5.28
C LYS B 90 -8.85 -10.99 -4.73
N GLN B 91 -7.75 -11.69 -4.45
CA GLN B 91 -7.82 -13.05 -3.91
C GLN B 91 -8.32 -13.03 -2.47
N LYS B 92 -9.62 -13.23 -2.31
CA LYS B 92 -10.23 -13.28 -0.99
C LYS B 92 -9.95 -14.61 -0.31
ZN ZN C . 12.77 -0.51 -13.63
ZN ZN D . 7.18 -8.43 3.71
ZN ZN E . -4.27 -3.08 -9.72
N GLY A 1 -28.43 -12.23 -2.48
CA GLY A 1 -28.06 -11.16 -3.42
C GLY A 1 -28.73 -9.84 -3.08
N SER A 2 -28.19 -9.16 -2.08
CA SER A 2 -28.71 -7.87 -1.67
C SER A 2 -27.58 -7.02 -1.10
N ARG A 3 -27.58 -5.74 -1.44
CA ARG A 3 -26.52 -4.84 -1.01
C ARG A 3 -26.81 -4.29 0.38
N ALA A 4 -26.79 -5.17 1.38
CA ALA A 4 -27.02 -4.77 2.76
C ALA A 4 -25.82 -4.00 3.30
N SER A 5 -24.74 -4.01 2.52
CA SER A 5 -23.51 -3.33 2.89
C SER A 5 -23.66 -1.81 2.74
N CYS A 6 -24.81 -1.36 2.27
CA CYS A 6 -25.09 0.06 2.17
C CYS A 6 -25.51 0.58 3.54
N MET A 7 -26.08 -0.30 4.34
CA MET A 7 -26.50 0.05 5.70
C MET A 7 -25.47 -0.46 6.70
N GLN A 8 -24.99 -1.69 6.49
CA GLN A 8 -24.00 -2.28 7.37
C GLN A 8 -22.60 -1.83 6.98
N MET A 9 -21.67 -1.93 7.92
CA MET A 9 -20.28 -1.60 7.65
C MET A 9 -19.54 -2.84 7.18
N ASP A 10 -18.89 -2.73 6.03
CA ASP A 10 -18.15 -3.84 5.47
C ASP A 10 -16.79 -3.97 6.15
N ASP A 11 -16.48 -5.17 6.60
CA ASP A 11 -15.24 -5.45 7.29
C ASP A 11 -14.03 -5.20 6.40
N VAL A 12 -14.23 -5.38 5.10
CA VAL A 12 -13.16 -5.19 4.14
C VAL A 12 -12.87 -3.71 3.97
N ILE A 13 -13.91 -2.91 4.17
CA ILE A 13 -13.81 -1.48 4.05
C ILE A 13 -13.29 -0.88 5.35
N ASP A 14 -13.49 -1.59 6.46
CA ASP A 14 -12.96 -1.17 7.75
C ASP A 14 -11.46 -1.02 7.69
N ASP A 15 -10.79 -1.96 7.02
CA ASP A 15 -9.35 -1.89 6.82
C ASP A 15 -9.02 -0.65 6.00
N ILE A 16 -9.78 -0.42 4.94
CA ILE A 16 -9.56 0.73 4.08
C ILE A 16 -9.50 2.02 4.89
N ILE A 17 -10.49 2.22 5.76
CA ILE A 17 -10.52 3.41 6.63
C ILE A 17 -9.35 3.39 7.60
N SER A 18 -9.11 2.24 8.21
CA SER A 18 -8.00 2.05 9.14
C SER A 18 -6.67 2.44 8.47
N LEU A 19 -6.52 2.06 7.20
CA LEU A 19 -5.34 2.40 6.43
C LEU A 19 -5.32 3.90 6.09
N GLU A 20 -6.51 4.49 5.97
CA GLU A 20 -6.63 5.93 5.75
C GLU A 20 -6.14 6.71 6.95
N SER A 21 -6.46 6.22 8.14
CA SER A 21 -6.03 6.86 9.37
C SER A 21 -4.59 6.52 9.70
N SER A 22 -4.14 5.35 9.26
CA SER A 22 -2.76 4.94 9.46
C SER A 22 -2.40 3.80 8.50
N TYR A 23 -1.87 4.15 7.34
CA TYR A 23 -1.46 3.14 6.37
C TYR A 23 -0.14 2.52 6.78
N ASN A 24 0.81 3.38 7.14
CA ASN A 24 2.13 2.96 7.62
C ASN A 24 3.03 4.19 7.67
N GLU A 25 2.68 5.13 8.55
CA GLU A 25 3.46 6.35 8.71
C GLU A 25 4.84 6.05 9.26
N GLU A 26 5.03 4.82 9.73
CA GLU A 26 6.33 4.36 10.22
C GLU A 26 7.42 4.63 9.19
N ILE A 27 7.17 4.22 7.95
CA ILE A 27 8.13 4.39 6.86
C ILE A 27 8.13 5.83 6.35
N LEU A 28 7.12 6.58 6.76
CA LEU A 28 6.91 7.93 6.30
C LEU A 28 7.76 8.87 7.13
N GLY A 29 7.62 8.77 8.44
CA GLY A 29 8.49 9.50 9.35
C GLY A 29 9.92 8.99 9.29
N LEU A 30 10.07 7.70 9.01
CA LEU A 30 11.37 7.05 8.88
C LEU A 30 12.26 7.78 7.87
N MET A 31 13.54 7.89 8.21
CA MET A 31 14.52 8.44 7.28
C MET A 31 15.05 7.33 6.39
N ASP A 32 15.20 7.61 5.12
CA ASP A 32 15.69 6.63 4.17
C ASP A 32 17.21 6.58 4.19
N PRO A 33 17.79 5.43 4.55
CA PRO A 33 19.22 5.28 4.63
C PRO A 33 19.82 4.83 3.30
N ALA A 34 21.05 4.36 3.34
CA ALA A 34 21.74 3.92 2.13
C ALA A 34 22.33 2.54 2.34
N GLY B 1 2.20 15.77 23.67
CA GLY B 1 2.06 17.02 22.89
C GLY B 1 1.31 16.78 21.59
N SER B 2 1.85 17.30 20.51
CA SER B 2 1.23 17.14 19.20
C SER B 2 1.40 15.70 18.72
N ALA B 3 0.32 15.12 18.21
CA ALA B 3 0.35 13.75 17.73
C ALA B 3 0.59 13.74 16.22
N THR B 4 0.92 12.57 15.70
CA THR B 4 1.24 12.44 14.29
C THR B 4 0.16 11.63 13.57
N GLN B 5 -0.83 12.33 13.05
CA GLN B 5 -1.89 11.70 12.26
C GLN B 5 -1.42 11.54 10.82
N SER B 6 -2.05 10.64 10.09
CA SER B 6 -1.74 10.44 8.69
C SER B 6 -2.32 11.60 7.87
N PRO B 7 -1.44 12.46 7.31
CA PRO B 7 -1.88 13.63 6.55
C PRO B 7 -2.65 13.23 5.30
N GLY B 8 -3.95 13.47 5.33
CA GLY B 8 -4.84 13.00 4.29
C GLY B 8 -4.45 13.43 2.90
N ASP B 9 -4.02 14.67 2.76
CA ASP B 9 -3.67 15.20 1.44
C ASP B 9 -2.37 14.62 0.94
N SER B 10 -1.25 15.02 1.55
CA SER B 10 0.08 14.67 1.05
C SER B 10 0.30 13.16 1.01
N ARG B 11 -0.27 12.42 1.95
CA ARG B 11 -0.11 10.98 1.95
C ARG B 11 -0.82 10.37 0.74
N ARG B 12 -1.89 11.02 0.29
CA ARG B 12 -2.62 10.59 -0.88
C ARG B 12 -1.71 10.57 -2.10
N LEU B 13 -1.06 11.69 -2.41
CA LEU B 13 -0.17 11.76 -3.55
C LEU B 13 1.15 11.02 -3.29
N SER B 14 1.54 10.93 -2.03
CA SER B 14 2.70 10.13 -1.66
C SER B 14 2.49 8.68 -2.05
N ILE B 15 1.30 8.15 -1.73
CA ILE B 15 0.90 6.84 -2.21
C ILE B 15 1.12 6.71 -3.71
N GLN B 16 0.53 7.63 -4.47
CA GLN B 16 0.63 7.61 -5.93
C GLN B 16 2.09 7.48 -6.39
N ARG B 17 2.97 8.28 -5.79
CA ARG B 17 4.40 8.24 -6.14
C ARG B 17 4.98 6.87 -5.86
N ALA B 18 4.66 6.34 -4.69
CA ALA B 18 5.06 5.00 -4.31
C ALA B 18 4.49 3.97 -5.26
N ILE B 19 3.24 4.18 -5.66
CA ILE B 19 2.57 3.27 -6.56
C ILE B 19 3.24 3.25 -7.93
N GLN B 20 3.64 4.42 -8.43
CA GLN B 20 4.42 4.52 -9.65
C GLN B 20 5.67 3.66 -9.56
N SER B 21 6.33 3.72 -8.40
CA SER B 21 7.49 2.89 -8.14
C SER B 21 7.11 1.41 -8.13
N LEU B 22 6.02 1.11 -7.44
CA LEU B 22 5.57 -0.26 -7.23
C LEU B 22 5.16 -0.91 -8.54
N VAL B 23 4.33 -0.22 -9.32
CA VAL B 23 3.84 -0.78 -10.59
C VAL B 23 4.99 -1.09 -11.53
N HIS B 24 5.99 -0.21 -11.58
CA HIS B 24 7.14 -0.45 -12.44
C HIS B 24 7.98 -1.61 -11.92
N ALA B 25 8.48 -1.48 -10.69
CA ALA B 25 9.36 -2.48 -10.09
C ALA B 25 8.73 -3.87 -10.03
N ALA B 26 7.41 -3.93 -9.95
CA ALA B 26 6.68 -5.19 -9.84
C ALA B 26 6.86 -6.06 -11.09
N GLN B 27 6.83 -5.43 -12.25
CA GLN B 27 6.78 -6.16 -13.50
C GLN B 27 8.00 -5.84 -14.36
N CYS B 28 8.88 -5.04 -13.82
CA CYS B 28 10.10 -4.68 -14.51
C CYS B 28 11.02 -5.89 -14.57
N ARG B 29 11.11 -6.52 -15.72
CA ARG B 29 11.92 -7.72 -15.87
C ARG B 29 13.31 -7.36 -16.39
N ASN B 30 13.49 -6.08 -16.70
CA ASN B 30 14.76 -5.59 -17.18
C ASN B 30 15.81 -5.70 -16.09
N ALA B 31 16.82 -6.50 -16.35
CA ALA B 31 17.84 -6.81 -15.37
C ALA B 31 18.74 -5.62 -15.12
N ASN B 32 18.98 -4.83 -16.16
CA ASN B 32 19.88 -3.69 -16.05
C ASN B 32 19.12 -2.43 -15.67
N CYS B 33 17.81 -2.52 -15.49
CA CYS B 33 17.06 -1.37 -15.00
C CYS B 33 17.18 -1.26 -13.49
N SER B 34 17.53 -0.07 -13.05
CA SER B 34 17.51 0.25 -11.64
C SER B 34 17.37 1.74 -11.47
N LEU B 35 16.33 2.29 -12.04
CA LEU B 35 16.07 3.70 -11.91
C LEU B 35 15.80 4.06 -10.44
N PRO B 36 15.75 5.37 -10.11
CA PRO B 36 15.71 5.85 -8.72
C PRO B 36 14.76 5.07 -7.82
N SER B 37 13.51 4.98 -8.25
CA SER B 37 12.49 4.31 -7.49
C SER B 37 12.47 2.80 -7.78
N CYS B 38 12.81 2.43 -9.01
CA CYS B 38 12.62 1.05 -9.47
C CYS B 38 13.49 0.07 -8.69
N GLN B 39 14.75 0.42 -8.48
CA GLN B 39 15.68 -0.46 -7.77
C GLN B 39 15.24 -0.68 -6.32
N LYS B 40 14.96 0.40 -5.62
CA LYS B 40 14.51 0.34 -4.24
C LYS B 40 13.22 -0.44 -4.13
N MET B 41 12.25 -0.02 -4.93
CA MET B 41 10.92 -0.60 -4.89
C MET B 41 10.93 -2.05 -5.39
N LYS B 42 11.92 -2.39 -6.19
CA LYS B 42 12.13 -3.76 -6.61
C LYS B 42 12.37 -4.65 -5.41
N ARG B 43 13.30 -4.25 -4.54
CA ARG B 43 13.57 -4.99 -3.32
C ARG B 43 12.34 -5.04 -2.42
N VAL B 44 11.46 -4.07 -2.61
CA VAL B 44 10.21 -3.99 -1.87
C VAL B 44 9.25 -5.10 -2.34
N VAL B 45 9.03 -5.16 -3.64
CA VAL B 45 8.26 -6.24 -4.24
C VAL B 45 8.92 -7.57 -3.91
N GLN B 46 10.23 -7.59 -4.14
CA GLN B 46 11.04 -8.79 -3.93
C GLN B 46 11.11 -9.19 -2.46
N HIS B 47 10.83 -8.23 -1.58
CA HIS B 47 10.75 -8.51 -0.15
C HIS B 47 9.57 -9.43 0.14
N THR B 48 8.43 -9.12 -0.47
CA THR B 48 7.19 -9.82 -0.22
C THR B 48 7.25 -11.26 -0.75
N LYS B 49 8.23 -11.52 -1.62
CA LYS B 49 8.48 -12.84 -2.17
C LYS B 49 8.62 -13.91 -1.09
N GLY B 50 9.33 -13.59 -0.01
CA GLY B 50 9.61 -14.59 1.01
C GLY B 50 9.24 -14.13 2.40
N CYS B 51 8.19 -13.35 2.50
CA CYS B 51 7.76 -12.80 3.77
C CYS B 51 7.11 -13.84 4.68
N LYS B 52 7.72 -14.03 5.83
CA LYS B 52 7.17 -14.87 6.88
C LYS B 52 6.85 -13.98 8.09
N ARG B 53 7.48 -12.81 8.11
CA ARG B 53 7.29 -11.85 9.19
C ARG B 53 6.01 -11.05 9.03
N LYS B 54 5.35 -11.20 7.90
CA LYS B 54 4.13 -10.43 7.64
C LYS B 54 3.03 -10.83 8.61
N THR B 55 2.87 -12.13 8.81
CA THR B 55 1.87 -12.63 9.72
C THR B 55 2.19 -12.25 11.16
N ASN B 56 3.41 -11.78 11.39
CA ASN B 56 3.84 -11.39 12.72
C ASN B 56 3.89 -9.89 12.86
N GLY B 57 3.39 -9.21 11.84
CA GLY B 57 3.30 -7.76 11.86
C GLY B 57 4.64 -7.07 11.67
N GLY B 58 5.62 -7.79 11.14
CA GLY B 58 6.95 -7.24 10.99
C GLY B 58 7.20 -6.65 9.62
N CYS B 59 6.17 -6.62 8.79
CA CYS B 59 6.28 -6.07 7.45
C CYS B 59 5.63 -4.68 7.32
N PRO B 60 6.42 -3.60 7.39
CA PRO B 60 5.92 -2.25 7.10
C PRO B 60 5.81 -2.03 5.61
N ILE B 61 6.51 -2.87 4.88
CA ILE B 61 6.52 -2.81 3.44
C ILE B 61 5.25 -3.47 2.90
N CYS B 62 5.01 -4.72 3.28
CA CYS B 62 3.75 -5.37 2.93
C CYS B 62 2.57 -4.53 3.40
N LYS B 63 2.70 -3.93 4.58
CA LYS B 63 1.72 -2.97 5.09
C LYS B 63 1.51 -1.80 4.11
N GLN B 64 2.57 -1.39 3.42
CA GLN B 64 2.48 -0.36 2.40
C GLN B 64 1.83 -0.87 1.14
N LEU B 65 2.31 -1.99 0.61
CA LEU B 65 1.71 -2.60 -0.57
C LEU B 65 0.22 -2.77 -0.37
N ILE B 66 -0.13 -3.44 0.72
CA ILE B 66 -1.53 -3.52 1.16
C ILE B 66 -2.21 -2.16 1.12
N ALA B 67 -1.55 -1.16 1.70
CA ALA B 67 -2.05 0.20 1.76
C ALA B 67 -2.32 0.78 0.36
N LEU B 68 -1.29 0.79 -0.46
CA LEU B 68 -1.36 1.45 -1.76
C LEU B 68 -2.18 0.64 -2.75
N ALA B 69 -1.95 -0.67 -2.77
CA ALA B 69 -2.59 -1.55 -3.76
C ALA B 69 -4.09 -1.57 -3.62
N ALA B 70 -4.58 -1.40 -2.39
CA ALA B 70 -6.01 -1.34 -2.15
C ALA B 70 -6.61 -0.10 -2.81
N TYR B 71 -5.93 1.02 -2.65
CA TYR B 71 -6.27 2.27 -3.32
C TYR B 71 -6.13 2.09 -4.83
N HIS B 72 -5.04 1.48 -5.24
CA HIS B 72 -4.79 1.24 -6.65
C HIS B 72 -5.90 0.37 -7.25
N ALA B 73 -6.30 -0.67 -6.51
CA ALA B 73 -7.34 -1.61 -6.94
C ALA B 73 -8.72 -0.97 -7.01
N LYS B 74 -8.86 0.22 -6.42
CA LYS B 74 -10.11 0.97 -6.46
C LYS B 74 -10.58 1.22 -7.89
N HIS B 75 -9.64 1.22 -8.82
CA HIS B 75 -9.94 1.48 -10.21
C HIS B 75 -9.31 0.40 -11.11
N CYS B 76 -9.29 -0.82 -10.61
CA CYS B 76 -8.68 -1.92 -11.34
C CYS B 76 -9.71 -2.79 -12.03
N GLN B 77 -9.86 -2.57 -13.32
CA GLN B 77 -10.70 -3.42 -14.15
C GLN B 77 -9.82 -4.41 -14.90
N GLU B 78 -8.52 -4.15 -14.90
CA GLU B 78 -7.54 -5.08 -15.43
C GLU B 78 -7.41 -6.27 -14.49
N ASN B 79 -7.60 -7.47 -15.03
CA ASN B 79 -7.55 -8.69 -14.24
C ASN B 79 -6.13 -8.96 -13.79
N LYS B 80 -5.19 -8.93 -14.71
CA LYS B 80 -3.80 -9.15 -14.39
C LYS B 80 -3.11 -7.81 -14.16
N CYS B 81 -2.83 -7.51 -12.91
CA CYS B 81 -2.22 -6.26 -12.52
C CYS B 81 -0.72 -6.40 -12.28
N PRO B 82 0.01 -5.29 -12.37
CA PRO B 82 1.45 -5.26 -12.15
C PRO B 82 1.83 -5.51 -10.70
N VAL B 83 1.47 -4.59 -9.80
CA VAL B 83 1.85 -4.71 -8.39
C VAL B 83 1.37 -6.04 -7.77
N PRO B 84 2.06 -6.47 -6.72
CA PRO B 84 1.83 -7.76 -6.07
C PRO B 84 0.52 -7.84 -5.28
N PHE B 85 0.29 -6.90 -4.39
CA PHE B 85 -0.82 -7.02 -3.44
C PHE B 85 -2.17 -6.68 -4.05
N CYS B 86 -2.20 -6.24 -5.30
CA CYS B 86 -3.48 -5.94 -5.92
C CYS B 86 -4.23 -7.23 -6.17
N LEU B 87 -3.49 -8.25 -6.56
CA LEU B 87 -4.04 -9.56 -6.76
C LEU B 87 -4.35 -10.21 -5.41
N ASN B 88 -3.68 -9.72 -4.38
CA ASN B 88 -3.97 -10.11 -3.01
C ASN B 88 -5.33 -9.56 -2.58
N ILE B 89 -5.62 -8.31 -2.95
CA ILE B 89 -6.94 -7.72 -2.76
C ILE B 89 -8.02 -8.61 -3.38
N LYS B 90 -7.75 -9.08 -4.60
CA LYS B 90 -8.71 -9.90 -5.31
C LYS B 90 -8.80 -11.29 -4.70
N GLN B 91 -7.75 -11.69 -3.99
CA GLN B 91 -7.71 -12.99 -3.33
C GLN B 91 -8.01 -12.83 -1.83
N LYS B 92 -9.19 -12.35 -1.51
CA LYS B 92 -9.59 -12.22 -0.12
C LYS B 92 -10.55 -13.33 0.26
ZN ZN C . 12.67 -0.70 -13.92
ZN ZN D . 6.72 -8.32 3.62
ZN ZN E . -4.54 -3.28 -9.70
N GLY A 1 -35.50 12.12 -1.00
CA GLY A 1 -34.69 11.12 -1.72
C GLY A 1 -34.37 9.93 -0.84
N SER A 2 -33.56 9.00 -1.35
CA SER A 2 -33.20 7.81 -0.60
C SER A 2 -32.00 8.11 0.31
N ARG A 3 -32.25 8.24 1.60
CA ARG A 3 -31.19 8.55 2.55
C ARG A 3 -30.99 7.42 3.55
N ALA A 4 -31.23 6.20 3.11
CA ALA A 4 -31.05 5.05 3.99
C ALA A 4 -29.57 4.76 4.18
N SER A 5 -28.82 4.75 3.09
CA SER A 5 -27.39 4.55 3.15
C SER A 5 -26.70 5.79 3.72
N CYS A 6 -27.37 6.93 3.63
CA CYS A 6 -26.84 8.17 4.17
C CYS A 6 -27.03 8.21 5.68
N MET A 7 -28.17 7.70 6.14
CA MET A 7 -28.48 7.68 7.57
C MET A 7 -27.54 6.73 8.30
N GLN A 8 -27.33 5.55 7.73
CA GLN A 8 -26.41 4.60 8.30
C GLN A 8 -24.98 5.04 8.01
N MET A 9 -24.09 4.79 8.95
CA MET A 9 -22.71 5.23 8.84
C MET A 9 -21.90 4.25 8.01
N ASP A 10 -21.06 4.79 7.14
CA ASP A 10 -20.16 3.96 6.35
C ASP A 10 -18.93 3.60 7.17
N ASP A 11 -18.71 2.31 7.34
CA ASP A 11 -17.54 1.84 8.04
C ASP A 11 -16.34 1.85 7.11
N VAL A 12 -16.63 1.89 5.81
CA VAL A 12 -15.58 1.90 4.80
C VAL A 12 -14.85 3.23 4.80
N ILE A 13 -15.59 4.31 5.01
CA ILE A 13 -15.00 5.64 5.00
C ILE A 13 -14.15 5.84 6.25
N ASP A 14 -14.54 5.20 7.34
CA ASP A 14 -13.76 5.22 8.57
C ASP A 14 -12.39 4.60 8.32
N ASP A 15 -12.40 3.47 7.63
CA ASP A 15 -11.18 2.79 7.23
C ASP A 15 -10.33 3.71 6.36
N ILE A 16 -10.97 4.37 5.40
CA ILE A 16 -10.29 5.31 4.52
C ILE A 16 -9.56 6.39 5.31
N ILE A 17 -10.28 7.07 6.21
CA ILE A 17 -9.70 8.12 7.03
C ILE A 17 -8.55 7.59 7.87
N SER A 18 -8.76 6.42 8.45
CA SER A 18 -7.72 5.75 9.23
C SER A 18 -6.48 5.47 8.37
N LEU A 19 -6.70 5.17 7.10
CA LEU A 19 -5.60 4.95 6.17
C LEU A 19 -4.96 6.29 5.78
N GLU A 20 -5.81 7.28 5.56
CA GLU A 20 -5.35 8.62 5.22
C GLU A 20 -4.39 9.15 6.28
N SER A 21 -4.60 8.74 7.51
CA SER A 21 -3.74 9.15 8.60
C SER A 21 -2.67 8.10 8.90
N SER A 22 -3.11 6.95 9.38
CA SER A 22 -2.19 5.89 9.79
C SER A 22 -2.27 4.71 8.83
N TYR A 23 -1.94 4.96 7.57
CA TYR A 23 -1.84 3.90 6.58
C TYR A 23 -0.74 2.92 6.97
N ASN A 24 0.36 3.49 7.45
CA ASN A 24 1.52 2.74 7.88
C ASN A 24 2.58 3.74 8.29
N GLU A 25 2.29 4.47 9.35
CA GLU A 25 3.21 5.50 9.83
C GLU A 25 4.43 4.88 10.47
N GLU A 26 4.40 3.57 10.61
CA GLU A 26 5.54 2.81 11.14
C GLU A 26 6.83 3.19 10.40
N ILE A 27 6.73 3.37 9.09
CA ILE A 27 7.92 3.70 8.29
C ILE A 27 8.22 5.18 8.32
N LEU A 28 7.24 5.98 8.76
CA LEU A 28 7.45 7.40 9.00
C LEU A 28 8.15 7.61 10.33
N GLY A 29 7.58 7.01 11.37
CA GLY A 29 8.16 7.03 12.70
C GLY A 29 9.56 6.44 12.72
N LEU A 30 9.77 5.39 11.93
CA LEU A 30 11.09 4.78 11.80
C LEU A 30 11.91 5.53 10.75
N MET A 31 13.22 5.46 10.88
CA MET A 31 14.11 6.13 9.92
C MET A 31 15.00 5.10 9.26
N ASP A 32 15.12 5.18 7.94
CA ASP A 32 15.96 4.29 7.18
C ASP A 32 17.31 4.96 6.91
N PRO A 33 18.38 4.17 6.85
CA PRO A 33 19.74 4.70 6.65
C PRO A 33 20.00 5.17 5.21
N ALA A 34 19.36 6.29 4.85
CA ALA A 34 19.57 6.90 3.55
C ALA A 34 19.64 8.41 3.68
N GLY B 1 1.67 19.94 23.44
CA GLY B 1 1.94 20.41 22.06
C GLY B 1 2.92 19.51 21.34
N SER B 2 3.52 20.04 20.26
CA SER B 2 4.48 19.29 19.44
C SER B 2 3.84 18.03 18.88
N ALA B 3 2.58 18.14 18.49
CA ALA B 3 1.84 17.03 17.93
C ALA B 3 1.17 17.46 16.64
N THR B 4 1.21 16.61 15.64
CA THR B 4 0.61 16.94 14.37
C THR B 4 -0.15 15.75 13.81
N GLN B 5 -1.37 16.01 13.35
CA GLN B 5 -2.23 14.96 12.81
C GLN B 5 -1.78 14.60 11.39
N SER B 6 -1.89 13.33 11.05
CA SER B 6 -1.44 12.86 9.76
C SER B 6 -2.49 13.18 8.69
N PRO B 7 -2.13 14.03 7.71
CA PRO B 7 -3.05 14.46 6.66
C PRO B 7 -3.16 13.43 5.54
N GLY B 8 -4.35 13.31 4.98
CA GLY B 8 -4.61 12.33 3.95
C GLY B 8 -4.12 12.78 2.60
N ASP B 9 -4.15 14.08 2.36
CA ASP B 9 -3.74 14.63 1.06
C ASP B 9 -2.31 14.26 0.74
N SER B 10 -1.45 14.39 1.73
CA SER B 10 -0.03 14.15 1.56
C SER B 10 0.23 12.68 1.29
N ARG B 11 -0.33 11.81 2.12
CA ARG B 11 -0.13 10.38 1.96
C ARG B 11 -0.80 9.89 0.69
N ARG B 12 -1.88 10.55 0.29
CA ARG B 12 -2.59 10.21 -0.93
C ARG B 12 -1.65 10.22 -2.14
N LEU B 13 -0.99 11.36 -2.35
CA LEU B 13 -0.07 11.50 -3.46
C LEU B 13 1.21 10.70 -3.21
N SER B 14 1.61 10.60 -1.95
CA SER B 14 2.77 9.81 -1.58
C SER B 14 2.60 8.36 -1.98
N ILE B 15 1.40 7.80 -1.72
CA ILE B 15 1.05 6.49 -2.23
C ILE B 15 1.33 6.38 -3.73
N GLN B 16 0.71 7.28 -4.50
CA GLN B 16 0.81 7.27 -5.96
C GLN B 16 2.27 7.23 -6.41
N ARG B 17 3.11 8.05 -5.78
CA ARG B 17 4.54 8.09 -6.10
C ARG B 17 5.16 6.72 -5.90
N ALA B 18 4.84 6.12 -4.78
CA ALA B 18 5.31 4.79 -4.45
C ALA B 18 4.77 3.78 -5.45
N ILE B 19 3.52 3.93 -5.80
CA ILE B 19 2.86 3.01 -6.71
C ILE B 19 3.48 3.06 -8.10
N GLN B 20 3.82 4.26 -8.55
CA GLN B 20 4.55 4.44 -9.80
C GLN B 20 5.78 3.55 -9.83
N SER B 21 6.49 3.51 -8.71
CA SER B 21 7.64 2.64 -8.57
C SER B 21 7.20 1.18 -8.50
N LEU B 22 6.12 0.94 -7.77
CA LEU B 22 5.64 -0.40 -7.50
C LEU B 22 5.20 -1.10 -8.77
N VAL B 23 4.36 -0.44 -9.56
CA VAL B 23 3.86 -1.04 -10.79
C VAL B 23 4.99 -1.29 -11.78
N HIS B 24 5.91 -0.33 -11.88
CA HIS B 24 7.06 -0.51 -12.75
C HIS B 24 7.98 -1.64 -12.25
N ALA B 25 8.36 -1.57 -10.98
CA ALA B 25 9.29 -2.55 -10.39
C ALA B 25 8.69 -3.96 -10.38
N ALA B 26 7.43 -4.07 -10.04
CA ALA B 26 6.76 -5.37 -9.91
C ALA B 26 6.93 -6.22 -11.17
N GLN B 27 6.91 -5.57 -12.32
CA GLN B 27 7.02 -6.25 -13.58
C GLN B 27 8.09 -5.63 -14.47
N CYS B 28 9.14 -5.09 -13.85
CA CYS B 28 10.22 -4.48 -14.62
C CYS B 28 11.01 -5.56 -15.34
N ARG B 29 11.07 -5.45 -16.67
CA ARG B 29 11.76 -6.43 -17.48
C ARG B 29 13.02 -5.83 -18.08
N ASN B 30 13.45 -4.72 -17.49
CA ASN B 30 14.69 -4.07 -17.91
C ASN B 30 15.79 -4.41 -16.94
N ALA B 31 16.82 -5.06 -17.46
CA ALA B 31 17.91 -5.53 -16.63
C ALA B 31 18.83 -4.40 -16.22
N ASN B 32 18.99 -3.42 -17.11
CA ASN B 32 19.89 -2.30 -16.82
C ASN B 32 19.13 -1.13 -16.20
N CYS B 33 17.85 -1.34 -15.89
CA CYS B 33 17.06 -0.34 -15.19
C CYS B 33 17.80 0.21 -13.98
N SER B 34 18.00 1.52 -13.97
CA SER B 34 18.70 2.17 -12.88
C SER B 34 18.05 3.52 -12.59
N LEU B 35 16.72 3.51 -12.47
CA LEU B 35 15.97 4.73 -12.20
C LEU B 35 16.15 5.14 -10.71
N PRO B 36 15.42 6.14 -10.18
CA PRO B 36 15.42 6.40 -8.73
C PRO B 36 14.84 5.25 -7.87
N SER B 37 13.52 5.05 -7.94
CA SER B 37 12.83 4.18 -6.96
C SER B 37 12.69 2.70 -7.37
N CYS B 38 12.49 2.39 -8.66
CA CYS B 38 12.23 1.01 -9.12
C CYS B 38 13.22 0.00 -8.51
N GLN B 39 14.49 0.37 -8.45
CA GLN B 39 15.51 -0.50 -7.86
C GLN B 39 15.14 -0.92 -6.44
N LYS B 40 14.91 0.06 -5.58
CA LYS B 40 14.51 -0.17 -4.21
C LYS B 40 13.19 -0.92 -4.17
N MET B 41 12.24 -0.38 -4.89
CA MET B 41 10.89 -0.93 -4.96
C MET B 41 10.92 -2.38 -5.49
N LYS B 42 11.87 -2.68 -6.36
CA LYS B 42 12.09 -4.03 -6.85
C LYS B 42 12.39 -4.98 -5.70
N ARG B 43 13.35 -4.60 -4.86
CA ARG B 43 13.71 -5.39 -3.69
C ARG B 43 12.57 -5.42 -2.68
N VAL B 44 11.66 -4.46 -2.80
CA VAL B 44 10.50 -4.39 -1.93
C VAL B 44 9.44 -5.38 -2.38
N VAL B 45 9.19 -5.43 -3.69
CA VAL B 45 8.33 -6.46 -4.26
C VAL B 45 8.93 -7.83 -3.94
N GLN B 46 10.22 -7.90 -4.15
CA GLN B 46 11.00 -9.12 -3.88
C GLN B 46 11.13 -9.39 -2.39
N HIS B 47 10.82 -8.39 -1.58
CA HIS B 47 10.76 -8.55 -0.14
C HIS B 47 9.57 -9.44 0.21
N THR B 48 8.46 -9.19 -0.47
CA THR B 48 7.20 -9.87 -0.18
C THR B 48 7.27 -11.35 -0.56
N LYS B 49 8.18 -11.67 -1.49
CA LYS B 49 8.38 -13.03 -1.98
C LYS B 49 8.38 -14.06 -0.86
N GLY B 50 9.11 -13.78 0.21
CA GLY B 50 9.21 -14.74 1.29
C GLY B 50 8.80 -14.16 2.63
N CYS B 51 7.77 -13.32 2.62
CA CYS B 51 7.31 -12.67 3.83
C CYS B 51 6.35 -13.51 4.65
N LYS B 52 6.56 -13.48 5.96
CA LYS B 52 5.68 -14.13 6.92
C LYS B 52 5.42 -13.22 8.12
N ARG B 53 6.13 -12.09 8.18
CA ARG B 53 6.00 -11.16 9.29
C ARG B 53 4.62 -10.50 9.35
N LYS B 54 4.11 -10.08 8.20
CA LYS B 54 2.82 -9.38 8.14
C LYS B 54 1.71 -10.26 8.68
N THR B 55 1.93 -11.56 8.65
CA THR B 55 0.96 -12.51 9.15
C THR B 55 0.64 -12.21 10.61
N ASN B 56 1.67 -11.81 11.35
CA ASN B 56 1.53 -11.48 12.76
C ASN B 56 1.55 -9.96 12.95
N GLY B 57 1.44 -9.25 11.83
CA GLY B 57 1.42 -7.80 11.86
C GLY B 57 2.81 -7.19 11.97
N GLY B 58 3.81 -7.90 11.49
CA GLY B 58 5.18 -7.41 11.59
C GLY B 58 5.57 -6.48 10.45
N CYS B 59 5.37 -6.94 9.21
CA CYS B 59 5.79 -6.20 8.00
C CYS B 59 5.05 -4.87 7.83
N PRO B 60 5.73 -3.73 8.04
CA PRO B 60 5.18 -2.40 7.69
C PRO B 60 5.24 -2.18 6.20
N ILE B 61 6.16 -2.87 5.56
CA ILE B 61 6.32 -2.77 4.12
C ILE B 61 5.18 -3.47 3.43
N CYS B 62 4.92 -4.71 3.83
CA CYS B 62 3.75 -5.43 3.35
C CYS B 62 2.47 -4.67 3.68
N LYS B 63 2.44 -4.05 4.86
CA LYS B 63 1.35 -3.16 5.23
C LYS B 63 1.17 -2.03 4.23
N GLN B 64 2.28 -1.44 3.78
CA GLN B 64 2.22 -0.40 2.77
C GLN B 64 1.86 -0.96 1.40
N LEU B 65 2.50 -2.07 1.02
CA LEU B 65 2.17 -2.75 -0.21
C LEU B 65 0.68 -3.04 -0.27
N ILE B 66 0.14 -3.50 0.86
CA ILE B 66 -1.29 -3.66 1.04
C ILE B 66 -2.02 -2.31 0.92
N ALA B 67 -1.54 -1.34 1.68
CA ALA B 67 -2.12 0.00 1.71
C ALA B 67 -2.26 0.61 0.32
N LEU B 68 -1.19 0.54 -0.45
CA LEU B 68 -1.18 1.14 -1.78
C LEU B 68 -1.96 0.28 -2.76
N ALA B 69 -1.74 -1.03 -2.73
CA ALA B 69 -2.36 -1.93 -3.69
C ALA B 69 -3.87 -1.97 -3.52
N ALA B 70 -4.35 -1.81 -2.30
CA ALA B 70 -5.78 -1.74 -2.06
C ALA B 70 -6.37 -0.53 -2.77
N TYR B 71 -5.65 0.56 -2.72
CA TYR B 71 -5.99 1.79 -3.43
C TYR B 71 -5.84 1.59 -4.92
N HIS B 72 -4.73 1.01 -5.32
CA HIS B 72 -4.43 0.79 -6.72
C HIS B 72 -5.46 -0.15 -7.37
N ALA B 73 -5.80 -1.22 -6.67
CA ALA B 73 -6.76 -2.21 -7.17
C ALA B 73 -8.17 -1.65 -7.24
N LYS B 74 -8.41 -0.52 -6.57
CA LYS B 74 -9.70 0.16 -6.61
C LYS B 74 -10.15 0.44 -8.03
N HIS B 75 -9.18 0.63 -8.93
CA HIS B 75 -9.49 0.91 -10.32
C HIS B 75 -8.98 -0.22 -11.22
N CYS B 76 -8.68 -1.36 -10.62
CA CYS B 76 -8.18 -2.49 -11.37
C CYS B 76 -9.30 -3.49 -11.65
N GLN B 77 -9.40 -3.92 -12.90
CA GLN B 77 -10.41 -4.87 -13.30
C GLN B 77 -9.77 -6.11 -13.91
N GLU B 78 -8.45 -6.17 -13.78
CA GLU B 78 -7.67 -7.26 -14.34
C GLU B 78 -7.23 -8.22 -13.25
N ASN B 79 -7.34 -9.50 -13.53
CA ASN B 79 -6.92 -10.53 -12.59
C ASN B 79 -5.41 -10.71 -12.62
N LYS B 80 -4.83 -10.38 -13.77
CA LYS B 80 -3.38 -10.36 -13.91
C LYS B 80 -2.91 -8.91 -13.95
N CYS B 81 -2.32 -8.46 -12.84
CA CYS B 81 -1.95 -7.06 -12.69
C CYS B 81 -0.54 -6.95 -12.13
N PRO B 82 0.23 -5.96 -12.65
CA PRO B 82 1.60 -5.65 -12.24
C PRO B 82 1.93 -5.89 -10.76
N VAL B 83 1.54 -4.96 -9.88
CA VAL B 83 1.91 -5.06 -8.46
C VAL B 83 1.35 -6.33 -7.81
N PRO B 84 2.04 -6.77 -6.77
CA PRO B 84 1.83 -8.07 -6.12
C PRO B 84 0.55 -8.15 -5.30
N PHE B 85 0.34 -7.17 -4.43
CA PHE B 85 -0.78 -7.22 -3.49
C PHE B 85 -2.09 -6.82 -4.15
N CYS B 86 -2.03 -6.40 -5.41
CA CYS B 86 -3.26 -6.07 -6.14
C CYS B 86 -4.11 -7.32 -6.27
N LEU B 87 -3.44 -8.40 -6.64
CA LEU B 87 -4.08 -9.69 -6.80
C LEU B 87 -4.41 -10.26 -5.42
N ASN B 88 -3.67 -9.81 -4.41
CA ASN B 88 -3.95 -10.16 -3.02
C ASN B 88 -5.34 -9.65 -2.61
N ILE B 89 -5.66 -8.41 -3.00
CA ILE B 89 -6.99 -7.86 -2.77
C ILE B 89 -8.07 -8.76 -3.37
N LYS B 90 -7.89 -9.17 -4.61
CA LYS B 90 -8.88 -9.97 -5.30
C LYS B 90 -8.93 -11.39 -4.74
N GLN B 91 -7.78 -11.90 -4.31
CA GLN B 91 -7.70 -13.25 -3.78
C GLN B 91 -8.21 -13.31 -2.34
N LYS B 92 -7.88 -12.30 -1.54
CA LYS B 92 -8.27 -12.27 -0.15
C LYS B 92 -9.40 -11.27 0.05
ZN ZN C . 12.58 -0.63 -13.57
ZN ZN D . 6.91 -8.08 3.83
ZN ZN E . -3.75 -3.55 -10.06
N GLY A 1 -29.81 1.10 -1.20
CA GLY A 1 -29.27 1.94 -2.30
C GLY A 1 -28.18 2.88 -1.82
N SER A 2 -27.75 3.78 -2.70
CA SER A 2 -26.66 4.68 -2.39
C SER A 2 -27.02 5.62 -1.23
N ARG A 3 -28.30 5.94 -1.11
CA ARG A 3 -28.78 6.79 -0.04
C ARG A 3 -28.62 6.10 1.31
N ALA A 4 -29.09 4.87 1.40
CA ALA A 4 -28.97 4.08 2.61
C ALA A 4 -27.51 3.84 2.96
N SER A 5 -26.71 3.52 1.94
CA SER A 5 -25.29 3.29 2.11
C SER A 5 -24.56 4.57 2.54
N CYS A 6 -25.19 5.71 2.29
CA CYS A 6 -24.62 7.00 2.69
C CYS A 6 -24.98 7.29 4.14
N MET A 7 -26.22 7.01 4.51
CA MET A 7 -26.67 7.23 5.88
C MET A 7 -25.98 6.26 6.84
N GLN A 8 -25.79 5.03 6.38
CA GLN A 8 -25.10 4.02 7.16
C GLN A 8 -23.59 4.20 7.02
N MET A 9 -22.85 3.68 7.99
CA MET A 9 -21.40 3.75 7.95
C MET A 9 -20.83 2.54 7.23
N ASP A 10 -20.12 2.79 6.15
CA ASP A 10 -19.53 1.72 5.36
C ASP A 10 -18.24 1.22 6.03
N ASP A 11 -18.06 -0.09 6.04
CA ASP A 11 -16.88 -0.68 6.65
C ASP A 11 -15.68 -0.49 5.74
N VAL A 12 -15.96 -0.25 4.47
CA VAL A 12 -14.90 -0.10 3.46
C VAL A 12 -14.19 1.24 3.61
N ILE A 13 -14.92 2.25 4.07
CA ILE A 13 -14.35 3.58 4.25
C ILE A 13 -13.58 3.66 5.56
N ASP A 14 -13.85 2.72 6.45
CA ASP A 14 -13.15 2.65 7.73
C ASP A 14 -11.69 2.27 7.48
N ASP A 15 -11.47 1.38 6.52
CA ASP A 15 -10.12 1.04 6.08
C ASP A 15 -9.42 2.28 5.55
N ILE A 16 -10.17 3.09 4.80
CA ILE A 16 -9.66 4.35 4.28
C ILE A 16 -9.26 5.28 5.42
N ILE A 17 -10.15 5.41 6.40
CA ILE A 17 -9.89 6.20 7.60
C ILE A 17 -8.57 5.79 8.25
N SER A 18 -8.41 4.50 8.44
CA SER A 18 -7.18 3.93 8.98
C SER A 18 -5.97 4.38 8.16
N LEU A 19 -6.06 4.24 6.85
CA LEU A 19 -4.96 4.58 5.95
C LEU A 19 -4.70 6.09 5.94
N GLU A 20 -5.78 6.87 5.99
CA GLU A 20 -5.70 8.32 6.06
C GLU A 20 -5.00 8.78 7.35
N SER A 21 -5.02 7.92 8.36
CA SER A 21 -4.43 8.25 9.64
C SER A 21 -3.03 7.64 9.77
N SER A 22 -2.86 6.48 9.14
CA SER A 22 -1.57 5.79 9.11
C SER A 22 -1.55 4.79 7.96
N TYR A 23 -1.16 5.25 6.78
CA TYR A 23 -1.02 4.36 5.64
C TYR A 23 0.25 3.52 5.81
N ASN A 24 1.30 4.16 6.30
CA ASN A 24 2.55 3.48 6.64
C ASN A 24 3.59 4.47 7.16
N GLU A 25 3.14 5.45 7.94
CA GLU A 25 4.04 6.42 8.53
C GLU A 25 4.88 5.77 9.62
N GLU A 26 4.52 4.54 9.97
CA GLU A 26 5.24 3.79 11.00
C GLU A 26 6.69 3.53 10.60
N ILE A 27 6.96 3.55 9.30
CA ILE A 27 8.32 3.41 8.80
C ILE A 27 8.99 4.76 8.63
N LEU A 28 8.18 5.81 8.72
CA LEU A 28 8.66 7.16 8.45
C LEU A 28 8.94 7.90 9.75
N GLY A 29 7.90 8.08 10.55
CA GLY A 29 8.04 8.80 11.79
C GLY A 29 8.29 7.88 12.97
N LEU A 30 9.09 6.84 12.76
CA LEU A 30 9.42 5.90 13.81
C LEU A 30 10.55 6.42 14.70
N MET A 31 10.98 5.60 15.65
CA MET A 31 12.05 5.97 16.56
C MET A 31 13.41 5.92 15.86
N ASP A 32 14.44 6.37 16.57
CA ASP A 32 15.79 6.32 16.06
C ASP A 32 16.36 4.92 16.24
N PRO A 33 17.01 4.37 15.20
CA PRO A 33 17.62 3.05 15.27
C PRO A 33 18.92 3.06 16.07
N ALA A 34 18.78 3.27 17.38
CA ALA A 34 19.91 3.30 18.28
C ALA A 34 19.53 2.67 19.62
N GLY B 1 -14.04 21.16 15.61
CA GLY B 1 -13.13 21.96 16.46
C GLY B 1 -11.67 21.68 16.14
N SER B 2 -11.00 20.96 17.02
CA SER B 2 -9.59 20.65 16.83
C SER B 2 -9.40 19.19 16.41
N ALA B 3 -8.57 18.98 15.41
CA ALA B 3 -8.27 17.65 14.93
C ALA B 3 -6.93 17.62 14.22
N THR B 4 -5.89 17.18 14.93
CA THR B 4 -4.57 17.08 14.37
C THR B 4 -4.28 15.64 13.93
N GLN B 5 -4.74 15.30 12.74
CA GLN B 5 -4.55 13.97 12.20
C GLN B 5 -3.47 13.97 11.13
N SER B 6 -3.16 12.78 10.61
CA SER B 6 -2.17 12.65 9.54
C SER B 6 -2.76 13.19 8.24
N PRO B 7 -2.02 14.06 7.54
CA PRO B 7 -2.47 14.64 6.28
C PRO B 7 -2.74 13.57 5.23
N GLY B 8 -4.02 13.37 4.93
CA GLY B 8 -4.41 12.33 3.98
C GLY B 8 -4.12 12.71 2.56
N ASP B 9 -4.19 14.00 2.27
CA ASP B 9 -3.98 14.49 0.90
C ASP B 9 -2.55 14.23 0.45
N SER B 10 -1.60 14.55 1.32
CA SER B 10 -0.20 14.42 0.99
C SER B 10 0.20 12.95 0.91
N ARG B 11 -0.31 12.14 1.82
CA ARG B 11 -0.04 10.72 1.81
C ARG B 11 -0.72 10.07 0.62
N ARG B 12 -1.82 10.66 0.15
CA ARG B 12 -2.53 10.16 -1.01
C ARG B 12 -1.63 10.22 -2.24
N LEU B 13 -1.03 11.38 -2.48
CA LEU B 13 -0.14 11.54 -3.61
C LEU B 13 1.18 10.80 -3.35
N SER B 14 1.59 10.76 -2.09
CA SER B 14 2.73 9.94 -1.66
C SER B 14 2.50 8.50 -2.11
N ILE B 15 1.33 7.95 -1.77
CA ILE B 15 0.92 6.64 -2.27
C ILE B 15 1.09 6.54 -3.78
N GLN B 16 0.48 7.46 -4.51
CA GLN B 16 0.51 7.43 -5.97
C GLN B 16 1.93 7.39 -6.52
N ARG B 17 2.81 8.22 -5.95
CA ARG B 17 4.23 8.23 -6.35
C ARG B 17 4.85 6.87 -6.08
N ALA B 18 4.57 6.36 -4.89
CA ALA B 18 5.02 5.03 -4.49
C ALA B 18 4.48 3.97 -5.44
N ILE B 19 3.23 4.13 -5.82
CA ILE B 19 2.57 3.19 -6.71
C ILE B 19 3.23 3.19 -8.08
N GLN B 20 3.67 4.35 -8.53
CA GLN B 20 4.44 4.47 -9.76
C GLN B 20 5.68 3.58 -9.69
N SER B 21 6.36 3.64 -8.57
CA SER B 21 7.49 2.77 -8.30
C SER B 21 7.07 1.32 -8.29
N LEU B 22 5.96 1.07 -7.60
CA LEU B 22 5.46 -0.27 -7.37
C LEU B 22 5.08 -0.97 -8.67
N VAL B 23 4.30 -0.28 -9.50
CA VAL B 23 3.85 -0.86 -10.76
C VAL B 23 5.03 -1.16 -11.68
N HIS B 24 6.00 -0.25 -11.73
CA HIS B 24 7.20 -0.48 -12.54
C HIS B 24 8.02 -1.64 -11.97
N ALA B 25 8.42 -1.52 -10.73
CA ALA B 25 9.28 -2.51 -10.08
C ALA B 25 8.63 -3.89 -10.00
N ALA B 26 7.31 -3.93 -9.94
CA ALA B 26 6.59 -5.19 -9.85
C ALA B 26 6.83 -6.04 -11.09
N GLN B 27 6.76 -5.42 -12.25
CA GLN B 27 6.87 -6.14 -13.50
C GLN B 27 7.99 -5.59 -14.37
N CYS B 28 9.02 -5.03 -13.75
CA CYS B 28 10.16 -4.57 -14.50
C CYS B 28 10.95 -5.77 -14.99
N ARG B 29 10.83 -6.06 -16.29
CA ARG B 29 11.42 -7.26 -16.87
C ARG B 29 12.84 -6.99 -17.36
N ASN B 30 13.42 -5.90 -16.89
CA ASN B 30 14.80 -5.57 -17.24
C ASN B 30 15.67 -5.74 -16.02
N ALA B 31 16.55 -6.72 -16.09
CA ALA B 31 17.37 -7.12 -14.96
C ALA B 31 18.36 -6.05 -14.56
N ASN B 32 18.79 -5.23 -15.52
CA ASN B 32 19.78 -4.20 -15.21
C ASN B 32 19.12 -2.87 -14.90
N CYS B 33 17.80 -2.77 -15.05
CA CYS B 33 17.11 -1.55 -14.69
C CYS B 33 17.04 -1.40 -13.18
N SER B 34 17.68 -0.36 -12.69
CA SER B 34 17.59 0.01 -11.31
C SER B 34 17.46 1.51 -11.19
N LEU B 35 16.44 2.07 -11.83
CA LEU B 35 16.21 3.48 -11.71
C LEU B 35 15.93 3.84 -10.24
N PRO B 36 15.92 5.16 -9.92
CA PRO B 36 15.92 5.66 -8.54
C PRO B 36 15.00 4.87 -7.60
N SER B 37 13.72 4.83 -7.94
CA SER B 37 12.75 4.12 -7.12
C SER B 37 12.61 2.65 -7.52
N CYS B 38 12.91 2.33 -8.79
CA CYS B 38 12.67 0.98 -9.29
C CYS B 38 13.50 -0.06 -8.55
N GLN B 39 14.78 0.25 -8.33
CA GLN B 39 15.67 -0.67 -7.63
C GLN B 39 15.16 -1.01 -6.24
N LYS B 40 14.96 0.02 -5.42
CA LYS B 40 14.51 -0.15 -4.07
C LYS B 40 13.17 -0.87 -4.04
N MET B 41 12.26 -0.33 -4.81
CA MET B 41 10.89 -0.85 -4.86
C MET B 41 10.88 -2.30 -5.37
N LYS B 42 11.82 -2.60 -6.27
CA LYS B 42 11.99 -3.96 -6.77
C LYS B 42 12.29 -4.91 -5.62
N ARG B 43 13.29 -4.57 -4.81
CA ARG B 43 13.68 -5.39 -3.67
C ARG B 43 12.57 -5.45 -2.64
N VAL B 44 11.69 -4.48 -2.67
CA VAL B 44 10.53 -4.45 -1.80
C VAL B 44 9.49 -5.46 -2.30
N VAL B 45 9.20 -5.42 -3.60
CA VAL B 45 8.33 -6.40 -4.22
C VAL B 45 8.92 -7.80 -4.03
N GLN B 46 10.24 -7.86 -4.16
CA GLN B 46 11.00 -9.09 -4.00
C GLN B 46 11.09 -9.53 -2.53
N HIS B 47 10.83 -8.60 -1.62
CA HIS B 47 10.85 -8.90 -0.20
C HIS B 47 9.58 -9.62 0.20
N THR B 48 8.50 -9.31 -0.51
CA THR B 48 7.22 -9.91 -0.23
C THR B 48 7.20 -11.37 -0.72
N LYS B 49 8.10 -11.66 -1.67
CA LYS B 49 8.40 -13.04 -2.09
C LYS B 49 8.56 -13.97 -0.89
N GLY B 50 9.47 -13.62 0.01
CA GLY B 50 9.75 -14.46 1.14
C GLY B 50 9.83 -13.67 2.44
N CYS B 51 8.84 -12.82 2.66
CA CYS B 51 8.80 -12.02 3.87
C CYS B 51 8.37 -12.88 5.04
N LYS B 52 8.87 -12.56 6.23
CA LYS B 52 8.58 -13.36 7.41
C LYS B 52 7.76 -12.58 8.42
N ARG B 53 8.05 -11.30 8.56
CA ARG B 53 7.37 -10.44 9.52
C ARG B 53 5.88 -10.31 9.24
N LYS B 54 5.48 -10.34 7.98
CA LYS B 54 4.11 -10.01 7.63
C LYS B 54 3.14 -11.11 8.06
N THR B 55 3.59 -12.36 8.05
CA THR B 55 2.75 -13.47 8.48
C THR B 55 2.64 -13.48 10.00
N ASN B 56 3.50 -12.71 10.66
CA ASN B 56 3.48 -12.61 12.11
C ASN B 56 2.79 -11.30 12.53
N GLY B 57 2.29 -10.60 11.52
CA GLY B 57 1.66 -9.31 11.76
C GLY B 57 2.65 -8.26 12.22
N GLY B 58 3.82 -8.24 11.61
CA GLY B 58 4.83 -7.28 11.99
C GLY B 58 5.56 -6.66 10.82
N CYS B 59 5.03 -6.80 9.61
CA CYS B 59 5.66 -6.18 8.45
C CYS B 59 4.93 -4.92 8.00
N PRO B 60 5.55 -3.76 8.18
CA PRO B 60 5.00 -2.47 7.75
C PRO B 60 5.08 -2.28 6.24
N ILE B 61 6.10 -2.86 5.64
CA ILE B 61 6.31 -2.74 4.20
C ILE B 61 5.21 -3.44 3.44
N CYS B 62 5.01 -4.73 3.71
CA CYS B 62 3.93 -5.47 3.06
C CYS B 62 2.58 -4.81 3.41
N LYS B 63 2.54 -4.15 4.57
CA LYS B 63 1.39 -3.34 4.96
C LYS B 63 1.23 -2.14 4.02
N GLN B 64 2.35 -1.57 3.58
CA GLN B 64 2.35 -0.44 2.67
C GLN B 64 1.96 -0.87 1.27
N LEU B 65 2.49 -2.01 0.81
CA LEU B 65 2.05 -2.56 -0.45
C LEU B 65 0.55 -2.79 -0.43
N ILE B 66 0.09 -3.50 0.60
CA ILE B 66 -1.33 -3.66 0.86
C ILE B 66 -2.06 -2.31 0.82
N ALA B 67 -1.52 -1.33 1.53
CA ALA B 67 -2.12 0.00 1.61
C ALA B 67 -2.30 0.62 0.23
N LEU B 68 -1.23 0.63 -0.55
CA LEU B 68 -1.25 1.25 -1.86
C LEU B 68 -2.04 0.39 -2.84
N ALA B 69 -1.80 -0.91 -2.84
CA ALA B 69 -2.40 -1.82 -3.81
C ALA B 69 -3.90 -1.90 -3.63
N ALA B 70 -4.38 -1.79 -2.39
CA ALA B 70 -5.81 -1.77 -2.12
C ALA B 70 -6.43 -0.52 -2.75
N TYR B 71 -5.73 0.59 -2.57
CA TYR B 71 -6.10 1.86 -3.19
C TYR B 71 -6.03 1.75 -4.71
N HIS B 72 -4.95 1.16 -5.20
CA HIS B 72 -4.78 0.96 -6.63
C HIS B 72 -5.89 0.05 -7.18
N ALA B 73 -6.19 -1.01 -6.43
CA ALA B 73 -7.19 -2.00 -6.83
C ALA B 73 -8.62 -1.46 -6.72
N LYS B 74 -8.77 -0.28 -6.12
CA LYS B 74 -10.08 0.34 -5.97
C LYS B 74 -10.76 0.57 -7.31
N HIS B 75 -9.99 0.54 -8.39
CA HIS B 75 -10.55 0.69 -9.72
C HIS B 75 -10.06 -0.42 -10.65
N CYS B 76 -9.63 -1.53 -10.05
CA CYS B 76 -9.09 -2.65 -10.80
C CYS B 76 -10.15 -3.72 -11.04
N GLN B 77 -10.83 -3.62 -12.16
CA GLN B 77 -11.85 -4.60 -12.51
C GLN B 77 -11.21 -5.81 -13.20
N GLU B 78 -9.95 -5.66 -13.57
CA GLU B 78 -9.20 -6.75 -14.18
C GLU B 78 -8.65 -7.69 -13.11
N ASN B 79 -8.39 -8.93 -13.52
CA ASN B 79 -7.87 -9.95 -12.60
C ASN B 79 -6.37 -10.09 -12.75
N LYS B 80 -5.78 -9.38 -13.70
CA LYS B 80 -4.34 -9.37 -13.89
C LYS B 80 -3.80 -7.96 -13.72
N CYS B 81 -2.80 -7.82 -12.88
CA CYS B 81 -2.24 -6.51 -12.58
C CYS B 81 -0.74 -6.58 -12.35
N PRO B 82 -0.05 -5.44 -12.48
CA PRO B 82 1.39 -5.35 -12.28
C PRO B 82 1.80 -5.58 -10.83
N VAL B 83 1.45 -4.64 -9.95
CA VAL B 83 1.84 -4.72 -8.55
C VAL B 83 1.39 -6.05 -7.93
N PRO B 84 2.18 -6.50 -6.96
CA PRO B 84 2.08 -7.84 -6.40
C PRO B 84 0.87 -8.04 -5.52
N PHE B 85 0.54 -7.04 -4.73
CA PHE B 85 -0.48 -7.19 -3.72
C PHE B 85 -1.86 -6.86 -4.26
N CYS B 86 -1.96 -6.42 -5.51
CA CYS B 86 -3.28 -6.18 -6.08
C CYS B 86 -3.96 -7.52 -6.30
N LEU B 87 -3.16 -8.50 -6.68
CA LEU B 87 -3.66 -9.86 -6.85
C LEU B 87 -3.80 -10.50 -5.48
N ASN B 88 -3.10 -9.96 -4.50
CA ASN B 88 -3.28 -10.35 -3.10
C ASN B 88 -4.67 -9.91 -2.62
N ILE B 89 -5.07 -8.69 -3.00
CA ILE B 89 -6.43 -8.23 -2.76
C ILE B 89 -7.44 -9.18 -3.39
N LYS B 90 -7.23 -9.47 -4.68
CA LYS B 90 -8.09 -10.39 -5.40
C LYS B 90 -8.23 -11.74 -4.70
N GLN B 91 -7.12 -12.26 -4.20
CA GLN B 91 -7.12 -13.54 -3.51
C GLN B 91 -7.38 -13.34 -2.02
N LYS B 92 -8.66 -13.32 -1.66
CA LYS B 92 -9.07 -13.12 -0.27
C LYS B 92 -8.48 -14.19 0.63
ZN ZN C . 12.79 -0.70 -13.80
ZN ZN D . 7.17 -7.58 4.13
ZN ZN E . -4.57 -3.50 -9.80
N GLY A 1 -23.42 -4.03 15.80
CA GLY A 1 -23.57 -3.39 17.12
C GLY A 1 -25.02 -3.34 17.56
N SER A 2 -25.28 -2.66 18.66
CA SER A 2 -26.63 -2.54 19.19
C SER A 2 -27.04 -1.07 19.29
N ARG A 3 -26.04 -0.19 19.28
CA ARG A 3 -26.29 1.24 19.43
C ARG A 3 -26.78 1.83 18.12
N ALA A 4 -27.97 2.42 18.16
CA ALA A 4 -28.59 3.01 16.97
C ALA A 4 -27.77 4.18 16.44
N SER A 5 -27.11 4.89 17.35
CA SER A 5 -26.24 6.00 16.98
C SER A 5 -25.05 5.51 16.15
N CYS A 6 -24.58 4.32 16.48
CA CYS A 6 -23.45 3.72 15.78
C CYS A 6 -23.88 3.22 14.40
N MET A 7 -25.16 2.89 14.29
CA MET A 7 -25.70 2.41 13.03
C MET A 7 -25.85 3.58 12.05
N GLN A 8 -26.06 4.77 12.59
CA GLN A 8 -26.17 5.97 11.78
C GLN A 8 -24.79 6.52 11.46
N MET A 9 -23.80 6.06 12.20
CA MET A 9 -22.43 6.52 12.01
C MET A 9 -21.73 5.66 10.97
N ASP A 10 -21.08 6.33 10.04
CA ASP A 10 -20.34 5.66 8.97
C ASP A 10 -19.04 5.09 9.49
N ASP A 11 -18.94 3.77 9.51
CA ASP A 11 -17.71 3.10 9.90
C ASP A 11 -16.67 3.29 8.82
N VAL A 12 -17.16 3.43 7.61
CA VAL A 12 -16.30 3.50 6.43
C VAL A 12 -15.46 4.78 6.41
N ILE A 13 -16.06 5.88 6.85
CA ILE A 13 -15.36 7.16 6.84
C ILE A 13 -14.30 7.20 7.94
N ASP A 14 -14.56 6.47 9.03
CA ASP A 14 -13.60 6.37 10.12
C ASP A 14 -12.41 5.52 9.68
N ASP A 15 -12.70 4.46 8.92
CA ASP A 15 -11.65 3.65 8.30
C ASP A 15 -10.78 4.53 7.41
N ILE A 16 -11.44 5.26 6.50
CA ILE A 16 -10.74 6.16 5.58
C ILE A 16 -9.80 7.09 6.32
N ILE A 17 -10.29 7.74 7.37
CA ILE A 17 -9.47 8.63 8.19
C ILE A 17 -8.22 7.92 8.70
N SER A 18 -8.43 6.79 9.35
CA SER A 18 -7.34 6.01 9.93
C SER A 18 -6.34 5.59 8.85
N LEU A 19 -6.84 5.29 7.67
CA LEU A 19 -5.99 4.87 6.56
C LEU A 19 -5.19 6.04 6.02
N GLU A 20 -5.86 7.17 5.79
CA GLU A 20 -5.22 8.31 5.15
C GLU A 20 -4.26 9.02 6.11
N SER A 21 -4.63 9.07 7.38
CA SER A 21 -3.81 9.77 8.36
C SER A 21 -2.59 8.96 8.76
N SER A 22 -2.78 7.71 9.13
CA SER A 22 -1.67 6.89 9.59
C SER A 22 -1.68 5.52 8.91
N TYR A 23 -1.53 5.54 7.58
CA TYR A 23 -1.45 4.31 6.80
C TYR A 23 -0.36 3.37 7.32
N ASN A 24 0.83 3.91 7.56
CA ASN A 24 1.96 3.13 8.02
C ASN A 24 3.13 4.07 8.31
N GLU A 25 2.91 4.99 9.24
CA GLU A 25 3.90 5.99 9.57
C GLU A 25 4.99 5.40 10.45
N GLU A 26 4.76 4.17 10.89
CA GLU A 26 5.72 3.44 11.72
C GLU A 26 7.11 3.38 11.06
N ILE A 27 7.14 3.37 9.72
CA ILE A 27 8.42 3.35 9.03
C ILE A 27 8.90 4.77 8.75
N LEU A 28 7.95 5.68 8.53
CA LEU A 28 8.27 7.09 8.32
C LEU A 28 9.00 7.66 9.52
N GLY A 29 8.34 7.61 10.66
CA GLY A 29 8.97 8.03 11.90
C GLY A 29 8.55 9.41 12.32
N LEU A 30 8.55 10.34 11.38
CA LEU A 30 8.15 11.70 11.64
C LEU A 30 6.64 11.84 11.46
N MET A 31 6.11 12.98 11.84
CA MET A 31 4.68 13.21 11.77
C MET A 31 4.35 14.31 10.77
N ASP A 32 3.08 14.47 10.50
CA ASP A 32 2.62 15.45 9.53
C ASP A 32 2.85 16.88 10.04
N PRO A 33 3.21 17.79 9.13
CA PRO A 33 3.30 19.21 9.45
C PRO A 33 2.02 19.94 9.06
N ALA A 34 0.90 19.26 9.25
CA ALA A 34 -0.42 19.74 8.84
C ALA A 34 -0.40 20.19 7.38
N GLY B 1 -4.75 19.14 24.22
CA GLY B 1 -5.07 20.26 23.30
C GLY B 1 -5.76 19.78 22.04
N SER B 2 -5.68 20.57 20.98
CA SER B 2 -6.29 20.21 19.72
C SER B 2 -5.33 19.38 18.87
N ALA B 3 -5.78 18.20 18.48
CA ALA B 3 -4.98 17.31 17.65
C ALA B 3 -5.42 17.44 16.19
N THR B 4 -4.47 17.26 15.29
CA THR B 4 -4.74 17.38 13.87
C THR B 4 -4.61 16.02 13.18
N GLN B 5 -5.69 15.56 12.58
CA GLN B 5 -5.66 14.32 11.84
C GLN B 5 -4.88 14.54 10.54
N SER B 6 -3.84 13.72 10.35
CA SER B 6 -2.94 13.87 9.22
C SER B 6 -3.71 13.89 7.90
N PRO B 7 -3.58 15.00 7.14
CA PRO B 7 -4.27 15.18 5.87
C PRO B 7 -4.05 14.03 4.90
N GLY B 8 -5.14 13.49 4.39
CA GLY B 8 -5.06 12.41 3.43
C GLY B 8 -4.67 12.89 2.06
N ASP B 9 -4.73 14.20 1.87
CA ASP B 9 -4.38 14.83 0.60
C ASP B 9 -2.94 14.50 0.21
N SER B 10 -2.05 14.55 1.18
CA SER B 10 -0.64 14.30 0.96
C SER B 10 -0.36 12.80 0.82
N ARG B 11 -1.00 12.01 1.66
CA ARG B 11 -0.86 10.56 1.61
C ARG B 11 -1.41 10.03 0.29
N ARG B 12 -2.41 10.73 -0.26
CA ARG B 12 -2.98 10.39 -1.53
C ARG B 12 -1.92 10.41 -2.63
N LEU B 13 -1.14 11.49 -2.68
CA LEU B 13 -0.10 11.60 -3.68
C LEU B 13 1.08 10.71 -3.32
N SER B 14 1.38 10.63 -2.03
CA SER B 14 2.47 9.80 -1.53
C SER B 14 2.31 8.35 -1.99
N ILE B 15 1.13 7.78 -1.77
CA ILE B 15 0.83 6.45 -2.28
C ILE B 15 1.13 6.32 -3.76
N GLN B 16 0.53 7.21 -4.57
CA GLN B 16 0.70 7.18 -6.01
C GLN B 16 2.18 7.18 -6.40
N ARG B 17 2.98 8.01 -5.72
CA ARG B 17 4.42 8.07 -5.99
C ARG B 17 5.03 6.70 -5.82
N ALA B 18 4.67 6.06 -4.72
CA ALA B 18 5.13 4.71 -4.41
C ALA B 18 4.59 3.72 -5.42
N ILE B 19 3.32 3.87 -5.78
CA ILE B 19 2.67 2.95 -6.70
C ILE B 19 3.33 2.98 -8.07
N GLN B 20 3.74 4.16 -8.51
CA GLN B 20 4.47 4.30 -9.77
C GLN B 20 5.76 3.46 -9.75
N SER B 21 6.45 3.49 -8.62
CA SER B 21 7.62 2.66 -8.42
C SER B 21 7.21 1.20 -8.36
N LEU B 22 6.10 0.95 -7.69
CA LEU B 22 5.63 -0.40 -7.43
C LEU B 22 5.24 -1.10 -8.72
N VAL B 23 4.43 -0.45 -9.55
CA VAL B 23 3.97 -1.04 -10.80
C VAL B 23 5.14 -1.33 -11.74
N HIS B 24 6.07 -0.39 -11.85
CA HIS B 24 7.22 -0.57 -12.72
C HIS B 24 8.13 -1.69 -12.18
N ALA B 25 8.49 -1.59 -10.91
CA ALA B 25 9.38 -2.58 -10.29
C ALA B 25 8.75 -3.97 -10.23
N ALA B 26 7.44 -4.02 -10.02
CA ALA B 26 6.73 -5.29 -9.91
C ALA B 26 6.98 -6.19 -11.10
N GLN B 27 6.98 -5.60 -12.29
CA GLN B 27 7.11 -6.35 -13.51
C GLN B 27 8.27 -5.82 -14.36
N CYS B 28 9.28 -5.25 -13.72
CA CYS B 28 10.42 -4.72 -14.46
C CYS B 28 11.27 -5.87 -14.98
N ARG B 29 11.27 -6.02 -16.30
CA ARG B 29 12.05 -7.07 -16.94
C ARG B 29 13.33 -6.50 -17.52
N ASN B 30 13.62 -5.26 -17.16
CA ASN B 30 14.82 -4.58 -17.63
C ASN B 30 16.01 -5.00 -16.78
N ALA B 31 17.03 -5.49 -17.45
CA ALA B 31 18.23 -5.98 -16.77
C ALA B 31 19.22 -4.84 -16.51
N ASN B 32 18.99 -3.70 -17.16
CA ASN B 32 19.85 -2.55 -16.98
C ASN B 32 19.04 -1.34 -16.53
N CYS B 33 17.90 -1.60 -15.89
CA CYS B 33 17.10 -0.55 -15.28
C CYS B 33 17.94 0.29 -14.32
N SER B 34 17.87 1.60 -14.45
CA SER B 34 18.62 2.50 -13.61
C SER B 34 17.84 3.79 -13.35
N LEU B 35 16.55 3.62 -13.03
CA LEU B 35 15.69 4.75 -12.74
C LEU B 35 15.96 5.26 -11.29
N PRO B 36 15.18 6.20 -10.74
CA PRO B 36 15.29 6.54 -9.32
C PRO B 36 14.93 5.38 -8.36
N SER B 37 13.63 5.07 -8.21
CA SER B 37 13.15 4.20 -7.12
C SER B 37 13.06 2.71 -7.46
N CYS B 38 12.76 2.36 -8.72
CA CYS B 38 12.47 0.97 -9.13
C CYS B 38 13.45 -0.04 -8.56
N GLN B 39 14.75 0.25 -8.62
CA GLN B 39 15.75 -0.72 -8.18
C GLN B 39 15.57 -1.10 -6.70
N LYS B 40 15.31 -0.11 -5.86
CA LYS B 40 14.96 -0.35 -4.46
C LYS B 40 13.63 -1.05 -4.38
N MET B 41 12.64 -0.40 -4.96
CA MET B 41 11.25 -0.87 -4.95
C MET B 41 11.14 -2.32 -5.46
N LYS B 42 12.04 -2.68 -6.38
CA LYS B 42 12.14 -4.04 -6.89
C LYS B 42 12.40 -5.03 -5.77
N ARG B 43 13.43 -4.76 -4.97
CA ARG B 43 13.79 -5.61 -3.84
C ARG B 43 12.67 -5.60 -2.81
N VAL B 44 11.86 -4.56 -2.83
CA VAL B 44 10.71 -4.46 -1.96
C VAL B 44 9.61 -5.43 -2.44
N VAL B 45 9.32 -5.39 -3.73
CA VAL B 45 8.40 -6.36 -4.34
C VAL B 45 8.93 -7.77 -4.12
N GLN B 46 10.21 -7.93 -4.38
CA GLN B 46 10.92 -9.19 -4.22
C GLN B 46 10.92 -9.65 -2.76
N HIS B 47 10.72 -8.71 -1.86
CA HIS B 47 10.68 -9.00 -0.43
C HIS B 47 9.34 -9.60 -0.04
N THR B 48 8.31 -9.27 -0.81
CA THR B 48 6.98 -9.74 -0.53
C THR B 48 6.82 -11.20 -0.96
N LYS B 49 7.70 -11.61 -1.87
CA LYS B 49 7.76 -13.00 -2.36
C LYS B 49 7.72 -14.00 -1.22
N GLY B 50 8.60 -13.81 -0.25
CA GLY B 50 8.64 -14.70 0.90
C GLY B 50 8.73 -13.94 2.20
N CYS B 51 7.82 -13.01 2.39
CA CYS B 51 7.80 -12.20 3.59
C CYS B 51 6.84 -12.80 4.61
N LYS B 52 7.38 -13.41 5.65
CA LYS B 52 6.55 -14.10 6.64
C LYS B 52 6.16 -13.19 7.79
N ARG B 53 6.88 -12.08 7.95
CA ARG B 53 6.58 -11.13 9.02
C ARG B 53 5.11 -10.66 8.98
N LYS B 54 4.59 -10.51 7.78
CA LYS B 54 3.25 -9.97 7.58
C LYS B 54 2.18 -11.00 7.90
N THR B 55 2.58 -12.23 8.18
CA THR B 55 1.61 -13.28 8.39
C THR B 55 0.72 -12.95 9.59
N ASN B 56 1.28 -12.17 10.51
CA ASN B 56 0.56 -11.70 11.69
C ASN B 56 0.49 -10.17 11.68
N GLY B 57 0.68 -9.59 10.51
CA GLY B 57 0.64 -8.14 10.37
C GLY B 57 1.93 -7.48 10.82
N GLY B 58 2.98 -8.29 10.99
CA GLY B 58 4.25 -7.77 11.46
C GLY B 58 4.95 -6.88 10.46
N CYS B 59 4.90 -7.24 9.18
CA CYS B 59 5.55 -6.46 8.15
C CYS B 59 4.84 -5.12 7.92
N PRO B 60 5.53 -3.99 8.17
CA PRO B 60 5.01 -2.66 7.86
C PRO B 60 5.09 -2.35 6.37
N ILE B 61 6.08 -2.95 5.73
CA ILE B 61 6.29 -2.74 4.30
C ILE B 61 5.18 -3.40 3.52
N CYS B 62 4.90 -4.67 3.83
CA CYS B 62 3.80 -5.37 3.20
C CYS B 62 2.48 -4.74 3.59
N LYS B 63 2.44 -4.12 4.77
CA LYS B 63 1.29 -3.34 5.19
C LYS B 63 1.09 -2.13 4.29
N GLN B 64 2.19 -1.56 3.80
CA GLN B 64 2.13 -0.47 2.83
C GLN B 64 1.83 -0.99 1.44
N LEU B 65 2.55 -2.03 1.03
CA LEU B 65 2.28 -2.69 -0.24
C LEU B 65 0.80 -3.04 -0.35
N ILE B 66 0.25 -3.59 0.74
CA ILE B 66 -1.18 -3.82 0.88
C ILE B 66 -1.95 -2.51 0.76
N ALA B 67 -1.53 -1.52 1.57
CA ALA B 67 -2.17 -0.21 1.61
C ALA B 67 -2.32 0.40 0.21
N LEU B 68 -1.21 0.46 -0.51
CA LEU B 68 -1.20 1.09 -1.82
C LEU B 68 -1.94 0.23 -2.83
N ALA B 69 -1.65 -1.08 -2.81
CA ALA B 69 -2.23 -1.99 -3.78
C ALA B 69 -3.74 -2.08 -3.63
N ALA B 70 -4.23 -1.91 -2.40
CA ALA B 70 -5.66 -1.88 -2.16
C ALA B 70 -6.28 -0.67 -2.85
N TYR B 71 -5.67 0.49 -2.61
CA TYR B 71 -6.03 1.73 -3.30
C TYR B 71 -5.95 1.56 -4.81
N HIS B 72 -4.86 0.95 -5.26
CA HIS B 72 -4.65 0.72 -6.68
C HIS B 72 -5.73 -0.22 -7.23
N ALA B 73 -5.99 -1.31 -6.50
CA ALA B 73 -6.95 -2.33 -6.93
C ALA B 73 -8.38 -1.81 -6.88
N LYS B 74 -8.59 -0.68 -6.20
CA LYS B 74 -9.91 -0.07 -6.11
C LYS B 74 -10.50 0.21 -7.50
N HIS B 75 -9.62 0.44 -8.46
CA HIS B 75 -10.03 0.74 -9.82
C HIS B 75 -9.52 -0.34 -10.78
N CYS B 76 -9.22 -1.51 -10.23
CA CYS B 76 -8.76 -2.64 -11.03
C CYS B 76 -9.89 -3.64 -11.23
N GLN B 77 -10.16 -3.98 -12.47
CA GLN B 77 -11.25 -4.88 -12.80
C GLN B 77 -10.73 -6.15 -13.49
N GLU B 78 -9.46 -6.45 -13.28
CA GLU B 78 -8.84 -7.63 -13.88
C GLU B 78 -8.16 -8.48 -12.82
N ASN B 79 -8.04 -9.77 -13.11
CA ASN B 79 -7.39 -10.72 -12.22
C ASN B 79 -5.90 -10.83 -12.57
N LYS B 80 -5.45 -9.93 -13.43
CA LYS B 80 -4.04 -9.81 -13.78
C LYS B 80 -3.62 -8.36 -13.63
N CYS B 81 -2.52 -8.14 -12.92
CA CYS B 81 -2.04 -6.79 -12.65
C CYS B 81 -0.56 -6.79 -12.32
N PRO B 82 0.09 -5.64 -12.47
CA PRO B 82 1.53 -5.50 -12.25
C PRO B 82 1.94 -5.71 -10.80
N VAL B 83 1.55 -4.78 -9.91
CA VAL B 83 1.95 -4.86 -8.51
C VAL B 83 1.51 -6.18 -7.87
N PRO B 84 2.24 -6.58 -6.83
CA PRO B 84 2.07 -7.89 -6.21
C PRO B 84 0.75 -8.04 -5.43
N PHE B 85 0.47 -7.10 -4.55
CA PHE B 85 -0.63 -7.25 -3.63
C PHE B 85 -1.97 -6.96 -4.27
N CYS B 86 -1.98 -6.52 -5.52
CA CYS B 86 -3.26 -6.25 -6.18
C CYS B 86 -3.99 -7.55 -6.41
N LEU B 87 -3.23 -8.56 -6.78
CA LEU B 87 -3.78 -9.89 -6.99
C LEU B 87 -4.04 -10.56 -5.66
N ASN B 88 -3.36 -10.07 -4.63
CA ASN B 88 -3.64 -10.50 -3.26
C ASN B 88 -5.01 -9.98 -2.81
N ILE B 89 -5.27 -8.69 -3.04
CA ILE B 89 -6.59 -8.11 -2.77
C ILE B 89 -7.68 -8.92 -3.47
N LYS B 90 -7.49 -9.14 -4.77
CA LYS B 90 -8.49 -9.82 -5.57
C LYS B 90 -8.64 -11.27 -5.15
N GLN B 91 -7.55 -12.02 -5.20
CA GLN B 91 -7.57 -13.42 -4.84
C GLN B 91 -6.85 -13.64 -3.52
N LYS B 92 -7.60 -13.56 -2.43
CA LYS B 92 -7.05 -13.76 -1.10
C LYS B 92 -6.56 -15.19 -0.92
ZN ZN C . 12.73 -0.77 -13.50
ZN ZN D . 7.13 -7.48 3.77
ZN ZN E . -4.25 -3.58 -10.00
N GLY A 1 -33.63 -0.13 6.79
CA GLY A 1 -32.92 1.04 6.21
C GLY A 1 -31.47 0.73 5.93
N SER A 2 -30.63 1.76 5.98
CA SER A 2 -29.20 1.59 5.72
C SER A 2 -28.38 2.53 6.59
N ARG A 3 -28.56 2.43 7.90
CA ARG A 3 -27.82 3.25 8.84
C ARG A 3 -27.33 2.42 10.03
N ALA A 4 -27.49 1.10 9.93
CA ALA A 4 -27.13 0.20 11.02
C ALA A 4 -25.63 0.25 11.29
N SER A 5 -24.84 0.22 10.23
CA SER A 5 -23.39 0.27 10.36
C SER A 5 -22.93 1.67 10.77
N CYS A 6 -23.78 2.67 10.52
CA CYS A 6 -23.44 4.04 10.85
C CYS A 6 -23.64 4.32 12.34
N MET A 7 -24.41 3.46 13.00
CA MET A 7 -24.65 3.58 14.44
C MET A 7 -23.43 3.13 15.23
N GLN A 8 -22.48 2.53 14.54
CA GLN A 8 -21.28 2.02 15.16
C GLN A 8 -20.07 2.39 14.31
N MET A 9 -18.88 2.03 14.78
CA MET A 9 -17.67 2.30 14.04
C MET A 9 -17.28 1.13 13.16
N ASP A 10 -17.25 1.38 11.86
CA ASP A 10 -16.88 0.36 10.88
C ASP A 10 -15.39 0.06 10.99
N ASP A 11 -15.05 -1.22 10.84
CA ASP A 11 -13.66 -1.64 10.89
C ASP A 11 -12.92 -1.12 9.67
N VAL A 12 -13.67 -0.89 8.61
CA VAL A 12 -13.09 -0.48 7.33
C VAL A 12 -12.62 0.97 7.38
N ILE A 13 -13.36 1.81 8.11
CA ILE A 13 -13.03 3.23 8.17
C ILE A 13 -11.86 3.48 9.09
N ASP A 14 -11.63 2.55 10.01
CA ASP A 14 -10.49 2.62 10.92
C ASP A 14 -9.19 2.60 10.12
N ASP A 15 -9.10 1.65 9.20
CA ASP A 15 -7.96 1.56 8.29
C ASP A 15 -7.89 2.80 7.42
N ILE A 16 -9.02 3.17 6.83
CA ILE A 16 -9.11 4.33 5.94
C ILE A 16 -8.50 5.57 6.58
N ILE A 17 -8.99 5.92 7.77
CA ILE A 17 -8.50 7.10 8.49
C ILE A 17 -7.00 7.02 8.76
N SER A 18 -6.59 5.88 9.26
CA SER A 18 -5.18 5.66 9.57
C SER A 18 -4.31 5.77 8.30
N LEU A 19 -4.85 5.31 7.18
CA LEU A 19 -4.14 5.35 5.91
C LEU A 19 -4.02 6.77 5.38
N GLU A 20 -5.12 7.52 5.42
CA GLU A 20 -5.13 8.87 4.86
C GLU A 20 -4.39 9.86 5.74
N SER A 21 -4.26 9.56 7.02
CA SER A 21 -3.63 10.49 7.95
C SER A 21 -2.11 10.33 7.96
N SER A 22 -1.60 9.17 7.56
CA SER A 22 -0.16 8.92 7.58
C SER A 22 0.23 7.56 7.01
N TYR A 23 -0.73 6.61 7.05
CA TYR A 23 -0.51 5.19 6.71
C TYR A 23 0.72 4.60 7.42
N ASN A 24 1.91 4.91 6.94
CA ASN A 24 3.13 4.43 7.56
C ASN A 24 4.31 5.19 6.99
N GLU A 25 4.51 6.38 7.53
CA GLU A 25 5.62 7.21 7.14
C GLU A 25 6.89 6.71 7.81
N GLU A 26 6.71 5.75 8.72
CA GLU A 26 7.83 5.12 9.40
C GLU A 26 8.69 4.36 8.41
N ILE A 27 8.08 3.46 7.65
CA ILE A 27 8.80 2.68 6.65
C ILE A 27 9.15 3.55 5.43
N LEU A 28 8.35 4.57 5.20
CA LEU A 28 8.51 5.42 4.03
C LEU A 28 9.61 6.46 4.28
N GLY A 29 9.74 6.89 5.53
CA GLY A 29 10.80 7.80 5.89
C GLY A 29 11.80 7.12 6.81
N LEU A 30 12.04 5.85 6.55
CA LEU A 30 12.90 5.02 7.36
C LEU A 30 14.31 5.62 7.49
N MET A 31 14.82 5.61 8.71
CA MET A 31 16.16 6.13 8.98
C MET A 31 17.16 4.98 9.05
N ASP A 32 18.34 5.21 8.51
CA ASP A 32 19.37 4.18 8.43
C ASP A 32 20.25 4.21 9.66
N PRO A 33 20.51 3.04 10.30
CA PRO A 33 21.36 2.94 11.49
C PRO A 33 22.83 3.16 11.18
N ALA A 34 23.18 4.41 10.93
CA ALA A 34 24.56 4.77 10.65
C ALA A 34 25.11 5.66 11.76
N GLY B 1 4.45 22.55 6.44
CA GLY B 1 3.54 23.32 7.32
C GLY B 1 3.31 22.63 8.65
N SER B 2 2.48 23.22 9.49
CA SER B 2 2.20 22.67 10.81
C SER B 2 1.17 21.55 10.72
N ALA B 3 1.57 20.43 10.12
CA ALA B 3 0.67 19.31 9.95
C ALA B 3 1.24 18.03 10.58
N THR B 4 0.76 17.72 11.77
CA THR B 4 1.13 16.48 12.44
C THR B 4 0.58 15.29 11.65
N GLN B 5 -0.68 15.39 11.27
CA GLN B 5 -1.31 14.38 10.43
C GLN B 5 -1.35 14.87 8.99
N SER B 6 -1.08 13.96 8.07
CA SER B 6 -1.02 14.29 6.66
C SER B 6 -2.43 14.33 6.09
N PRO B 7 -2.73 15.33 5.25
CA PRO B 7 -4.02 15.45 4.58
C PRO B 7 -4.12 14.47 3.42
N GLY B 8 -5.33 13.99 3.18
CA GLY B 8 -5.59 13.01 2.13
C GLY B 8 -5.12 13.48 0.78
N ASP B 9 -5.14 14.78 0.56
CA ASP B 9 -4.65 15.38 -0.67
C ASP B 9 -3.18 15.05 -0.90
N SER B 10 -2.39 15.15 0.15
CA SER B 10 -0.95 14.92 0.07
C SER B 10 -0.64 13.43 0.15
N ARG B 11 -1.33 12.73 1.02
CA ARG B 11 -1.13 11.30 1.17
C ARG B 11 -1.51 10.56 -0.11
N ARG B 12 -2.48 11.11 -0.85
CA ARG B 12 -2.90 10.53 -2.11
C ARG B 12 -1.72 10.47 -3.07
N LEU B 13 -1.13 11.64 -3.35
CA LEU B 13 -0.02 11.70 -4.28
C LEU B 13 1.20 10.97 -3.73
N SER B 14 1.36 11.02 -2.42
CA SER B 14 2.43 10.30 -1.75
C SER B 14 2.32 8.80 -2.04
N ILE B 15 1.14 8.24 -1.79
CA ILE B 15 0.85 6.87 -2.18
C ILE B 15 1.08 6.63 -3.66
N GLN B 16 0.53 7.51 -4.50
CA GLN B 16 0.67 7.39 -5.95
C GLN B 16 2.14 7.26 -6.36
N ARG B 17 3.00 8.04 -5.73
CA ARG B 17 4.45 7.97 -6.00
C ARG B 17 4.95 6.58 -5.73
N ALA B 18 4.67 6.10 -4.54
CA ALA B 18 5.03 4.75 -4.14
C ALA B 18 4.46 3.74 -5.12
N ILE B 19 3.21 3.94 -5.48
CA ILE B 19 2.54 3.04 -6.40
C ILE B 19 3.18 3.05 -7.77
N GLN B 20 3.49 4.23 -8.28
CA GLN B 20 4.21 4.38 -9.53
C GLN B 20 5.53 3.60 -9.50
N SER B 21 6.20 3.67 -8.37
CA SER B 21 7.41 2.89 -8.17
C SER B 21 7.10 1.41 -8.14
N LEU B 22 6.03 1.06 -7.42
CA LEU B 22 5.64 -0.32 -7.19
C LEU B 22 5.23 -1.00 -8.49
N VAL B 23 4.35 -0.35 -9.25
CA VAL B 23 3.86 -0.92 -10.50
C VAL B 23 5.00 -1.19 -11.48
N HIS B 24 5.95 -0.27 -11.58
CA HIS B 24 7.09 -0.47 -12.46
C HIS B 24 7.98 -1.61 -11.97
N ALA B 25 8.43 -1.51 -10.73
CA ALA B 25 9.35 -2.50 -10.16
C ALA B 25 8.71 -3.88 -10.07
N ALA B 26 7.39 -3.93 -9.93
CA ALA B 26 6.68 -5.19 -9.81
C ALA B 26 6.81 -6.05 -11.06
N GLN B 27 6.86 -5.41 -12.22
CA GLN B 27 6.88 -6.11 -13.48
C GLN B 27 8.03 -5.65 -14.37
N CYS B 28 9.03 -5.01 -13.78
CA CYS B 28 10.17 -4.56 -14.56
C CYS B 28 10.97 -5.78 -15.02
N ARG B 29 11.04 -5.98 -16.32
CA ARG B 29 11.63 -7.18 -16.89
C ARG B 29 13.15 -7.06 -16.95
N ASN B 30 13.64 -5.84 -17.13
CA ASN B 30 15.07 -5.60 -17.21
C ASN B 30 15.66 -5.44 -15.82
N ALA B 31 16.35 -6.48 -15.38
CA ALA B 31 16.99 -6.48 -14.08
C ALA B 31 18.04 -5.38 -13.98
N ASN B 32 18.65 -5.07 -15.12
CA ASN B 32 19.63 -4.01 -15.20
C ASN B 32 19.01 -2.65 -14.91
N CYS B 33 17.70 -2.51 -15.13
CA CYS B 33 17.01 -1.27 -14.83
C CYS B 33 17.04 -0.99 -13.34
N SER B 34 17.59 0.16 -13.00
CA SER B 34 17.56 0.62 -11.64
C SER B 34 17.30 2.10 -11.60
N LEU B 35 16.16 2.52 -12.13
CA LEU B 35 15.76 3.90 -12.01
C LEU B 35 15.58 4.26 -10.54
N PRO B 36 15.43 5.56 -10.22
CA PRO B 36 15.49 6.07 -8.85
C PRO B 36 14.79 5.16 -7.83
N SER B 37 13.51 4.93 -8.03
CA SER B 37 12.73 4.12 -7.12
C SER B 37 12.69 2.64 -7.53
N CYS B 38 12.83 2.35 -8.83
CA CYS B 38 12.59 1.00 -9.35
C CYS B 38 13.48 -0.05 -8.69
N GLN B 39 14.76 0.27 -8.58
CA GLN B 39 15.73 -0.66 -7.98
C GLN B 39 15.35 -1.04 -6.56
N LYS B 40 15.06 -0.04 -5.75
CA LYS B 40 14.67 -0.24 -4.37
C LYS B 40 13.34 -0.96 -4.31
N MET B 41 12.39 -0.42 -5.03
CA MET B 41 11.03 -0.97 -5.07
C MET B 41 11.06 -2.42 -5.55
N LYS B 42 11.99 -2.72 -6.45
CA LYS B 42 12.18 -4.07 -6.95
C LYS B 42 12.48 -5.04 -5.81
N ARG B 43 13.41 -4.66 -4.94
CA ARG B 43 13.74 -5.46 -3.78
C ARG B 43 12.58 -5.50 -2.79
N VAL B 44 11.75 -4.46 -2.82
CA VAL B 44 10.58 -4.40 -1.98
C VAL B 44 9.51 -5.38 -2.46
N VAL B 45 9.30 -5.41 -3.78
CA VAL B 45 8.41 -6.40 -4.39
C VAL B 45 8.97 -7.79 -4.12
N GLN B 46 10.27 -7.88 -4.24
CA GLN B 46 11.01 -9.10 -4.00
C GLN B 46 11.06 -9.45 -2.51
N HIS B 47 10.61 -8.52 -1.69
CA HIS B 47 10.48 -8.72 -0.26
C HIS B 47 9.12 -9.31 0.07
N THR B 48 8.17 -9.06 -0.81
CA THR B 48 6.80 -9.49 -0.59
C THR B 48 6.60 -10.92 -1.07
N LYS B 49 7.59 -11.43 -1.82
CA LYS B 49 7.52 -12.79 -2.37
C LYS B 49 7.21 -13.81 -1.28
N GLY B 50 8.02 -13.80 -0.23
CA GLY B 50 7.81 -14.69 0.88
C GLY B 50 8.10 -14.01 2.21
N CYS B 51 7.43 -12.90 2.44
CA CYS B 51 7.64 -12.12 3.65
C CYS B 51 6.83 -12.70 4.80
N LYS B 52 7.54 -13.21 5.81
CA LYS B 52 6.89 -13.82 6.96
C LYS B 52 6.59 -12.77 8.02
N ARG B 53 5.93 -13.19 9.10
CA ARG B 53 5.53 -12.28 10.17
C ARG B 53 4.56 -11.24 9.60
N LYS B 54 3.88 -11.62 8.54
CA LYS B 54 3.06 -10.70 7.79
C LYS B 54 1.57 -10.86 8.08
N THR B 55 1.05 -12.07 7.91
CA THR B 55 -0.40 -12.29 7.87
C THR B 55 -1.10 -11.90 9.17
N ASN B 56 -0.36 -11.79 10.26
CA ASN B 56 -0.94 -11.42 11.54
C ASN B 56 -0.88 -9.91 11.74
N GLY B 57 -0.67 -9.20 10.64
CA GLY B 57 -0.55 -7.75 10.70
C GLY B 57 0.81 -7.32 11.19
N GLY B 58 1.82 -8.10 10.86
CA GLY B 58 3.16 -7.81 11.33
C GLY B 58 3.91 -6.86 10.43
N CYS B 59 4.25 -7.32 9.22
CA CYS B 59 5.05 -6.51 8.29
C CYS B 59 4.35 -5.20 7.96
N PRO B 60 4.96 -4.06 8.34
CA PRO B 60 4.42 -2.73 8.04
C PRO B 60 4.55 -2.38 6.57
N ILE B 61 5.60 -2.89 5.98
CA ILE B 61 5.83 -2.69 4.55
C ILE B 61 4.77 -3.40 3.75
N CYS B 62 4.57 -4.68 4.03
CA CYS B 62 3.53 -5.45 3.34
C CYS B 62 2.15 -4.91 3.69
N LYS B 63 2.00 -4.37 4.89
CA LYS B 63 0.79 -3.69 5.29
C LYS B 63 0.49 -2.50 4.37
N GLN B 64 1.53 -1.73 4.06
CA GLN B 64 1.42 -0.60 3.15
C GLN B 64 1.32 -1.05 1.70
N LEU B 65 2.15 -2.00 1.31
CA LEU B 65 2.02 -2.63 0.00
C LEU B 65 0.57 -3.07 -0.22
N ILE B 66 0.00 -3.70 0.80
CA ILE B 66 -1.42 -4.04 0.82
C ILE B 66 -2.29 -2.78 0.74
N ALA B 67 -1.96 -1.79 1.57
CA ALA B 67 -2.71 -0.54 1.62
C ALA B 67 -2.79 0.14 0.26
N LEU B 68 -1.62 0.38 -0.33
CA LEU B 68 -1.54 1.07 -1.61
C LEU B 68 -2.15 0.21 -2.71
N ALA B 69 -1.88 -1.10 -2.67
CA ALA B 69 -2.39 -2.02 -3.67
C ALA B 69 -3.91 -2.12 -3.61
N ALA B 70 -4.46 -2.01 -2.41
CA ALA B 70 -5.90 -1.99 -2.23
C ALA B 70 -6.48 -0.74 -2.88
N TYR B 71 -5.89 0.40 -2.55
CA TYR B 71 -6.20 1.67 -3.19
C TYR B 71 -6.08 1.55 -4.71
N HIS B 72 -4.98 0.98 -5.15
CA HIS B 72 -4.73 0.77 -6.57
C HIS B 72 -5.81 -0.15 -7.18
N ALA B 73 -6.10 -1.25 -6.47
CA ALA B 73 -7.05 -2.25 -6.95
C ALA B 73 -8.48 -1.75 -6.94
N LYS B 74 -8.72 -0.60 -6.30
CA LYS B 74 -10.05 -0.02 -6.24
C LYS B 74 -10.56 0.35 -7.63
N HIS B 75 -9.65 0.43 -8.58
CA HIS B 75 -10.02 0.76 -9.95
C HIS B 75 -9.45 -0.29 -10.91
N CYS B 76 -9.31 -1.51 -10.41
CA CYS B 76 -8.71 -2.59 -11.18
C CYS B 76 -9.75 -3.58 -11.66
N GLN B 77 -10.21 -3.39 -12.89
CA GLN B 77 -11.18 -4.29 -13.51
C GLN B 77 -10.49 -5.54 -14.05
N GLU B 78 -9.17 -5.47 -14.13
CA GLU B 78 -8.36 -6.60 -14.57
C GLU B 78 -8.00 -7.49 -13.40
N ASN B 79 -7.90 -8.79 -13.65
CA ASN B 79 -7.50 -9.73 -12.63
C ASN B 79 -5.98 -9.87 -12.61
N LYS B 80 -5.37 -9.71 -13.77
CA LYS B 80 -3.93 -9.68 -13.88
C LYS B 80 -3.44 -8.25 -13.73
N CYS B 81 -2.49 -8.04 -12.83
CA CYS B 81 -2.03 -6.71 -12.53
C CYS B 81 -0.55 -6.69 -12.19
N PRO B 82 0.09 -5.53 -12.31
CA PRO B 82 1.53 -5.38 -12.09
C PRO B 82 1.93 -5.66 -10.65
N VAL B 83 1.55 -4.75 -9.74
CA VAL B 83 1.93 -4.89 -8.34
C VAL B 83 1.44 -6.21 -7.74
N PRO B 84 2.13 -6.65 -6.70
CA PRO B 84 1.95 -7.97 -6.11
C PRO B 84 0.65 -8.14 -5.34
N PHE B 85 0.38 -7.23 -4.43
CA PHE B 85 -0.73 -7.39 -3.52
C PHE B 85 -2.06 -7.05 -4.15
N CYS B 86 -2.06 -6.57 -5.39
CA CYS B 86 -3.33 -6.31 -6.05
C CYS B 86 -4.03 -7.61 -6.33
N LEU B 87 -3.26 -8.60 -6.77
CA LEU B 87 -3.78 -9.93 -7.02
C LEU B 87 -4.06 -10.64 -5.70
N ASN B 88 -3.42 -10.14 -4.64
CA ASN B 88 -3.72 -10.59 -3.28
C ASN B 88 -5.10 -10.08 -2.86
N ILE B 89 -5.37 -8.80 -3.13
CA ILE B 89 -6.72 -8.25 -2.96
C ILE B 89 -7.73 -9.07 -3.74
N LYS B 90 -7.42 -9.34 -5.00
CA LYS B 90 -8.32 -10.09 -5.86
C LYS B 90 -8.50 -11.51 -5.33
N GLN B 91 -7.41 -12.08 -4.82
CA GLN B 91 -7.42 -13.39 -4.17
C GLN B 91 -7.98 -14.46 -5.11
N LYS B 92 -7.11 -15.02 -5.94
CA LYS B 92 -7.51 -16.02 -6.92
C LYS B 92 -7.18 -17.42 -6.37
ZN ZN C . 12.62 -0.58 -13.89
ZN ZN D . 6.96 -7.42 3.99
ZN ZN E . -4.31 -3.59 -9.83
N GLY A 1 -15.15 -13.53 4.36
CA GLY A 1 -15.93 -13.83 5.58
C GLY A 1 -15.80 -12.75 6.62
N SER A 2 -16.79 -11.88 6.69
CA SER A 2 -16.79 -10.77 7.64
C SER A 2 -18.21 -10.48 8.11
N ARG A 3 -18.92 -11.53 8.54
CA ARG A 3 -20.31 -11.38 8.96
C ARG A 3 -20.43 -10.47 10.17
N ALA A 4 -19.41 -10.47 11.02
CA ALA A 4 -19.38 -9.60 12.19
C ALA A 4 -19.36 -8.15 11.76
N SER A 5 -18.75 -7.89 10.61
CA SER A 5 -18.63 -6.55 10.09
C SER A 5 -19.87 -6.15 9.29
N CYS A 6 -20.67 -7.15 8.92
CA CYS A 6 -21.93 -6.89 8.25
C CYS A 6 -23.01 -6.67 9.29
N MET A 7 -22.95 -7.45 10.36
CA MET A 7 -23.89 -7.32 11.47
C MET A 7 -23.59 -6.07 12.28
N GLN A 8 -22.34 -5.91 12.67
CA GLN A 8 -21.92 -4.75 13.46
C GLN A 8 -21.18 -3.75 12.56
N MET A 9 -20.41 -2.86 13.19
CA MET A 9 -19.58 -1.92 12.46
C MET A 9 -18.61 -2.68 11.54
N ASP A 10 -18.39 -2.13 10.36
CA ASP A 10 -17.50 -2.78 9.41
C ASP A 10 -16.05 -2.48 9.75
N ASP A 11 -15.21 -3.50 9.69
CA ASP A 11 -13.80 -3.36 9.99
C ASP A 11 -13.09 -2.60 8.87
N VAL A 12 -13.72 -2.59 7.71
CA VAL A 12 -13.12 -1.95 6.54
C VAL A 12 -13.21 -0.44 6.62
N ILE A 13 -14.28 0.08 7.21
CA ILE A 13 -14.52 1.50 7.25
C ILE A 13 -13.60 2.18 8.25
N ASP A 14 -13.35 1.51 9.37
CA ASP A 14 -12.43 2.03 10.37
C ASP A 14 -11.01 1.99 9.82
N ASP A 15 -10.74 0.96 9.03
CA ASP A 15 -9.46 0.80 8.36
C ASP A 15 -9.22 1.94 7.39
N ILE A 16 -10.28 2.43 6.77
CA ILE A 16 -10.19 3.58 5.85
C ILE A 16 -9.63 4.79 6.60
N ILE A 17 -10.24 5.12 7.74
CA ILE A 17 -9.76 6.22 8.58
C ILE A 17 -8.29 6.00 8.93
N SER A 18 -7.99 4.78 9.32
CA SER A 18 -6.61 4.39 9.65
C SER A 18 -5.68 4.68 8.48
N LEU A 19 -6.07 4.26 7.29
CA LEU A 19 -5.27 4.46 6.08
C LEU A 19 -5.09 5.94 5.77
N GLU A 20 -6.18 6.68 5.85
CA GLU A 20 -6.17 8.11 5.54
C GLU A 20 -5.29 8.89 6.51
N SER A 21 -5.42 8.57 7.80
CA SER A 21 -4.70 9.30 8.83
C SER A 21 -3.24 8.88 8.91
N SER A 22 -3.00 7.57 8.98
CA SER A 22 -1.65 7.05 9.09
C SER A 22 -1.58 5.63 8.52
N TYR A 23 -1.69 5.53 7.20
CA TYR A 23 -1.59 4.24 6.50
C TYR A 23 -0.41 3.42 6.98
N ASN A 24 0.76 4.05 7.07
CA ASN A 24 1.94 3.40 7.61
C ASN A 24 3.00 4.44 7.86
N GLU A 25 2.72 5.35 8.78
CA GLU A 25 3.61 6.47 9.04
C GLU A 25 4.87 5.98 9.74
N GLU A 26 4.86 4.71 10.12
CA GLU A 26 6.02 4.05 10.72
C GLU A 26 7.26 4.25 9.86
N ILE A 27 7.12 4.04 8.56
CA ILE A 27 8.26 4.13 7.65
C ILE A 27 8.51 5.58 7.22
N LEU A 28 7.46 6.39 7.22
CA LEU A 28 7.55 7.81 6.90
C LEU A 28 8.53 8.51 7.81
N GLY A 29 8.47 8.15 9.08
CA GLY A 29 9.38 8.71 10.07
C GLY A 29 10.84 8.42 9.77
N LEU A 30 11.09 7.41 8.95
CA LEU A 30 12.43 7.05 8.55
C LEU A 30 12.73 7.55 7.14
N MET A 31 14.00 7.78 6.87
CA MET A 31 14.43 8.23 5.56
C MET A 31 15.36 7.21 4.93
N ASP A 32 15.07 6.85 3.68
CA ASP A 32 15.88 5.89 2.95
C ASP A 32 17.28 6.43 2.72
N PRO A 33 18.31 5.57 2.91
CA PRO A 33 19.70 5.95 2.70
C PRO A 33 20.05 6.05 1.21
N ALA A 34 19.44 7.01 0.53
CA ALA A 34 19.65 7.21 -0.88
C ALA A 34 19.87 8.69 -1.18
N GLY B 1 2.66 17.13 16.55
CA GLY B 1 1.71 18.08 17.19
C GLY B 1 0.40 17.42 17.54
N SER B 2 -0.65 18.22 17.65
CA SER B 2 -1.98 17.72 17.98
C SER B 2 -2.66 17.15 16.74
N ALA B 3 -2.34 17.73 15.58
CA ALA B 3 -2.91 17.27 14.32
C ALA B 3 -2.18 16.02 13.84
N THR B 4 -2.79 14.87 14.08
CA THR B 4 -2.19 13.60 13.69
C THR B 4 -2.84 13.06 12.42
N GLN B 5 -4.00 13.61 12.08
CA GLN B 5 -4.69 13.22 10.87
C GLN B 5 -4.02 13.83 9.65
N SER B 6 -3.46 12.98 8.82
CA SER B 6 -2.84 13.42 7.58
C SER B 6 -3.91 13.67 6.52
N PRO B 7 -3.73 14.71 5.70
CA PRO B 7 -4.66 15.02 4.61
C PRO B 7 -4.83 13.84 3.66
N GLY B 8 -6.06 13.34 3.57
CA GLY B 8 -6.36 12.17 2.77
C GLY B 8 -5.99 12.36 1.32
N ASP B 9 -6.14 13.58 0.82
CA ASP B 9 -5.77 13.91 -0.55
C ASP B 9 -4.27 13.79 -0.73
N SER B 10 -3.53 14.25 0.27
CA SER B 10 -2.09 14.28 0.21
C SER B 10 -1.51 12.87 0.36
N ARG B 11 -2.08 12.09 1.28
CA ARG B 11 -1.66 10.72 1.45
C ARG B 11 -2.05 9.90 0.23
N ARG B 12 -3.13 10.30 -0.44
CA ARG B 12 -3.53 9.67 -1.68
C ARG B 12 -2.42 9.78 -2.71
N LEU B 13 -2.00 11.00 -3.00
CA LEU B 13 -0.96 11.22 -3.99
C LEU B 13 0.39 10.72 -3.51
N SER B 14 0.60 10.79 -2.20
CA SER B 14 1.79 10.21 -1.58
C SER B 14 1.88 8.73 -1.93
N ILE B 15 0.78 8.00 -1.72
CA ILE B 15 0.67 6.63 -2.21
C ILE B 15 1.04 6.52 -3.68
N GLN B 16 0.36 7.30 -4.51
CA GLN B 16 0.54 7.26 -5.96
C GLN B 16 2.01 7.39 -6.37
N ARG B 17 2.76 8.24 -5.66
CA ARG B 17 4.19 8.41 -5.95
C ARG B 17 4.91 7.08 -5.76
N ALA B 18 4.62 6.44 -4.64
CA ALA B 18 5.19 5.14 -4.33
C ALA B 18 4.71 4.09 -5.31
N ILE B 19 3.43 4.18 -5.68
CA ILE B 19 2.83 3.23 -6.59
C ILE B 19 3.52 3.24 -7.95
N GLN B 20 3.95 4.41 -8.39
CA GLN B 20 4.74 4.52 -9.61
C GLN B 20 5.94 3.58 -9.58
N SER B 21 6.64 3.61 -8.46
CA SER B 21 7.77 2.73 -8.24
C SER B 21 7.32 1.28 -8.19
N LEU B 22 6.21 1.04 -7.51
CA LEU B 22 5.72 -0.30 -7.28
C LEU B 22 5.27 -0.96 -8.57
N VAL B 23 4.45 -0.25 -9.35
CA VAL B 23 3.92 -0.80 -10.59
C VAL B 23 5.05 -1.13 -11.57
N HIS B 24 6.05 -0.25 -11.65
CA HIS B 24 7.17 -0.50 -12.54
C HIS B 24 8.05 -1.65 -12.02
N ALA B 25 8.51 -1.54 -10.77
CA ALA B 25 9.40 -2.54 -10.19
C ALA B 25 8.75 -3.93 -10.12
N ALA B 26 7.45 -3.97 -9.97
CA ALA B 26 6.75 -5.24 -9.86
C ALA B 26 6.87 -6.07 -11.13
N GLN B 27 6.91 -5.39 -12.27
CA GLN B 27 6.96 -6.05 -13.55
C GLN B 27 8.07 -5.48 -14.43
N CYS B 28 9.16 -5.06 -13.79
CA CYS B 28 10.27 -4.47 -14.54
C CYS B 28 11.03 -5.55 -15.29
N ARG B 29 10.95 -5.50 -16.60
CA ARG B 29 11.63 -6.47 -17.45
C ARG B 29 12.74 -5.77 -18.22
N ASN B 30 12.94 -4.50 -17.90
CA ASN B 30 13.92 -3.68 -18.61
C ASN B 30 15.31 -3.90 -18.06
N ALA B 31 16.17 -4.43 -18.90
CA ALA B 31 17.54 -4.72 -18.52
C ALA B 31 18.34 -3.44 -18.36
N ASN B 32 17.93 -2.39 -19.08
CA ASN B 32 18.62 -1.12 -19.00
C ASN B 32 17.85 -0.13 -18.12
N CYS B 33 17.01 -0.66 -17.24
CA CYS B 33 16.36 0.17 -16.21
C CYS B 33 17.38 1.03 -15.47
N SER B 34 17.08 2.31 -15.36
CA SER B 34 17.94 3.24 -14.65
C SER B 34 17.12 4.40 -14.12
N LEU B 35 15.95 4.08 -13.57
CA LEU B 35 15.03 5.09 -13.07
C LEU B 35 15.49 5.57 -11.66
N PRO B 36 14.70 6.39 -10.94
CA PRO B 36 14.95 6.67 -9.52
C PRO B 36 14.76 5.44 -8.59
N SER B 37 13.50 5.13 -8.22
CA SER B 37 13.22 4.22 -7.09
C SER B 37 13.04 2.73 -7.46
N CYS B 38 12.77 2.41 -8.73
CA CYS B 38 12.42 1.02 -9.14
C CYS B 38 13.34 -0.03 -8.53
N GLN B 39 14.65 0.14 -8.63
CA GLN B 39 15.58 -0.88 -8.10
C GLN B 39 15.37 -1.15 -6.61
N LYS B 40 15.14 -0.09 -5.83
CA LYS B 40 14.78 -0.22 -4.43
C LYS B 40 13.46 -0.94 -4.29
N MET B 41 12.48 -0.41 -5.00
CA MET B 41 11.10 -0.92 -4.95
C MET B 41 11.02 -2.36 -5.44
N LYS B 42 11.95 -2.74 -6.30
CA LYS B 42 12.09 -4.11 -6.76
C LYS B 42 12.33 -5.03 -5.58
N ARG B 43 13.32 -4.66 -4.75
CA ARG B 43 13.62 -5.41 -3.54
C ARG B 43 12.46 -5.38 -2.55
N VAL B 44 11.55 -4.42 -2.74
CA VAL B 44 10.35 -4.32 -1.93
C VAL B 44 9.33 -5.36 -2.35
N VAL B 45 9.09 -5.45 -3.66
CA VAL B 45 8.27 -6.52 -4.23
C VAL B 45 8.90 -7.86 -3.88
N GLN B 46 10.21 -7.92 -4.09
CA GLN B 46 11.01 -9.12 -3.82
C GLN B 46 11.06 -9.44 -2.33
N HIS B 47 10.72 -8.45 -1.50
CA HIS B 47 10.63 -8.64 -0.06
C HIS B 47 9.46 -9.57 0.26
N THR B 48 8.35 -9.35 -0.41
CA THR B 48 7.11 -10.07 -0.14
C THR B 48 7.24 -11.55 -0.52
N LYS B 49 8.16 -11.82 -1.44
CA LYS B 49 8.47 -13.18 -1.88
C LYS B 49 8.65 -14.15 -0.71
N GLY B 50 9.27 -13.70 0.37
CA GLY B 50 9.53 -14.58 1.49
C GLY B 50 9.07 -13.99 2.81
N CYS B 51 7.92 -13.34 2.80
CA CYS B 51 7.41 -12.70 3.99
C CYS B 51 6.64 -13.65 4.91
N LYS B 52 7.36 -14.22 5.88
CA LYS B 52 6.73 -14.96 6.96
C LYS B 52 6.64 -14.04 8.17
N ARG B 53 7.48 -13.00 8.16
CA ARG B 53 7.51 -12.00 9.22
C ARG B 53 6.24 -11.14 9.19
N LYS B 54 5.53 -11.20 8.08
CA LYS B 54 4.36 -10.37 7.87
C LYS B 54 3.24 -10.71 8.81
N THR B 55 2.88 -11.98 8.89
CA THR B 55 1.76 -12.40 9.70
C THR B 55 2.02 -12.12 11.18
N ASN B 56 3.29 -11.94 11.52
CA ASN B 56 3.70 -11.67 12.89
C ASN B 56 3.70 -10.16 13.16
N GLY B 57 3.13 -9.41 12.23
CA GLY B 57 3.00 -7.98 12.39
C GLY B 57 4.33 -7.25 12.29
N GLY B 58 5.26 -7.84 11.56
CA GLY B 58 6.58 -7.24 11.44
C GLY B 58 6.89 -6.71 10.06
N CYS B 59 5.92 -6.75 9.16
CA CYS B 59 6.10 -6.20 7.83
C CYS B 59 5.41 -4.84 7.66
N PRO B 60 6.19 -3.74 7.77
CA PRO B 60 5.70 -2.40 7.46
C PRO B 60 5.68 -2.16 5.96
N ILE B 61 6.50 -2.92 5.27
CA ILE B 61 6.56 -2.87 3.82
C ILE B 61 5.32 -3.52 3.23
N CYS B 62 4.98 -4.73 3.70
CA CYS B 62 3.71 -5.36 3.30
C CYS B 62 2.55 -4.45 3.66
N LYS B 63 2.63 -3.83 4.83
CA LYS B 63 1.66 -2.81 5.23
C LYS B 63 1.54 -1.69 4.19
N GLN B 64 2.66 -1.33 3.55
CA GLN B 64 2.65 -0.34 2.49
C GLN B 64 2.09 -0.94 1.20
N LEU B 65 2.60 -2.10 0.84
CA LEU B 65 2.12 -2.81 -0.34
C LEU B 65 0.60 -2.97 -0.25
N ILE B 66 0.13 -3.35 0.92
CA ILE B 66 -1.30 -3.38 1.23
C ILE B 66 -1.90 -1.98 1.10
N ALA B 67 -1.30 -1.02 1.78
CA ALA B 67 -1.77 0.37 1.79
C ALA B 67 -1.98 0.90 0.38
N LEU B 68 -0.96 0.80 -0.44
CA LEU B 68 -0.99 1.38 -1.77
C LEU B 68 -1.83 0.52 -2.71
N ALA B 69 -1.59 -0.79 -2.70
CA ALA B 69 -2.26 -1.68 -3.65
C ALA B 69 -3.75 -1.74 -3.42
N ALA B 70 -4.17 -1.54 -2.17
CA ALA B 70 -5.59 -1.50 -1.86
C ALA B 70 -6.25 -0.30 -2.53
N TYR B 71 -5.52 0.81 -2.54
CA TYR B 71 -5.93 2.01 -3.26
C TYR B 71 -5.85 1.76 -4.76
N HIS B 72 -4.75 1.18 -5.20
CA HIS B 72 -4.54 0.90 -6.61
C HIS B 72 -5.62 -0.03 -7.15
N ALA B 73 -5.96 -1.05 -6.36
CA ALA B 73 -6.93 -2.06 -6.75
C ALA B 73 -8.35 -1.53 -6.74
N LYS B 74 -8.55 -0.36 -6.11
CA LYS B 74 -9.86 0.30 -6.10
C LYS B 74 -10.37 0.52 -7.51
N HIS B 75 -9.45 0.75 -8.44
CA HIS B 75 -9.81 0.99 -9.83
C HIS B 75 -9.21 -0.08 -10.73
N CYS B 76 -9.18 -1.30 -10.22
CA CYS B 76 -8.67 -2.43 -10.96
C CYS B 76 -9.71 -3.54 -11.07
N GLN B 77 -9.85 -4.10 -12.25
CA GLN B 77 -10.77 -5.21 -12.46
C GLN B 77 -10.17 -6.28 -13.35
N GLU B 78 -8.85 -6.26 -13.46
CA GLU B 78 -8.12 -7.27 -14.23
C GLU B 78 -7.62 -8.37 -13.30
N ASN B 79 -7.59 -9.60 -13.81
CA ASN B 79 -7.11 -10.73 -13.02
C ASN B 79 -5.59 -10.83 -13.10
N LYS B 80 -4.98 -9.86 -13.78
CA LYS B 80 -3.54 -9.77 -13.90
C LYS B 80 -3.14 -8.30 -13.83
N CYS B 81 -2.25 -7.97 -12.91
CA CYS B 81 -1.87 -6.60 -12.67
C CYS B 81 -0.44 -6.51 -12.19
N PRO B 82 0.26 -5.45 -12.63
CA PRO B 82 1.64 -5.15 -12.25
C PRO B 82 1.99 -5.44 -10.80
N VAL B 83 1.58 -4.55 -9.88
CA VAL B 83 1.95 -4.70 -8.47
C VAL B 83 1.41 -6.00 -7.88
N PRO B 84 2.14 -6.51 -6.88
CA PRO B 84 1.93 -7.84 -6.32
C PRO B 84 0.66 -7.94 -5.47
N PHE B 85 0.37 -6.90 -4.72
CA PHE B 85 -0.71 -6.94 -3.76
C PHE B 85 -2.05 -6.58 -4.39
N CYS B 86 -2.05 -6.20 -5.66
CA CYS B 86 -3.30 -5.86 -6.33
C CYS B 86 -4.18 -7.09 -6.43
N LEU B 87 -3.63 -8.14 -7.02
CA LEU B 87 -4.33 -9.40 -7.13
C LEU B 87 -4.48 -10.04 -5.75
N ASN B 88 -3.62 -9.64 -4.81
CA ASN B 88 -3.78 -10.05 -3.42
C ASN B 88 -5.10 -9.52 -2.85
N ILE B 89 -5.36 -8.22 -3.02
CA ILE B 89 -6.66 -7.65 -2.65
C ILE B 89 -7.79 -8.42 -3.32
N LYS B 90 -7.64 -8.69 -4.60
CA LYS B 90 -8.69 -9.36 -5.37
C LYS B 90 -8.85 -10.82 -4.92
N GLN B 91 -7.80 -11.34 -4.28
CA GLN B 91 -7.81 -12.70 -3.77
C GLN B 91 -8.51 -12.76 -2.40
N LYS B 92 -8.65 -11.61 -1.77
CA LYS B 92 -9.29 -11.54 -0.46
C LYS B 92 -10.78 -11.30 -0.62
ZN ZN C . 12.70 -0.71 -13.53
ZN ZN D . 6.59 -8.25 3.78
ZN ZN E . -4.08 -3.25 -10.19
N GLY A 1 -18.10 -3.68 24.55
CA GLY A 1 -17.21 -2.70 25.22
C GLY A 1 -17.99 -1.74 26.09
N SER A 2 -17.26 -0.87 26.79
CA SER A 2 -17.88 0.11 27.67
C SER A 2 -18.56 1.22 26.87
N ARG A 3 -17.90 1.64 25.79
CA ARG A 3 -18.41 2.70 24.94
C ARG A 3 -19.30 2.11 23.85
N ALA A 4 -20.59 2.02 24.14
CA ALA A 4 -21.55 1.41 23.22
C ALA A 4 -21.60 2.11 21.87
N SER A 5 -21.48 3.45 21.89
CA SER A 5 -21.56 4.23 20.68
C SER A 5 -20.35 3.96 19.77
N CYS A 6 -19.31 3.35 20.32
CA CYS A 6 -18.12 3.02 19.54
C CYS A 6 -18.44 1.85 18.60
N MET A 7 -19.39 1.02 19.00
CA MET A 7 -19.84 -0.09 18.17
C MET A 7 -20.84 0.42 17.13
N GLN A 8 -21.53 1.50 17.48
CA GLN A 8 -22.44 2.18 16.55
C GLN A 8 -21.65 2.75 15.39
N MET A 9 -20.44 3.17 15.69
CA MET A 9 -19.50 3.68 14.69
C MET A 9 -18.91 2.51 13.91
N ASP A 10 -18.77 2.68 12.61
CA ASP A 10 -18.30 1.60 11.74
C ASP A 10 -16.81 1.40 11.88
N ASP A 11 -16.39 0.15 11.79
CA ASP A 11 -14.99 -0.20 11.81
C ASP A 11 -14.37 0.17 10.48
N VAL A 12 -15.21 0.20 9.46
CA VAL A 12 -14.77 0.46 8.10
C VAL A 12 -14.25 1.90 7.95
N ILE A 13 -14.85 2.82 8.68
CA ILE A 13 -14.46 4.22 8.60
C ILE A 13 -13.24 4.48 9.48
N ASP A 14 -13.08 3.65 10.50
CA ASP A 14 -11.95 3.75 11.40
C ASP A 14 -10.66 3.45 10.64
N ASP A 15 -10.71 2.41 9.82
CA ASP A 15 -9.57 2.07 8.97
C ASP A 15 -9.27 3.20 7.99
N ILE A 16 -10.32 3.78 7.41
CA ILE A 16 -10.15 4.88 6.46
C ILE A 16 -9.34 6.01 7.10
N ILE A 17 -9.76 6.44 8.29
CA ILE A 17 -9.05 7.47 9.04
C ILE A 17 -7.61 7.03 9.35
N SER A 18 -7.50 5.87 9.95
CA SER A 18 -6.20 5.31 10.33
C SER A 18 -5.26 5.21 9.13
N LEU A 19 -5.81 4.83 7.98
CA LEU A 19 -5.01 4.64 6.77
C LEU A 19 -4.56 5.96 6.16
N GLU A 20 -5.42 6.99 6.20
CA GLU A 20 -5.06 8.27 5.60
C GLU A 20 -4.06 9.00 6.49
N SER A 21 -3.98 8.61 7.74
CA SER A 21 -3.04 9.20 8.67
C SER A 21 -1.77 8.36 8.74
N SER A 22 -1.91 7.12 9.19
CA SER A 22 -0.78 6.25 9.40
C SER A 22 -0.88 5.01 8.53
N TYR A 23 -0.92 5.21 7.22
CA TYR A 23 -0.92 4.11 6.26
C TYR A 23 0.27 3.18 6.50
N ASN A 24 1.43 3.77 6.76
CA ASN A 24 2.65 3.02 7.05
C ASN A 24 3.80 3.99 7.35
N GLU A 25 3.55 4.92 8.27
CA GLU A 25 4.53 5.93 8.62
C GLU A 25 5.75 5.31 9.29
N GLU A 26 5.66 4.02 9.60
CA GLU A 26 6.77 3.27 10.17
C GLU A 26 8.01 3.37 9.26
N ILE A 27 7.78 3.47 7.95
CA ILE A 27 8.88 3.58 7.00
C ILE A 27 9.25 5.06 6.76
N LEU A 28 8.33 5.96 7.11
CA LEU A 28 8.60 7.38 7.06
C LEU A 28 9.47 7.79 8.23
N GLY A 29 8.97 7.53 9.42
CA GLY A 29 9.71 7.84 10.65
C GLY A 29 11.11 7.26 10.63
N LEU A 30 11.24 6.05 10.15
CA LEU A 30 12.54 5.41 10.02
C LEU A 30 12.98 5.48 8.57
N MET A 31 13.82 6.44 8.30
CA MET A 31 14.23 6.78 6.95
C MET A 31 15.24 5.76 6.41
N ASP A 32 15.16 5.51 5.11
CA ASP A 32 16.05 4.56 4.46
C ASP A 32 17.17 5.27 3.72
N PRO A 33 18.34 4.62 3.63
CA PRO A 33 19.49 5.17 2.92
C PRO A 33 19.38 4.93 1.42
N ALA A 34 18.67 5.84 0.75
CA ALA A 34 18.41 5.75 -0.68
C ALA A 34 17.57 4.52 -0.99
N GLY B 1 -4.41 21.37 19.68
CA GLY B 1 -3.12 21.57 18.99
C GLY B 1 -2.17 20.43 19.22
N SER B 2 -0.96 20.56 18.68
CA SER B 2 0.09 19.53 18.81
C SER B 2 -0.44 18.13 18.50
N ALA B 3 -1.09 17.99 17.35
CA ALA B 3 -1.60 16.69 16.93
C ALA B 3 -0.97 16.28 15.61
N THR B 4 -0.13 15.27 15.65
CA THR B 4 0.53 14.75 14.47
C THR B 4 -0.42 13.87 13.66
N GLN B 5 -1.33 14.51 12.95
CA GLN B 5 -2.29 13.80 12.11
C GLN B 5 -1.97 14.05 10.64
N SER B 6 -1.49 13.03 9.96
CA SER B 6 -1.17 13.15 8.55
C SER B 6 -2.44 13.32 7.71
N PRO B 7 -2.54 14.44 6.99
CA PRO B 7 -3.66 14.69 6.08
C PRO B 7 -3.68 13.71 4.93
N GLY B 8 -4.88 13.24 4.59
CA GLY B 8 -5.06 12.25 3.56
C GLY B 8 -4.55 12.71 2.21
N ASP B 9 -4.50 14.03 2.01
CA ASP B 9 -3.99 14.59 0.75
C ASP B 9 -2.53 14.19 0.55
N SER B 10 -1.74 14.35 1.59
CA SER B 10 -0.31 14.07 1.52
C SER B 10 -0.08 12.57 1.31
N ARG B 11 -0.81 11.75 2.05
CA ARG B 11 -0.69 10.32 1.91
C ARG B 11 -1.30 9.84 0.59
N ARG B 12 -2.20 10.63 0.03
CA ARG B 12 -2.76 10.35 -1.27
C ARG B 12 -1.69 10.44 -2.34
N LEU B 13 -0.96 11.55 -2.37
CA LEU B 13 0.08 11.74 -3.34
C LEU B 13 1.23 10.78 -3.06
N SER B 14 1.48 10.55 -1.77
CA SER B 14 2.49 9.61 -1.33
C SER B 14 2.25 8.23 -1.94
N ILE B 15 1.06 7.67 -1.69
CA ILE B 15 0.69 6.39 -2.28
C ILE B 15 0.94 6.36 -3.79
N GLN B 16 0.38 7.33 -4.50
CA GLN B 16 0.49 7.38 -5.96
C GLN B 16 1.94 7.34 -6.43
N ARG B 17 2.80 8.14 -5.78
CA ARG B 17 4.23 8.14 -6.10
C ARG B 17 4.84 6.78 -5.84
N ALA B 18 4.49 6.23 -4.70
CA ALA B 18 4.93 4.89 -4.34
C ALA B 18 4.42 3.88 -5.36
N ILE B 19 3.19 4.06 -5.79
CA ILE B 19 2.57 3.18 -6.75
C ILE B 19 3.30 3.21 -8.08
N GLN B 20 3.68 4.40 -8.53
CA GLN B 20 4.49 4.57 -9.73
C GLN B 20 5.73 3.69 -9.65
N SER B 21 6.35 3.68 -8.49
CA SER B 21 7.51 2.85 -8.24
C SER B 21 7.11 1.37 -8.24
N LEU B 22 6.02 1.08 -7.56
CA LEU B 22 5.57 -0.29 -7.34
C LEU B 22 5.16 -0.96 -8.66
N VAL B 23 4.32 -0.28 -9.43
CA VAL B 23 3.84 -0.84 -10.69
C VAL B 23 5.00 -1.12 -11.64
N HIS B 24 5.97 -0.22 -11.68
CA HIS B 24 7.14 -0.42 -12.53
C HIS B 24 7.98 -1.59 -12.03
N ALA B 25 8.41 -1.52 -10.78
CA ALA B 25 9.30 -2.52 -10.20
C ALA B 25 8.66 -3.89 -10.13
N ALA B 26 7.35 -3.94 -9.92
CA ALA B 26 6.65 -5.22 -9.78
C ALA B 26 6.82 -6.09 -11.02
N GLN B 27 6.72 -5.48 -12.18
CA GLN B 27 6.80 -6.22 -13.42
C GLN B 27 7.94 -5.74 -14.30
N CYS B 28 8.94 -5.11 -13.71
CA CYS B 28 10.09 -4.68 -14.48
C CYS B 28 10.88 -5.91 -14.90
N ARG B 29 10.69 -6.32 -16.15
CA ARG B 29 11.30 -7.53 -16.67
C ARG B 29 12.80 -7.30 -16.88
N ASN B 30 13.18 -6.04 -17.03
CA ASN B 30 14.57 -5.67 -17.18
C ASN B 30 15.26 -5.69 -15.83
N ALA B 31 15.97 -6.78 -15.58
CA ALA B 31 16.63 -7.02 -14.32
C ALA B 31 17.72 -6.00 -14.04
N ASN B 32 18.35 -5.49 -15.10
CA ASN B 32 19.42 -4.53 -14.92
C ASN B 32 18.89 -3.10 -14.84
N CYS B 33 17.59 -2.92 -15.06
CA CYS B 33 16.97 -1.62 -14.81
C CYS B 33 16.97 -1.30 -13.33
N SER B 34 17.56 -0.19 -12.98
CA SER B 34 17.54 0.29 -11.62
C SER B 34 17.34 1.79 -11.59
N LEU B 35 16.25 2.24 -12.16
CA LEU B 35 15.93 3.65 -12.12
C LEU B 35 15.73 4.12 -10.67
N PRO B 36 15.58 5.44 -10.44
CA PRO B 36 15.58 6.06 -9.10
C PRO B 36 14.85 5.24 -8.03
N SER B 37 13.59 4.94 -8.28
CA SER B 37 12.78 4.16 -7.34
C SER B 37 12.78 2.66 -7.68
N CYS B 38 13.01 2.30 -8.94
CA CYS B 38 12.76 0.94 -9.40
C CYS B 38 13.63 -0.09 -8.69
N GLN B 39 14.89 0.23 -8.48
CA GLN B 39 15.81 -0.71 -7.84
C GLN B 39 15.38 -1.05 -6.42
N LYS B 40 15.03 -0.03 -5.65
CA LYS B 40 14.57 -0.21 -4.28
C LYS B 40 13.23 -0.90 -4.26
N MET B 41 12.31 -0.32 -5.00
CA MET B 41 10.95 -0.82 -5.06
C MET B 41 10.90 -2.25 -5.60
N LYS B 42 11.89 -2.60 -6.42
CA LYS B 42 12.06 -3.97 -6.88
C LYS B 42 12.32 -4.89 -5.68
N ARG B 43 13.27 -4.51 -4.84
CA ARG B 43 13.58 -5.24 -3.61
C ARG B 43 12.41 -5.22 -2.65
N VAL B 44 11.49 -4.28 -2.85
CA VAL B 44 10.27 -4.20 -2.06
C VAL B 44 9.28 -5.29 -2.50
N VAL B 45 9.12 -5.42 -3.80
CA VAL B 45 8.32 -6.50 -4.38
C VAL B 45 8.98 -7.84 -4.07
N GLN B 46 10.29 -7.84 -4.20
CA GLN B 46 11.14 -8.99 -3.92
C GLN B 46 11.24 -9.24 -2.41
N HIS B 47 10.77 -8.28 -1.63
CA HIS B 47 10.70 -8.43 -0.18
C HIS B 47 9.59 -9.39 0.18
N THR B 48 8.46 -9.25 -0.52
CA THR B 48 7.26 -10.02 -0.22
C THR B 48 7.47 -11.50 -0.52
N LYS B 49 8.40 -11.78 -1.44
CA LYS B 49 8.83 -13.14 -1.79
C LYS B 49 8.82 -14.09 -0.60
N GLY B 50 9.51 -13.72 0.46
CA GLY B 50 9.62 -14.60 1.61
C GLY B 50 9.19 -13.93 2.90
N CYS B 51 8.08 -13.22 2.85
CA CYS B 51 7.57 -12.54 4.02
C CYS B 51 6.73 -13.43 4.92
N LYS B 52 6.42 -12.91 6.11
CA LYS B 52 5.60 -13.60 7.09
C LYS B 52 5.13 -12.62 8.18
N ARG B 53 5.97 -11.63 8.46
CA ARG B 53 5.77 -10.72 9.60
C ARG B 53 4.44 -9.96 9.54
N LYS B 54 3.92 -9.72 8.33
CA LYS B 54 2.71 -8.91 8.17
C LYS B 54 1.51 -9.60 8.80
N THR B 55 1.64 -10.89 9.07
CA THR B 55 0.59 -11.64 9.72
C THR B 55 0.18 -10.98 11.03
N ASN B 56 1.19 -10.63 11.83
CA ASN B 56 0.95 -9.98 13.11
C ASN B 56 1.18 -8.48 12.99
N GLY B 57 1.12 -7.99 11.75
CA GLY B 57 1.30 -6.56 11.50
C GLY B 57 2.74 -6.11 11.70
N GLY B 58 3.67 -6.96 11.33
CA GLY B 58 5.08 -6.62 11.44
C GLY B 58 5.62 -5.95 10.20
N CYS B 59 5.32 -6.51 9.04
CA CYS B 59 5.81 -5.99 7.76
C CYS B 59 5.18 -4.64 7.42
N PRO B 60 5.96 -3.55 7.50
CA PRO B 60 5.50 -2.21 7.14
C PRO B 60 5.51 -2.00 5.64
N ILE B 61 6.27 -2.85 4.98
CA ILE B 61 6.40 -2.80 3.53
C ILE B 61 5.23 -3.54 2.91
N CYS B 62 4.95 -4.75 3.41
CA CYS B 62 3.72 -5.43 3.03
C CYS B 62 2.52 -4.55 3.35
N LYS B 63 2.62 -3.80 4.44
CA LYS B 63 1.61 -2.83 4.80
C LYS B 63 1.47 -1.75 3.73
N GLN B 64 2.60 -1.35 3.14
CA GLN B 64 2.57 -0.43 2.00
C GLN B 64 1.95 -1.09 0.79
N LEU B 65 2.47 -2.26 0.45
CA LEU B 65 2.00 -3.01 -0.70
C LEU B 65 0.50 -3.23 -0.59
N ILE B 66 0.06 -3.61 0.60
CA ILE B 66 -1.36 -3.70 0.92
C ILE B 66 -2.04 -2.34 0.79
N ALA B 67 -1.45 -1.34 1.42
CA ALA B 67 -1.96 0.02 1.42
C ALA B 67 -2.23 0.53 0.01
N LEU B 68 -1.19 0.52 -0.80
CA LEU B 68 -1.25 1.11 -2.12
C LEU B 68 -2.05 0.24 -3.07
N ALA B 69 -1.86 -1.07 -2.99
CA ALA B 69 -2.51 -2.00 -3.92
C ALA B 69 -4.01 -2.00 -3.73
N ALA B 70 -4.47 -1.81 -2.49
CA ALA B 70 -5.89 -1.72 -2.22
C ALA B 70 -6.49 -0.50 -2.94
N TYR B 71 -5.77 0.60 -2.85
CA TYR B 71 -6.11 1.82 -3.58
C TYR B 71 -5.98 1.62 -5.08
N HIS B 72 -4.89 0.99 -5.48
CA HIS B 72 -4.64 0.70 -6.89
C HIS B 72 -5.75 -0.17 -7.48
N ALA B 73 -6.10 -1.23 -6.76
CA ALA B 73 -7.09 -2.21 -7.22
C ALA B 73 -8.50 -1.63 -7.21
N LYS B 74 -8.67 -0.46 -6.61
CA LYS B 74 -9.96 0.23 -6.58
C LYS B 74 -10.51 0.44 -7.99
N HIS B 75 -9.62 0.66 -8.95
CA HIS B 75 -10.04 0.92 -10.33
C HIS B 75 -9.81 -0.31 -11.19
N CYS B 76 -9.20 -1.33 -10.60
CA CYS B 76 -8.82 -2.52 -11.33
C CYS B 76 -9.98 -3.49 -11.44
N GLN B 77 -10.40 -3.78 -12.66
CA GLN B 77 -11.37 -4.83 -12.91
C GLN B 77 -10.70 -5.96 -13.68
N GLU B 78 -9.37 -5.94 -13.66
CA GLU B 78 -8.56 -6.94 -14.33
C GLU B 78 -8.04 -7.95 -13.30
N ASN B 79 -7.81 -9.18 -13.74
CA ASN B 79 -7.29 -10.21 -12.85
C ASN B 79 -5.77 -10.30 -12.99
N LYS B 80 -5.26 -9.81 -14.11
CA LYS B 80 -3.83 -9.73 -14.33
C LYS B 80 -3.38 -8.29 -14.14
N CYS B 81 -2.42 -8.08 -13.25
CA CYS B 81 -2.01 -6.74 -12.91
C CYS B 81 -0.55 -6.69 -12.47
N PRO B 82 0.07 -5.51 -12.55
CA PRO B 82 1.50 -5.33 -12.25
C PRO B 82 1.83 -5.62 -10.80
N VAL B 83 1.46 -4.70 -9.90
CA VAL B 83 1.79 -4.86 -8.49
C VAL B 83 1.19 -6.14 -7.92
N PRO B 84 1.89 -6.65 -6.89
CA PRO B 84 1.68 -7.99 -6.34
C PRO B 84 0.39 -8.13 -5.54
N PHE B 85 0.13 -7.17 -4.67
CA PHE B 85 -0.99 -7.27 -3.76
C PHE B 85 -2.31 -6.89 -4.43
N CYS B 86 -2.27 -6.46 -5.68
CA CYS B 86 -3.51 -6.16 -6.39
C CYS B 86 -4.29 -7.45 -6.56
N LEU B 87 -3.57 -8.51 -6.93
CA LEU B 87 -4.16 -9.82 -7.09
C LEU B 87 -4.45 -10.43 -5.72
N ASN B 88 -3.78 -9.91 -4.70
CA ASN B 88 -4.08 -10.28 -3.32
C ASN B 88 -5.45 -9.76 -2.91
N ILE B 89 -5.72 -8.48 -3.20
CA ILE B 89 -7.04 -7.89 -2.99
C ILE B 89 -8.09 -8.69 -3.76
N LYS B 90 -7.80 -8.95 -5.03
CA LYS B 90 -8.76 -9.58 -5.93
C LYS B 90 -9.02 -11.04 -5.57
N GLN B 91 -8.09 -11.65 -4.84
CA GLN B 91 -8.19 -13.06 -4.49
C GLN B 91 -8.24 -13.93 -5.74
N LYS B 92 -8.79 -15.12 -5.62
CA LYS B 92 -8.93 -16.02 -6.75
C LYS B 92 -10.40 -16.17 -7.11
ZN ZN C . 12.65 -0.71 -13.91
ZN ZN D . 6.76 -8.04 3.70
ZN ZN E . -4.32 -3.57 -10.29
N GLY A 1 -31.16 12.09 0.16
CA GLY A 1 -31.28 10.65 -0.17
C GLY A 1 -32.14 9.91 0.83
N SER A 2 -32.11 8.58 0.78
CA SER A 2 -32.93 7.78 1.68
C SER A 2 -32.11 7.34 2.90
N ARG A 3 -30.87 7.80 2.97
CA ARG A 3 -29.96 7.49 4.09
C ARG A 3 -29.56 6.02 4.10
N ALA A 4 -29.76 5.34 2.98
CA ALA A 4 -29.44 3.93 2.89
C ALA A 4 -27.97 3.73 2.53
N SER A 5 -27.36 4.75 1.93
CA SER A 5 -25.96 4.68 1.56
C SER A 5 -25.07 4.70 2.79
N CYS A 6 -25.50 5.43 3.81
CA CYS A 6 -24.74 5.53 5.05
C CYS A 6 -25.53 4.93 6.21
N MET A 7 -26.31 3.89 5.92
CA MET A 7 -27.06 3.21 6.96
C MET A 7 -26.13 2.29 7.73
N GLN A 8 -25.36 1.50 7.00
CA GLN A 8 -24.33 0.67 7.57
C GLN A 8 -22.96 1.19 7.16
N MET A 9 -21.97 0.98 8.00
CA MET A 9 -20.63 1.48 7.74
C MET A 9 -19.78 0.41 7.08
N ASP A 10 -19.24 0.74 5.93
CA ASP A 10 -18.44 -0.19 5.15
C ASP A 10 -17.08 -0.39 5.78
N ASP A 11 -16.55 -1.59 5.68
CA ASP A 11 -15.24 -1.90 6.22
C ASP A 11 -14.15 -1.46 5.27
N VAL A 12 -14.54 -1.16 4.03
CA VAL A 12 -13.59 -0.70 3.04
C VAL A 12 -13.22 0.76 3.29
N ILE A 13 -14.21 1.55 3.73
CA ILE A 13 -13.99 2.96 4.00
C ILE A 13 -13.25 3.12 5.31
N ASP A 14 -13.42 2.15 6.21
CA ASP A 14 -12.69 2.13 7.47
C ASP A 14 -11.19 2.14 7.21
N ASP A 15 -10.76 1.25 6.32
CA ASP A 15 -9.36 1.19 5.92
C ASP A 15 -8.93 2.46 5.20
N ILE A 16 -9.80 2.98 4.35
CA ILE A 16 -9.49 4.22 3.61
C ILE A 16 -9.17 5.36 4.56
N ILE A 17 -10.06 5.62 5.51
CA ILE A 17 -9.84 6.66 6.51
C ILE A 17 -8.56 6.39 7.30
N SER A 18 -8.38 5.14 7.66
CA SER A 18 -7.17 4.69 8.34
C SER A 18 -5.93 5.01 7.50
N LEU A 19 -5.99 4.73 6.21
CA LEU A 19 -4.87 4.99 5.30
C LEU A 19 -4.57 6.48 5.20
N GLU A 20 -5.63 7.27 5.16
CA GLU A 20 -5.50 8.73 5.09
C GLU A 20 -4.85 9.29 6.36
N SER A 21 -5.00 8.57 7.47
CA SER A 21 -4.43 9.00 8.73
C SER A 21 -3.04 8.40 8.93
N SER A 22 -2.92 7.10 8.72
CA SER A 22 -1.65 6.41 8.85
C SER A 22 -1.64 5.15 8.00
N TYR A 23 -1.28 5.31 6.73
CA TYR A 23 -1.16 4.16 5.83
C TYR A 23 -0.09 3.21 6.34
N ASN A 24 1.00 3.78 6.86
CA ASN A 24 2.05 3.03 7.53
C ASN A 24 3.15 3.98 7.94
N GLU A 25 2.89 4.76 8.97
CA GLU A 25 3.81 5.78 9.42
C GLU A 25 4.98 5.14 10.16
N GLU A 26 4.87 3.84 10.40
CA GLU A 26 5.90 3.07 11.09
C GLU A 26 7.28 3.33 10.49
N ILE A 27 7.43 3.06 9.19
CA ILE A 27 8.73 3.16 8.53
C ILE A 27 9.19 4.60 8.45
N LEU A 28 8.23 5.53 8.41
CA LEU A 28 8.52 6.95 8.41
C LEU A 28 9.34 7.34 9.62
N GLY A 29 8.86 6.93 10.78
CA GLY A 29 9.57 7.17 12.02
C GLY A 29 10.81 6.31 12.16
N LEU A 30 10.81 5.14 11.52
CA LEU A 30 11.93 4.22 11.58
C LEU A 30 12.96 4.57 10.50
N MET A 31 14.07 3.83 10.50
CA MET A 31 15.08 3.96 9.46
C MET A 31 15.26 2.63 8.75
N ASP A 32 15.22 2.64 7.43
CA ASP A 32 15.36 1.41 6.65
C ASP A 32 16.83 1.03 6.50
N PRO A 33 17.17 -0.23 6.81
CA PRO A 33 18.53 -0.74 6.69
C PRO A 33 18.80 -1.35 5.32
N ALA A 34 18.52 -0.59 4.27
CA ALA A 34 18.73 -1.06 2.91
C ALA A 34 19.88 -0.31 2.25
N GLY B 1 -3.47 21.11 22.14
CA GLY B 1 -2.99 19.74 21.85
C GLY B 1 -2.01 19.72 20.70
N SER B 2 -1.60 18.52 20.29
CA SER B 2 -0.65 18.39 19.20
C SER B 2 -1.01 17.19 18.32
N ALA B 3 -2.28 16.78 18.39
CA ALA B 3 -2.77 15.67 17.58
C ALA B 3 -3.19 16.17 16.20
N THR B 4 -2.32 15.96 15.23
CA THR B 4 -2.54 16.46 13.88
C THR B 4 -3.13 15.38 12.98
N GLN B 5 -3.96 15.81 12.05
CA GLN B 5 -4.56 14.92 11.09
C GLN B 5 -3.87 15.08 9.74
N SER B 6 -3.33 13.99 9.22
CA SER B 6 -2.67 14.01 7.93
C SER B 6 -3.69 14.12 6.81
N PRO B 7 -3.57 15.17 5.97
CA PRO B 7 -4.48 15.37 4.85
C PRO B 7 -4.53 14.17 3.92
N GLY B 8 -5.72 13.66 3.67
CA GLY B 8 -5.89 12.52 2.80
C GLY B 8 -5.42 12.79 1.39
N ASP B 9 -5.36 14.06 1.04
CA ASP B 9 -4.91 14.49 -0.28
C ASP B 9 -3.40 14.33 -0.45
N SER B 10 -2.66 14.77 0.55
CA SER B 10 -1.21 14.77 0.48
C SER B 10 -0.66 13.35 0.54
N ARG B 11 -1.26 12.51 1.39
CA ARG B 11 -0.89 11.12 1.44
C ARG B 11 -1.34 10.42 0.18
N ARG B 12 -2.41 10.91 -0.44
CA ARG B 12 -2.93 10.33 -1.66
C ARG B 12 -1.90 10.39 -2.76
N LEU B 13 -1.41 11.59 -3.05
CA LEU B 13 -0.41 11.79 -4.07
C LEU B 13 0.90 11.11 -3.68
N SER B 14 1.19 11.09 -2.39
CA SER B 14 2.37 10.41 -1.87
C SER B 14 2.27 8.91 -2.16
N ILE B 15 1.13 8.31 -1.82
CA ILE B 15 0.85 6.92 -2.19
C ILE B 15 1.09 6.69 -3.67
N GLN B 16 0.50 7.53 -4.51
CA GLN B 16 0.63 7.42 -5.97
C GLN B 16 2.10 7.36 -6.40
N ARG B 17 2.95 8.20 -5.80
CA ARG B 17 4.37 8.22 -6.12
C ARG B 17 4.99 6.87 -5.80
N ALA B 18 4.67 6.37 -4.63
CA ALA B 18 5.11 5.04 -4.20
C ALA B 18 4.59 3.98 -5.15
N ILE B 19 3.33 4.14 -5.53
CA ILE B 19 2.68 3.20 -6.41
C ILE B 19 3.35 3.15 -7.77
N GLN B 20 3.77 4.31 -8.26
CA GLN B 20 4.54 4.38 -9.50
C GLN B 20 5.76 3.48 -9.44
N SER B 21 6.47 3.56 -8.32
CA SER B 21 7.63 2.73 -8.09
C SER B 21 7.22 1.26 -8.05
N LEU B 22 6.14 0.99 -7.34
CA LEU B 22 5.67 -0.37 -7.11
C LEU B 22 5.24 -1.03 -8.41
N VAL B 23 4.40 -0.35 -9.18
CA VAL B 23 3.86 -0.91 -10.41
C VAL B 23 4.98 -1.21 -11.41
N HIS B 24 5.95 -0.32 -11.51
CA HIS B 24 7.05 -0.51 -12.43
C HIS B 24 8.00 -1.62 -11.94
N ALA B 25 8.42 -1.53 -10.68
CA ALA B 25 9.35 -2.51 -10.11
C ALA B 25 8.75 -3.92 -10.04
N ALA B 26 7.44 -3.98 -9.85
CA ALA B 26 6.75 -5.26 -9.74
C ALA B 26 6.89 -6.10 -11.00
N GLN B 27 6.92 -5.44 -12.15
CA GLN B 27 6.99 -6.12 -13.42
C GLN B 27 8.12 -5.59 -14.29
N CYS B 28 9.17 -5.07 -13.67
CA CYS B 28 10.29 -4.53 -14.44
C CYS B 28 11.14 -5.66 -15.00
N ARG B 29 11.26 -5.69 -16.31
CA ARG B 29 12.08 -6.69 -16.99
C ARG B 29 13.15 -6.00 -17.82
N ASN B 30 13.45 -4.76 -17.45
CA ASN B 30 14.47 -3.98 -18.15
C ASN B 30 15.82 -4.18 -17.50
N ALA B 31 16.77 -4.65 -18.28
CA ALA B 31 18.09 -4.95 -17.76
C ALA B 31 18.95 -3.70 -17.69
N ASN B 32 18.43 -2.60 -18.21
CA ASN B 32 19.13 -1.32 -18.14
C ASN B 32 18.27 -0.27 -17.44
N CYS B 33 17.32 -0.74 -16.63
CA CYS B 33 16.52 0.15 -15.79
C CYS B 33 17.40 1.06 -14.93
N SER B 34 17.13 2.35 -14.97
CA SER B 34 17.88 3.33 -14.19
C SER B 34 16.98 4.49 -13.79
N LEU B 35 15.81 4.15 -13.27
CA LEU B 35 14.84 5.14 -12.85
C LEU B 35 15.20 5.66 -11.43
N PRO B 36 14.34 6.44 -10.73
CA PRO B 36 14.53 6.72 -9.30
C PRO B 36 14.37 5.48 -8.38
N SER B 37 13.14 5.10 -8.04
CA SER B 37 12.88 4.15 -6.94
C SER B 37 12.77 2.66 -7.33
N CYS B 38 12.54 2.36 -8.61
CA CYS B 38 12.27 0.97 -9.06
C CYS B 38 13.27 -0.05 -8.52
N GLN B 39 14.57 0.24 -8.63
CA GLN B 39 15.58 -0.71 -8.21
C GLN B 39 15.44 -1.08 -6.72
N LYS B 40 15.20 -0.08 -5.89
CA LYS B 40 14.93 -0.29 -4.48
C LYS B 40 13.60 -0.99 -4.30
N MET B 41 12.60 -0.40 -4.92
CA MET B 41 11.22 -0.90 -4.86
C MET B 41 11.12 -2.33 -5.37
N LYS B 42 12.05 -2.70 -6.25
CA LYS B 42 12.17 -4.06 -6.75
C LYS B 42 12.44 -5.03 -5.61
N ARG B 43 13.36 -4.66 -4.73
CA ARG B 43 13.66 -5.45 -3.55
C ARG B 43 12.50 -5.42 -2.56
N VAL B 44 11.63 -4.41 -2.71
CA VAL B 44 10.45 -4.30 -1.87
C VAL B 44 9.37 -5.28 -2.36
N VAL B 45 9.22 -5.36 -3.68
CA VAL B 45 8.36 -6.38 -4.27
C VAL B 45 8.91 -7.75 -3.93
N GLN B 46 10.21 -7.87 -4.09
CA GLN B 46 10.95 -9.10 -3.83
C GLN B 46 10.96 -9.43 -2.33
N HIS B 47 10.66 -8.43 -1.52
CA HIS B 47 10.50 -8.61 -0.09
C HIS B 47 9.34 -9.56 0.17
N THR B 48 8.21 -9.29 -0.49
CA THR B 48 6.97 -10.01 -0.27
C THR B 48 7.11 -11.48 -0.69
N LYS B 49 8.03 -11.71 -1.64
CA LYS B 49 8.31 -13.04 -2.17
C LYS B 49 8.52 -14.09 -1.07
N GLY B 50 9.14 -13.68 0.02
CA GLY B 50 9.44 -14.63 1.08
C GLY B 50 9.01 -14.14 2.44
N CYS B 51 7.92 -13.40 2.48
CA CYS B 51 7.42 -12.86 3.73
C CYS B 51 6.72 -13.88 4.59
N LYS B 52 7.47 -14.46 5.50
CA LYS B 52 6.90 -15.31 6.54
C LYS B 52 6.69 -14.45 7.79
N ARG B 53 7.41 -13.33 7.83
CA ARG B 53 7.35 -12.41 8.96
C ARG B 53 6.07 -11.58 8.91
N LYS B 54 5.35 -11.67 7.80
CA LYS B 54 4.12 -10.90 7.63
C LYS B 54 3.06 -11.31 8.64
N THR B 55 2.89 -12.61 8.84
CA THR B 55 1.87 -13.11 9.74
C THR B 55 2.26 -12.85 11.20
N ASN B 56 3.50 -12.41 11.40
CA ASN B 56 3.98 -12.04 12.73
C ASN B 56 3.74 -10.56 12.97
N GLY B 57 3.21 -9.91 11.97
CA GLY B 57 2.93 -8.49 12.05
C GLY B 57 4.20 -7.65 11.94
N GLY B 58 5.27 -8.27 11.44
CA GLY B 58 6.55 -7.59 11.38
C GLY B 58 6.87 -7.04 10.00
N CYS B 59 5.88 -7.03 9.12
CA CYS B 59 6.03 -6.41 7.82
C CYS B 59 5.30 -5.06 7.76
N PRO B 60 6.03 -3.95 7.93
CA PRO B 60 5.48 -2.61 7.69
C PRO B 60 5.45 -2.32 6.20
N ILE B 61 6.25 -3.08 5.49
CA ILE B 61 6.33 -2.98 4.05
C ILE B 61 5.11 -3.63 3.43
N CYS B 62 4.80 -4.85 3.83
CA CYS B 62 3.57 -5.50 3.38
C CYS B 62 2.36 -4.65 3.75
N LYS B 63 2.40 -4.02 4.92
CA LYS B 63 1.38 -3.07 5.33
C LYS B 63 1.22 -1.96 4.29
N GLN B 64 2.34 -1.43 3.79
CA GLN B 64 2.31 -0.40 2.76
C GLN B 64 1.88 -0.98 1.42
N LEU B 65 2.47 -2.10 1.05
CA LEU B 65 2.12 -2.78 -0.18
C LEU B 65 0.61 -3.03 -0.23
N ILE B 66 0.09 -3.54 0.88
CA ILE B 66 -1.35 -3.70 1.06
C ILE B 66 -2.06 -2.34 1.00
N ALA B 67 -1.51 -1.37 1.74
CA ALA B 67 -2.06 -0.02 1.81
C ALA B 67 -2.26 0.58 0.42
N LEU B 68 -1.20 0.60 -0.35
CA LEU B 68 -1.23 1.23 -1.67
C LEU B 68 -1.99 0.35 -2.66
N ALA B 69 -1.73 -0.96 -2.62
CA ALA B 69 -2.33 -1.87 -3.59
C ALA B 69 -3.84 -1.93 -3.46
N ALA B 70 -4.34 -1.76 -2.25
CA ALA B 70 -5.78 -1.70 -2.03
C ALA B 70 -6.36 -0.50 -2.75
N TYR B 71 -5.75 0.66 -2.50
CA TYR B 71 -6.09 1.89 -3.20
C TYR B 71 -5.95 1.74 -4.71
N HIS B 72 -4.87 1.11 -5.13
CA HIS B 72 -4.59 0.89 -6.54
C HIS B 72 -5.63 -0.07 -7.15
N ALA B 73 -5.92 -1.16 -6.43
CA ALA B 73 -6.84 -2.19 -6.90
C ALA B 73 -8.28 -1.69 -6.93
N LYS B 74 -8.54 -0.59 -6.25
CA LYS B 74 -9.87 0.02 -6.25
C LYS B 74 -10.29 0.37 -7.67
N HIS B 75 -9.31 0.69 -8.49
CA HIS B 75 -9.56 1.10 -9.86
C HIS B 75 -9.18 -0.02 -10.83
N CYS B 76 -8.89 -1.19 -10.27
CA CYS B 76 -8.46 -2.33 -11.06
C CYS B 76 -9.57 -3.36 -11.23
N GLN B 77 -9.88 -3.66 -12.49
CA GLN B 77 -10.77 -4.75 -12.82
C GLN B 77 -9.95 -5.94 -13.31
N GLU B 78 -8.64 -5.70 -13.42
CA GLU B 78 -7.69 -6.69 -13.89
C GLU B 78 -7.60 -7.88 -12.95
N ASN B 79 -7.45 -9.07 -13.51
CA ASN B 79 -7.20 -10.27 -12.73
C ASN B 79 -5.69 -10.50 -12.62
N LYS B 80 -4.98 -9.95 -13.58
CA LYS B 80 -3.53 -9.99 -13.60
C LYS B 80 -2.98 -8.58 -13.62
N CYS B 81 -2.26 -8.19 -12.58
CA CYS B 81 -1.84 -6.81 -12.43
C CYS B 81 -0.38 -6.73 -12.02
N PRO B 82 0.30 -5.67 -12.48
CA PRO B 82 1.68 -5.33 -12.11
C PRO B 82 2.03 -5.60 -10.65
N VAL B 83 1.58 -4.73 -9.74
CA VAL B 83 1.94 -4.87 -8.33
C VAL B 83 1.39 -6.15 -7.74
N PRO B 84 2.07 -6.63 -6.70
CA PRO B 84 1.85 -7.95 -6.11
C PRO B 84 0.55 -8.05 -5.32
N PHE B 85 0.33 -7.12 -4.42
CA PHE B 85 -0.79 -7.20 -3.50
C PHE B 85 -2.11 -6.79 -4.16
N CYS B 86 -2.05 -6.32 -5.39
CA CYS B 86 -3.28 -5.97 -6.09
C CYS B 86 -4.07 -7.25 -6.34
N LEU B 87 -3.33 -8.29 -6.67
CA LEU B 87 -3.92 -9.59 -6.89
C LEU B 87 -4.27 -10.25 -5.57
N ASN B 88 -3.58 -9.82 -4.50
CA ASN B 88 -3.89 -10.28 -3.15
C ASN B 88 -5.26 -9.76 -2.73
N ILE B 89 -5.52 -8.48 -3.00
CA ILE B 89 -6.85 -7.91 -2.80
C ILE B 89 -7.89 -8.75 -3.53
N LYS B 90 -7.60 -9.05 -4.80
CA LYS B 90 -8.53 -9.80 -5.64
C LYS B 90 -8.70 -11.23 -5.12
N GLN B 91 -7.58 -11.91 -4.89
CA GLN B 91 -7.60 -13.29 -4.40
C GLN B 91 -6.52 -13.48 -3.34
N LYS B 92 -6.92 -14.02 -2.18
CA LYS B 92 -5.99 -14.28 -1.11
C LYS B 92 -5.41 -15.69 -1.25
ZN ZN C . 12.52 -0.57 -13.50
ZN ZN D . 6.50 -8.39 3.76
ZN ZN E . -3.92 -3.32 -9.99
N GLY A 1 -34.86 8.23 7.73
CA GLY A 1 -34.45 9.52 7.12
C GLY A 1 -33.56 9.33 5.92
N SER A 2 -34.17 9.38 4.72
CA SER A 2 -33.46 9.20 3.45
C SER A 2 -33.02 7.74 3.28
N ARG A 3 -32.10 7.31 4.13
CA ARG A 3 -31.61 5.94 4.10
C ARG A 3 -31.90 5.26 5.43
N ALA A 4 -32.25 3.98 5.36
CA ALA A 4 -32.51 3.20 6.55
C ALA A 4 -31.21 2.60 7.09
N SER A 5 -30.21 2.50 6.22
CA SER A 5 -28.93 1.92 6.59
C SER A 5 -28.11 2.89 7.43
N CYS A 6 -28.61 4.12 7.58
CA CYS A 6 -27.95 5.12 8.41
C CYS A 6 -27.97 4.71 9.89
N MET A 7 -28.84 3.76 10.21
CA MET A 7 -28.92 3.24 11.58
C MET A 7 -27.68 2.42 11.91
N GLN A 8 -27.01 1.94 10.87
CA GLN A 8 -25.80 1.17 11.04
C GLN A 8 -24.60 1.93 10.51
N MET A 9 -23.42 1.55 10.95
CA MET A 9 -22.19 2.21 10.52
C MET A 9 -21.50 1.40 9.44
N ASP A 10 -21.06 2.09 8.39
CA ASP A 10 -20.33 1.43 7.32
C ASP A 10 -18.88 1.26 7.72
N ASP A 11 -18.52 0.06 8.11
CA ASP A 11 -17.13 -0.26 8.43
C ASP A 11 -16.25 -0.10 7.20
N VAL A 12 -16.87 -0.17 6.05
CA VAL A 12 -16.17 -0.10 4.78
C VAL A 12 -15.67 1.32 4.51
N ILE A 13 -16.47 2.31 4.86
CA ILE A 13 -16.09 3.70 4.66
C ILE A 13 -15.11 4.12 5.74
N ASP A 14 -15.26 3.53 6.92
CA ASP A 14 -14.36 3.80 8.04
C ASP A 14 -12.96 3.30 7.74
N ASP A 15 -12.88 2.16 7.07
CA ASP A 15 -11.59 1.61 6.65
C ASP A 15 -10.94 2.53 5.64
N ILE A 16 -11.75 3.07 4.73
CA ILE A 16 -11.28 4.06 3.76
C ILE A 16 -10.73 5.28 4.49
N ILE A 17 -11.53 5.85 5.39
CA ILE A 17 -11.14 7.03 6.17
C ILE A 17 -9.82 6.82 6.90
N SER A 18 -9.72 5.69 7.58
CA SER A 18 -8.50 5.37 8.33
C SER A 18 -7.30 5.21 7.39
N LEU A 19 -7.51 4.62 6.22
CA LEU A 19 -6.45 4.49 5.22
C LEU A 19 -6.02 5.87 4.71
N GLU A 20 -6.99 6.73 4.48
CA GLU A 20 -6.71 8.10 4.02
C GLU A 20 -5.91 8.88 5.05
N SER A 21 -6.00 8.46 6.31
CA SER A 21 -5.33 9.16 7.40
C SER A 21 -3.99 8.50 7.74
N SER A 22 -4.03 7.21 8.07
CA SER A 22 -2.83 6.49 8.47
C SER A 22 -2.78 5.13 7.77
N TYR A 23 -2.69 5.17 6.45
CA TYR A 23 -2.58 3.97 5.61
C TYR A 23 -1.54 3.00 6.16
N ASN A 24 -0.38 3.53 6.53
CA ASN A 24 0.68 2.76 7.13
C ASN A 24 1.67 3.73 7.72
N GLU A 25 1.23 4.40 8.77
CA GLU A 25 2.00 5.44 9.42
C GLU A 25 3.17 4.82 10.17
N GLU A 26 3.17 3.49 10.23
CA GLU A 26 4.23 2.70 10.84
C GLU A 26 5.62 3.19 10.41
N ILE A 27 5.79 3.43 9.12
CA ILE A 27 7.09 3.84 8.60
C ILE A 27 7.24 5.37 8.67
N LEU A 28 6.10 6.07 8.59
CA LEU A 28 6.08 7.51 8.73
C LEU A 28 6.64 7.92 10.08
N GLY A 29 6.10 7.30 11.11
CA GLY A 29 6.61 7.48 12.45
C GLY A 29 7.42 6.27 12.88
N LEU A 30 8.32 5.84 12.00
CA LEU A 30 9.15 4.67 12.23
C LEU A 30 9.92 4.78 13.54
N MET A 31 9.83 3.73 14.33
CA MET A 31 10.57 3.65 15.58
C MET A 31 12.02 3.27 15.29
N ASP A 32 12.91 3.61 16.20
CA ASP A 32 14.32 3.23 16.08
C ASP A 32 14.59 1.96 16.87
N PRO A 33 14.85 0.84 16.18
CA PRO A 33 15.15 -0.44 16.83
C PRO A 33 16.56 -0.46 17.41
N ALA A 34 16.87 0.53 18.22
CA ALA A 34 18.18 0.64 18.85
C ALA A 34 18.04 0.54 20.36
N GLY B 1 2.17 21.01 23.08
CA GLY B 1 2.56 21.74 21.85
C GLY B 1 1.43 21.81 20.85
N SER B 2 1.75 21.98 19.58
CA SER B 2 0.75 22.03 18.54
C SER B 2 0.28 20.62 18.19
N ALA B 3 -1.04 20.45 18.12
CA ALA B 3 -1.63 19.15 17.80
C ALA B 3 -1.18 18.68 16.42
N THR B 4 -0.55 17.52 16.38
CA THR B 4 -0.01 16.98 15.15
C THR B 4 -0.98 15.99 14.50
N GLN B 5 -1.71 16.46 13.51
CA GLN B 5 -2.67 15.62 12.79
C GLN B 5 -1.98 14.89 11.65
N SER B 6 -2.54 13.76 11.26
CA SER B 6 -2.03 12.99 10.16
C SER B 6 -2.48 13.60 8.83
N PRO B 7 -1.53 14.04 8.00
CA PRO B 7 -1.84 14.68 6.73
C PRO B 7 -2.17 13.67 5.63
N GLY B 8 -3.45 13.64 5.25
CA GLY B 8 -3.90 12.70 4.24
C GLY B 8 -3.56 13.16 2.84
N ASP B 9 -3.33 14.46 2.68
CA ASP B 9 -3.01 15.02 1.38
C ASP B 9 -1.62 14.62 0.94
N SER B 10 -0.67 14.73 1.85
CA SER B 10 0.71 14.45 1.54
C SER B 10 0.94 12.96 1.35
N ARG B 11 0.31 12.14 2.20
CA ARG B 11 0.40 10.70 2.05
C ARG B 11 -0.29 10.27 0.76
N ARG B 12 -1.24 11.08 0.28
CA ARG B 12 -1.97 10.75 -0.93
C ARG B 12 -1.03 10.69 -2.12
N LEU B 13 -0.20 11.71 -2.28
CA LEU B 13 0.78 11.72 -3.33
C LEU B 13 1.90 10.74 -3.02
N SER B 14 2.25 10.64 -1.73
CA SER B 14 3.27 9.69 -1.28
C SER B 14 2.91 8.28 -1.72
N ILE B 15 1.68 7.87 -1.44
CA ILE B 15 1.16 6.58 -1.92
C ILE B 15 1.40 6.42 -3.42
N GLN B 16 0.93 7.37 -4.19
CA GLN B 16 1.03 7.30 -5.65
C GLN B 16 2.49 7.20 -6.11
N ARG B 17 3.38 7.93 -5.44
CA ARG B 17 4.81 7.86 -5.75
C ARG B 17 5.31 6.44 -5.51
N ALA B 18 4.90 5.89 -4.38
CA ALA B 18 5.21 4.51 -4.05
C ALA B 18 4.60 3.57 -5.08
N ILE B 19 3.36 3.86 -5.46
CA ILE B 19 2.65 3.03 -6.40
C ILE B 19 3.32 3.04 -7.78
N GLN B 20 3.70 4.22 -8.24
CA GLN B 20 4.47 4.36 -9.47
C GLN B 20 5.74 3.52 -9.43
N SER B 21 6.38 3.52 -8.28
CA SER B 21 7.55 2.69 -8.04
C SER B 21 7.17 1.21 -8.09
N LEU B 22 6.10 0.89 -7.40
CA LEU B 22 5.66 -0.49 -7.22
C LEU B 22 5.21 -1.11 -8.52
N VAL B 23 4.33 -0.42 -9.25
CA VAL B 23 3.81 -0.94 -10.50
C VAL B 23 4.95 -1.22 -11.49
N HIS B 24 5.96 -0.36 -11.52
CA HIS B 24 7.09 -0.58 -12.38
C HIS B 24 7.93 -1.76 -11.90
N ALA B 25 8.48 -1.66 -10.69
CA ALA B 25 9.39 -2.66 -10.15
C ALA B 25 8.74 -4.04 -10.04
N ALA B 26 7.42 -4.09 -9.87
CA ALA B 26 6.72 -5.35 -9.70
C ALA B 26 6.81 -6.22 -10.95
N GLN B 27 6.80 -5.61 -12.12
CA GLN B 27 6.76 -6.35 -13.37
C GLN B 27 7.90 -5.97 -14.29
N CYS B 28 8.78 -5.11 -13.82
CA CYS B 28 9.93 -4.70 -14.61
C CYS B 28 10.93 -5.85 -14.71
N ARG B 29 10.89 -6.57 -15.81
CA ARG B 29 11.73 -7.74 -15.99
C ARG B 29 13.01 -7.37 -16.72
N ASN B 30 13.20 -6.07 -16.94
CA ASN B 30 14.43 -5.58 -17.54
C ASN B 30 15.54 -5.63 -16.51
N ALA B 31 16.44 -6.58 -16.70
CA ALA B 31 17.47 -6.88 -15.75
C ALA B 31 18.41 -5.70 -15.52
N ASN B 32 18.64 -4.91 -16.57
CA ASN B 32 19.57 -3.80 -16.48
C ASN B 32 18.86 -2.50 -16.09
N CYS B 33 17.54 -2.53 -15.99
CA CYS B 33 16.82 -1.35 -15.52
C CYS B 33 16.96 -1.18 -14.02
N SER B 34 17.35 0.01 -13.62
CA SER B 34 17.39 0.37 -12.23
C SER B 34 17.19 1.85 -12.07
N LEU B 35 16.06 2.33 -12.56
CA LEU B 35 15.74 3.73 -12.46
C LEU B 35 15.56 4.16 -10.98
N PRO B 36 15.40 5.47 -10.72
CA PRO B 36 15.40 6.06 -9.37
C PRO B 36 14.59 5.27 -8.33
N SER B 37 13.36 4.96 -8.66
CA SER B 37 12.49 4.21 -7.78
C SER B 37 12.58 2.70 -8.03
N CYS B 38 12.91 2.32 -9.26
CA CYS B 38 12.74 0.94 -9.71
C CYS B 38 13.59 -0.05 -8.92
N GLN B 39 14.88 0.21 -8.80
CA GLN B 39 15.76 -0.74 -8.09
C GLN B 39 15.42 -0.85 -6.60
N LYS B 40 15.17 0.28 -5.95
CA LYS B 40 14.75 0.28 -4.56
C LYS B 40 13.48 -0.52 -4.37
N MET B 41 12.48 -0.14 -5.16
CA MET B 41 11.16 -0.73 -5.04
C MET B 41 11.17 -2.18 -5.47
N LYS B 42 12.12 -2.52 -6.33
CA LYS B 42 12.35 -3.90 -6.74
C LYS B 42 12.62 -4.78 -5.53
N ARG B 43 13.58 -4.36 -4.70
CA ARG B 43 13.91 -5.08 -3.48
C ARG B 43 12.71 -5.13 -2.53
N VAL B 44 11.84 -4.13 -2.64
CA VAL B 44 10.63 -4.08 -1.82
C VAL B 44 9.64 -5.15 -2.28
N VAL B 45 9.42 -5.22 -3.60
CA VAL B 45 8.62 -6.28 -4.19
C VAL B 45 9.23 -7.62 -3.83
N GLN B 46 10.54 -7.70 -4.02
CA GLN B 46 11.34 -8.90 -3.75
C GLN B 46 11.28 -9.28 -2.27
N HIS B 47 11.17 -8.28 -1.40
CA HIS B 47 10.99 -8.52 0.03
C HIS B 47 9.77 -9.40 0.25
N THR B 48 8.65 -9.00 -0.33
CA THR B 48 7.36 -9.62 -0.02
C THR B 48 7.29 -11.08 -0.49
N LYS B 49 8.20 -11.45 -1.41
CA LYS B 49 8.33 -12.82 -1.89
C LYS B 49 8.23 -13.83 -0.76
N GLY B 50 9.20 -13.82 0.14
CA GLY B 50 9.22 -14.77 1.24
C GLY B 50 9.65 -14.13 2.53
N CYS B 51 9.25 -12.88 2.74
CA CYS B 51 9.59 -12.15 3.93
C CYS B 51 8.82 -12.69 5.13
N LYS B 52 7.49 -12.73 5.00
CA LYS B 52 6.61 -13.25 6.04
C LYS B 52 6.68 -12.40 7.30
N ARG B 53 6.08 -12.89 8.38
CA ARG B 53 6.05 -12.19 9.66
C ARG B 53 5.25 -10.89 9.50
N LYS B 54 4.19 -10.96 8.73
CA LYS B 54 3.44 -9.77 8.34
C LYS B 54 2.38 -9.38 9.37
N THR B 55 1.45 -10.28 9.64
CA THR B 55 0.32 -9.97 10.53
C THR B 55 0.78 -9.82 11.98
N ASN B 56 2.03 -10.16 12.24
CA ASN B 56 2.61 -10.00 13.57
C ASN B 56 3.31 -8.64 13.67
N GLY B 57 3.04 -7.80 12.69
CA GLY B 57 3.60 -6.46 12.69
C GLY B 57 5.06 -6.42 12.27
N GLY B 58 5.46 -7.38 11.46
CA GLY B 58 6.84 -7.42 10.99
C GLY B 58 6.99 -6.78 9.64
N CYS B 59 5.94 -6.86 8.82
CA CYS B 59 5.95 -6.21 7.51
C CYS B 59 5.11 -4.94 7.52
N PRO B 60 5.72 -3.76 7.72
CA PRO B 60 5.06 -2.48 7.47
C PRO B 60 5.08 -2.18 5.98
N ILE B 61 6.01 -2.84 5.32
CA ILE B 61 6.18 -2.72 3.89
C ILE B 61 5.04 -3.43 3.18
N CYS B 62 4.88 -4.73 3.45
CA CYS B 62 3.76 -5.47 2.90
C CYS B 62 2.44 -4.81 3.30
N LYS B 63 2.41 -4.26 4.51
CA LYS B 63 1.25 -3.53 4.98
C LYS B 63 1.00 -2.30 4.08
N GLN B 64 2.07 -1.69 3.58
CA GLN B 64 1.94 -0.60 2.65
C GLN B 64 1.54 -1.07 1.27
N LEU B 65 2.22 -2.10 0.76
CA LEU B 65 1.82 -2.69 -0.51
C LEU B 65 0.33 -3.02 -0.49
N ILE B 66 -0.08 -3.77 0.53
CA ILE B 66 -1.50 -4.01 0.80
C ILE B 66 -2.30 -2.70 0.74
N ALA B 67 -1.83 -1.70 1.50
CA ALA B 67 -2.49 -0.40 1.58
C ALA B 67 -2.64 0.25 0.20
N LEU B 68 -1.53 0.39 -0.49
CA LEU B 68 -1.49 1.09 -1.76
C LEU B 68 -2.20 0.28 -2.84
N ALA B 69 -1.96 -1.02 -2.87
CA ALA B 69 -2.53 -1.89 -3.90
C ALA B 69 -4.04 -1.94 -3.79
N ALA B 70 -4.56 -1.81 -2.58
CA ALA B 70 -5.99 -1.76 -2.37
C ALA B 70 -6.57 -0.49 -2.99
N TYR B 71 -5.93 0.63 -2.69
CA TYR B 71 -6.24 1.91 -3.31
C TYR B 71 -6.07 1.84 -4.83
N HIS B 72 -5.00 1.22 -5.24
CA HIS B 72 -4.68 1.07 -6.65
C HIS B 72 -5.72 0.18 -7.34
N ALA B 73 -6.20 -0.84 -6.63
CA ALA B 73 -7.18 -1.80 -7.16
C ALA B 73 -8.51 -1.13 -7.49
N LYS B 74 -8.82 -0.02 -6.82
CA LYS B 74 -10.01 0.77 -7.11
C LYS B 74 -10.17 1.08 -8.60
N HIS B 75 -9.06 1.12 -9.32
CA HIS B 75 -9.10 1.43 -10.75
C HIS B 75 -8.44 0.33 -11.57
N CYS B 76 -8.54 -0.90 -11.08
CA CYS B 76 -7.92 -2.04 -11.73
C CYS B 76 -8.91 -2.85 -12.54
N GLN B 77 -8.81 -2.72 -13.85
CA GLN B 77 -9.58 -3.53 -14.78
C GLN B 77 -8.67 -4.54 -15.45
N GLU B 78 -7.38 -4.36 -15.21
CA GLU B 78 -6.35 -5.27 -15.69
C GLU B 78 -6.32 -6.52 -14.83
N ASN B 79 -6.61 -7.65 -15.45
CA ASN B 79 -6.70 -8.93 -14.73
C ASN B 79 -5.33 -9.34 -14.22
N LYS B 80 -4.36 -9.34 -15.12
CA LYS B 80 -2.97 -9.60 -14.74
C LYS B 80 -2.33 -8.28 -14.39
N CYS B 81 -2.51 -7.86 -13.15
CA CYS B 81 -2.12 -6.53 -12.74
C CYS B 81 -0.71 -6.51 -12.16
N PRO B 82 0.10 -5.55 -12.62
CA PRO B 82 1.50 -5.35 -12.23
C PRO B 82 1.83 -5.65 -10.76
N VAL B 83 1.45 -4.74 -9.86
CA VAL B 83 1.84 -4.87 -8.45
C VAL B 83 1.32 -6.17 -7.82
N PRO B 84 2.05 -6.62 -6.79
CA PRO B 84 1.94 -7.96 -6.21
C PRO B 84 0.67 -8.17 -5.40
N PHE B 85 0.39 -7.26 -4.49
CA PHE B 85 -0.72 -7.43 -3.57
C PHE B 85 -2.05 -7.08 -4.22
N CYS B 86 -2.02 -6.59 -5.44
CA CYS B 86 -3.26 -6.27 -6.15
C CYS B 86 -4.00 -7.56 -6.45
N LEU B 87 -3.24 -8.56 -6.85
CA LEU B 87 -3.80 -9.86 -7.13
C LEU B 87 -4.09 -10.58 -5.82
N ASN B 88 -3.45 -10.12 -4.75
CA ASN B 88 -3.76 -10.61 -3.41
C ASN B 88 -5.12 -10.05 -2.98
N ILE B 89 -5.42 -8.80 -3.35
CA ILE B 89 -6.76 -8.24 -3.16
C ILE B 89 -7.81 -9.13 -3.84
N LYS B 90 -7.57 -9.46 -5.10
CA LYS B 90 -8.53 -10.22 -5.88
C LYS B 90 -8.65 -11.65 -5.36
N GLN B 91 -7.50 -12.31 -5.21
CA GLN B 91 -7.46 -13.71 -4.79
C GLN B 91 -7.54 -13.82 -3.27
N LYS B 92 -7.21 -15.01 -2.76
CA LYS B 92 -7.19 -15.24 -1.33
C LYS B 92 -5.79 -15.63 -0.88
ZN ZN C . 12.55 -0.70 -14.18
ZN ZN D . 6.85 -8.40 3.71
ZN ZN E . -3.98 -3.41 -9.77
N GLY A 1 -25.47 -1.63 23.06
CA GLY A 1 -24.36 -1.08 22.25
C GLY A 1 -23.52 -2.18 21.63
N SER A 2 -22.20 -1.96 21.63
CA SER A 2 -21.22 -2.93 21.13
C SER A 2 -21.65 -3.67 19.86
N ARG A 3 -22.24 -4.85 20.04
CA ARG A 3 -22.60 -5.73 18.93
C ARG A 3 -23.56 -5.07 17.96
N ALA A 4 -24.71 -4.63 18.47
CA ALA A 4 -25.72 -4.00 17.63
C ALA A 4 -25.24 -2.65 17.11
N SER A 5 -24.24 -2.09 17.77
CA SER A 5 -23.71 -0.79 17.38
C SER A 5 -22.71 -0.91 16.25
N CYS A 6 -21.77 -1.85 16.37
CA CYS A 6 -20.70 -2.01 15.38
C CYS A 6 -21.28 -2.39 14.01
N MET A 7 -22.49 -2.91 14.01
CA MET A 7 -23.14 -3.34 12.79
C MET A 7 -23.81 -2.18 12.06
N GLN A 8 -23.79 -1.00 12.67
CA GLN A 8 -24.38 0.18 12.05
C GLN A 8 -23.31 0.99 11.34
N MET A 9 -22.10 0.93 11.88
CA MET A 9 -20.96 1.61 11.30
C MET A 9 -20.28 0.72 10.28
N ASP A 10 -19.81 1.31 9.20
CA ASP A 10 -19.16 0.55 8.14
C ASP A 10 -17.69 0.35 8.45
N ASP A 11 -17.20 -0.85 8.21
CA ASP A 11 -15.81 -1.15 8.46
C ASP A 11 -14.93 -0.63 7.34
N VAL A 12 -15.56 -0.33 6.21
CA VAL A 12 -14.82 0.16 5.04
C VAL A 12 -14.38 1.60 5.26
N ILE A 13 -15.25 2.40 5.88
CA ILE A 13 -14.94 3.80 6.11
C ILE A 13 -13.86 3.95 7.16
N ASP A 14 -13.82 3.00 8.08
CA ASP A 14 -12.79 2.97 9.11
C ASP A 14 -11.42 2.82 8.46
N ASP A 15 -11.32 1.88 7.51
CA ASP A 15 -10.07 1.64 6.81
C ASP A 15 -9.71 2.81 5.91
N ILE A 16 -10.69 3.37 5.21
CA ILE A 16 -10.45 4.52 4.35
C ILE A 16 -9.89 5.70 5.14
N ILE A 17 -10.56 6.03 6.24
CA ILE A 17 -10.09 7.08 7.15
C ILE A 17 -8.69 6.75 7.65
N SER A 18 -8.54 5.53 8.13
CA SER A 18 -7.25 5.03 8.58
C SER A 18 -6.17 5.25 7.52
N LEU A 19 -6.49 4.93 6.27
CA LEU A 19 -5.54 5.09 5.16
C LEU A 19 -5.20 6.55 4.91
N GLU A 20 -6.21 7.41 4.92
CA GLU A 20 -6.01 8.82 4.62
C GLU A 20 -5.30 9.54 5.75
N SER A 21 -5.45 9.04 6.97
CA SER A 21 -4.86 9.69 8.12
C SER A 21 -3.57 9.02 8.57
N SER A 22 -3.37 7.77 8.16
CA SER A 22 -2.21 7.00 8.59
C SER A 22 -2.13 5.66 7.86
N TYR A 23 -1.98 5.71 6.54
CA TYR A 23 -1.93 4.50 5.72
C TYR A 23 -0.82 3.56 6.16
N ASN A 24 0.39 4.09 6.25
CA ASN A 24 1.55 3.33 6.67
C ASN A 24 2.72 4.31 6.79
N GLU A 25 2.46 5.39 7.50
CA GLU A 25 3.43 6.45 7.64
C GLU A 25 4.52 6.07 8.64
N GLU A 26 4.34 4.93 9.28
CA GLU A 26 5.37 4.36 10.15
C GLU A 26 6.72 4.28 9.42
N ILE A 27 6.68 4.14 8.09
CA ILE A 27 7.91 4.07 7.30
C ILE A 27 8.42 5.47 6.95
N LEU A 28 7.52 6.44 6.88
CA LEU A 28 7.89 7.82 6.66
C LEU A 28 8.58 8.38 7.89
N GLY A 29 7.88 8.31 9.01
CA GLY A 29 8.46 8.68 10.28
C GLY A 29 9.06 7.48 10.98
N LEU A 30 9.90 6.75 10.26
CA LEU A 30 10.48 5.51 10.75
C LEU A 30 11.26 5.72 12.04
N MET A 31 10.90 4.94 13.05
CA MET A 31 11.57 4.96 14.33
C MET A 31 12.22 3.62 14.59
N ASP A 32 13.28 3.60 15.37
CA ASP A 32 13.97 2.36 15.69
C ASP A 32 13.51 1.82 17.03
N PRO A 33 13.24 0.51 17.09
CA PRO A 33 12.73 -0.14 18.30
C PRO A 33 13.84 -0.49 19.29
N ALA A 34 14.31 0.51 20.02
CA ALA A 34 15.35 0.30 21.01
C ALA A 34 14.77 0.38 22.42
N GLY B 1 -2.32 26.90 13.92
CA GLY B 1 -0.94 26.46 14.25
C GLY B 1 -0.93 25.15 15.00
N SER B 2 -1.45 24.11 14.36
CA SER B 2 -1.53 22.80 14.96
C SER B 2 -1.72 21.74 13.88
N ALA B 3 -0.98 20.65 13.98
CA ALA B 3 -1.09 19.58 13.02
C ALA B 3 -1.18 18.23 13.71
N THR B 4 -2.41 17.73 13.85
CA THR B 4 -2.64 16.43 14.46
C THR B 4 -3.04 15.43 13.39
N GLN B 5 -4.03 15.79 12.59
CA GLN B 5 -4.48 14.96 11.49
C GLN B 5 -3.47 15.03 10.35
N SER B 6 -3.16 13.87 9.79
CA SER B 6 -2.25 13.79 8.67
C SER B 6 -2.97 14.24 7.40
N PRO B 7 -2.37 15.18 6.65
CA PRO B 7 -2.91 15.66 5.38
C PRO B 7 -3.14 14.52 4.40
N GLY B 8 -4.40 14.26 4.10
CA GLY B 8 -4.74 13.19 3.18
C GLY B 8 -4.19 13.44 1.80
N ASP B 9 -4.08 14.71 1.43
CA ASP B 9 -3.50 15.11 0.16
C ASP B 9 -2.07 14.63 0.03
N SER B 10 -1.32 14.80 1.12
CA SER B 10 0.09 14.45 1.13
C SER B 10 0.26 12.93 1.04
N ARG B 11 -0.49 12.19 1.85
CA ARG B 11 -0.44 10.75 1.81
C ARG B 11 -0.92 10.24 0.45
N ARG B 12 -1.87 10.96 -0.13
CA ARG B 12 -2.40 10.61 -1.44
C ARG B 12 -1.29 10.56 -2.48
N LEU B 13 -0.56 11.65 -2.63
CA LEU B 13 0.50 11.73 -3.61
C LEU B 13 1.65 10.82 -3.22
N SER B 14 1.91 10.72 -1.92
CA SER B 14 2.94 9.81 -1.41
C SER B 14 2.65 8.39 -1.84
N ILE B 15 1.42 7.92 -1.59
CA ILE B 15 0.99 6.63 -2.09
C ILE B 15 1.24 6.49 -3.60
N GLN B 16 0.71 7.43 -4.37
CA GLN B 16 0.80 7.37 -5.83
C GLN B 16 2.25 7.23 -6.29
N ARG B 17 3.16 8.01 -5.70
CA ARG B 17 4.58 7.92 -6.02
C ARG B 17 5.10 6.53 -5.74
N ALA B 18 4.76 6.04 -4.57
CA ALA B 18 5.11 4.69 -4.17
C ALA B 18 4.54 3.67 -5.15
N ILE B 19 3.29 3.89 -5.53
CA ILE B 19 2.60 2.99 -6.43
C ILE B 19 3.25 2.98 -7.81
N GLN B 20 3.60 4.16 -8.31
CA GLN B 20 4.34 4.28 -9.56
C GLN B 20 5.61 3.43 -9.51
N SER B 21 6.28 3.47 -8.37
CA SER B 21 7.45 2.65 -8.13
C SER B 21 7.08 1.17 -8.12
N LEU B 22 6.00 0.86 -7.41
CA LEU B 22 5.57 -0.51 -7.20
C LEU B 22 5.14 -1.17 -8.50
N VAL B 23 4.29 -0.50 -9.27
CA VAL B 23 3.79 -1.05 -10.51
C VAL B 23 4.90 -1.31 -11.51
N HIS B 24 5.88 -0.41 -11.56
CA HIS B 24 7.01 -0.59 -12.45
C HIS B 24 7.94 -1.70 -11.95
N ALA B 25 8.40 -1.57 -10.71
CA ALA B 25 9.34 -2.53 -10.12
C ALA B 25 8.77 -3.93 -10.07
N ALA B 26 7.45 -4.04 -9.94
CA ALA B 26 6.79 -5.34 -9.86
C ALA B 26 7.01 -6.17 -11.11
N GLN B 27 7.06 -5.51 -12.25
CA GLN B 27 7.13 -6.20 -13.53
C GLN B 27 8.33 -5.77 -14.35
N CYS B 28 9.27 -5.07 -13.72
CA CYS B 28 10.45 -4.60 -14.42
C CYS B 28 11.32 -5.78 -14.81
N ARG B 29 11.68 -5.86 -16.09
CA ARG B 29 12.53 -6.93 -16.58
C ARG B 29 13.85 -6.38 -17.07
N ASN B 30 14.23 -5.22 -16.56
CA ASN B 30 15.50 -4.60 -16.92
C ASN B 30 16.46 -4.66 -15.76
N ALA B 31 17.57 -5.35 -15.99
CA ALA B 31 18.56 -5.58 -14.95
C ALA B 31 19.33 -4.29 -14.63
N ASN B 32 19.49 -3.43 -15.62
CA ASN B 32 20.25 -2.20 -15.45
C ASN B 32 19.34 -0.99 -15.31
N CYS B 33 18.06 -1.24 -15.06
CA CYS B 33 17.10 -0.18 -14.77
C CYS B 33 17.66 0.81 -13.74
N SER B 34 17.83 2.05 -14.16
CA SER B 34 18.44 3.06 -13.31
C SER B 34 17.53 4.28 -13.15
N LEU B 35 16.25 4.04 -12.88
CA LEU B 35 15.29 5.10 -12.66
C LEU B 35 15.48 5.66 -11.21
N PRO B 36 14.59 6.52 -10.69
CA PRO B 36 14.61 6.85 -9.26
C PRO B 36 14.35 5.64 -8.33
N SER B 37 13.09 5.28 -8.12
CA SER B 37 12.72 4.35 -7.04
C SER B 37 12.67 2.86 -7.41
N CYS B 38 12.43 2.52 -8.69
CA CYS B 38 12.19 1.12 -9.12
C CYS B 38 13.17 0.12 -8.51
N GLN B 39 14.47 0.39 -8.60
CA GLN B 39 15.45 -0.59 -8.12
C GLN B 39 15.30 -0.89 -6.63
N LYS B 40 15.05 0.11 -5.82
CA LYS B 40 14.73 -0.08 -4.40
C LYS B 40 13.43 -0.84 -4.26
N MET B 41 12.41 -0.30 -4.92
CA MET B 41 11.06 -0.85 -4.85
C MET B 41 11.00 -2.28 -5.38
N LYS B 42 11.94 -2.61 -6.25
CA LYS B 42 12.11 -3.97 -6.76
C LYS B 42 12.38 -4.93 -5.62
N ARG B 43 13.36 -4.59 -4.79
CA ARG B 43 13.70 -5.40 -3.62
C ARG B 43 12.54 -5.42 -2.62
N VAL B 44 11.62 -4.47 -2.76
CA VAL B 44 10.44 -4.40 -1.92
C VAL B 44 9.42 -5.43 -2.38
N VAL B 45 9.14 -5.45 -3.69
CA VAL B 45 8.32 -6.49 -4.30
C VAL B 45 8.93 -7.85 -4.01
N GLN B 46 10.24 -7.89 -4.17
CA GLN B 46 11.01 -9.09 -3.96
C GLN B 46 10.98 -9.53 -2.50
N HIS B 47 10.94 -8.55 -1.60
CA HIS B 47 10.82 -8.80 -0.17
C HIS B 47 9.56 -9.62 0.13
N THR B 48 8.44 -9.20 -0.44
CA THR B 48 7.13 -9.77 -0.14
C THR B 48 6.96 -11.17 -0.71
N LYS B 49 7.83 -11.56 -1.66
CA LYS B 49 7.71 -12.84 -2.35
C LYS B 49 7.55 -14.01 -1.38
N GLY B 50 8.41 -14.07 -0.38
CA GLY B 50 8.36 -15.16 0.57
C GLY B 50 8.35 -14.68 2.01
N CYS B 51 7.54 -13.68 2.29
CA CYS B 51 7.42 -13.14 3.62
C CYS B 51 6.61 -14.03 4.56
N LYS B 52 7.21 -14.40 5.69
CA LYS B 52 6.52 -15.13 6.75
C LYS B 52 6.33 -14.25 7.98
N ARG B 53 7.16 -13.21 8.08
CA ARG B 53 7.09 -12.29 9.22
C ARG B 53 5.93 -11.33 9.06
N LYS B 54 5.36 -11.33 7.86
CA LYS B 54 4.24 -10.46 7.56
C LYS B 54 3.00 -10.81 8.37
N THR B 55 2.69 -12.11 8.44
CA THR B 55 1.51 -12.56 9.15
C THR B 55 1.66 -12.30 10.66
N ASN B 56 2.89 -12.00 11.08
CA ASN B 56 3.18 -11.69 12.46
C ASN B 56 3.25 -10.18 12.65
N GLY B 57 2.80 -9.46 11.64
CA GLY B 57 2.75 -8.01 11.67
C GLY B 57 4.11 -7.36 11.79
N GLY B 58 5.12 -7.99 11.19
CA GLY B 58 6.45 -7.43 11.24
C GLY B 58 6.86 -6.81 9.92
N CYS B 59 5.95 -6.86 8.96
CA CYS B 59 6.18 -6.24 7.66
C CYS B 59 5.44 -4.91 7.51
N PRO B 60 6.13 -3.78 7.72
CA PRO B 60 5.58 -2.45 7.45
C PRO B 60 5.59 -2.18 5.96
N ILE B 61 6.43 -2.93 5.27
CA ILE B 61 6.54 -2.84 3.83
C ILE B 61 5.37 -3.54 3.18
N CYS B 62 5.19 -4.82 3.49
CA CYS B 62 4.01 -5.54 3.03
C CYS B 62 2.74 -4.79 3.41
N LYS B 63 2.76 -4.17 4.59
CA LYS B 63 1.66 -3.32 5.05
C LYS B 63 1.46 -2.13 4.12
N GLN B 64 2.54 -1.59 3.59
CA GLN B 64 2.48 -0.44 2.71
C GLN B 64 1.99 -0.86 1.32
N LEU B 65 2.51 -1.98 0.81
CA LEU B 65 2.00 -2.54 -0.43
C LEU B 65 0.51 -2.77 -0.31
N ILE B 66 0.13 -3.50 0.74
CA ILE B 66 -1.29 -3.68 1.08
C ILE B 66 -2.02 -2.33 1.07
N ALA B 67 -1.49 -1.35 1.79
CA ALA B 67 -2.09 -0.03 1.88
C ALA B 67 -2.31 0.60 0.51
N LEU B 68 -1.25 0.64 -0.29
CA LEU B 68 -1.32 1.29 -1.60
C LEU B 68 -2.13 0.46 -2.59
N ALA B 69 -1.85 -0.84 -2.63
CA ALA B 69 -2.46 -1.72 -3.63
C ALA B 69 -3.95 -1.83 -3.44
N ALA B 70 -4.43 -1.63 -2.23
CA ALA B 70 -5.86 -1.63 -1.97
C ALA B 70 -6.52 -0.44 -2.67
N TYR B 71 -5.85 0.69 -2.58
CA TYR B 71 -6.25 1.90 -3.30
C TYR B 71 -6.08 1.72 -4.80
N HIS B 72 -4.96 1.13 -5.19
CA HIS B 72 -4.63 0.93 -6.58
C HIS B 72 -5.60 -0.07 -7.23
N ALA B 73 -5.92 -1.14 -6.50
CA ALA B 73 -6.79 -2.19 -7.01
C ALA B 73 -8.23 -1.71 -7.12
N LYS B 74 -8.54 -0.59 -6.48
CA LYS B 74 -9.88 0.00 -6.56
C LYS B 74 -10.27 0.28 -8.00
N HIS B 75 -9.27 0.57 -8.82
CA HIS B 75 -9.50 0.93 -10.22
C HIS B 75 -9.10 -0.22 -11.14
N CYS B 76 -8.62 -1.30 -10.54
CA CYS B 76 -8.06 -2.40 -11.31
C CYS B 76 -9.10 -3.42 -11.72
N GLN B 77 -9.35 -3.50 -13.01
CA GLN B 77 -10.31 -4.44 -13.58
C GLN B 77 -9.59 -5.63 -14.19
N GLU B 78 -8.27 -5.50 -14.27
CA GLU B 78 -7.43 -6.53 -14.86
C GLU B 78 -7.30 -7.73 -13.92
N ASN B 79 -7.52 -8.92 -14.46
CA ASN B 79 -7.37 -10.15 -13.70
C ASN B 79 -5.90 -10.46 -13.47
N LYS B 80 -5.05 -9.79 -14.24
CA LYS B 80 -3.61 -9.86 -14.04
C LYS B 80 -3.05 -8.44 -13.99
N CYS B 81 -2.36 -8.12 -12.91
CA CYS B 81 -1.90 -6.76 -12.70
C CYS B 81 -0.50 -6.76 -12.10
N PRO B 82 0.35 -5.85 -12.61
CA PRO B 82 1.75 -5.66 -12.19
C PRO B 82 2.03 -5.92 -10.70
N VAL B 83 1.61 -4.99 -9.82
CA VAL B 83 1.97 -5.10 -8.40
C VAL B 83 1.48 -6.39 -7.76
N PRO B 84 2.16 -6.81 -6.69
CA PRO B 84 1.91 -8.09 -6.03
C PRO B 84 0.58 -8.17 -5.29
N PHE B 85 0.33 -7.18 -4.43
CA PHE B 85 -0.82 -7.25 -3.55
C PHE B 85 -2.11 -6.83 -4.23
N CYS B 86 -2.03 -6.41 -5.47
CA CYS B 86 -3.22 -5.99 -6.19
C CYS B 86 -4.16 -7.16 -6.37
N LEU B 87 -3.60 -8.27 -6.83
CA LEU B 87 -4.37 -9.48 -7.02
C LEU B 87 -4.67 -10.11 -5.67
N ASN B 88 -3.84 -9.80 -4.68
CA ASN B 88 -4.09 -10.24 -3.32
C ASN B 88 -5.41 -9.67 -2.80
N ILE B 89 -5.63 -8.36 -3.01
CA ILE B 89 -6.89 -7.72 -2.64
C ILE B 89 -8.09 -8.50 -3.19
N LYS B 90 -8.07 -8.78 -4.49
CA LYS B 90 -9.19 -9.46 -5.13
C LYS B 90 -9.29 -10.90 -4.62
N GLN B 91 -8.14 -11.53 -4.40
CA GLN B 91 -8.08 -12.90 -3.94
C GLN B 91 -8.40 -13.00 -2.45
N LYS B 92 -9.69 -13.02 -2.15
CA LYS B 92 -10.17 -13.18 -0.79
C LYS B 92 -11.34 -14.14 -0.75
ZN ZN C . 12.53 -0.55 -13.53
ZN ZN D . 7.06 -8.47 3.82
ZN ZN E . -3.62 -3.31 -9.98
N GLY A 1 -26.78 -9.02 -1.00
CA GLY A 1 -26.17 -7.72 -0.66
C GLY A 1 -26.06 -7.52 0.83
N SER A 2 -24.97 -6.92 1.28
CA SER A 2 -24.73 -6.71 2.69
C SER A 2 -25.43 -5.44 3.17
N ARG A 3 -26.50 -5.61 3.93
CA ARG A 3 -27.16 -4.48 4.55
C ARG A 3 -26.56 -4.21 5.91
N ALA A 4 -26.06 -5.27 6.55
CA ALA A 4 -25.48 -5.18 7.89
C ALA A 4 -24.38 -4.11 7.96
N SER A 5 -23.57 -4.04 6.91
CA SER A 5 -22.47 -3.10 6.87
C SER A 5 -22.93 -1.70 6.48
N CYS A 6 -24.01 -1.63 5.70
CA CYS A 6 -24.50 -0.35 5.19
C CYS A 6 -25.52 0.28 6.13
N MET A 7 -26.10 -0.52 7.01
CA MET A 7 -26.99 0.00 8.04
C MET A 7 -26.17 0.66 9.13
N GLN A 8 -24.90 0.27 9.19
CA GLN A 8 -23.93 0.89 10.09
C GLN A 8 -22.84 1.54 9.25
N MET A 9 -21.66 1.70 9.82
CA MET A 9 -20.51 2.15 9.05
C MET A 9 -19.85 0.94 8.40
N ASP A 10 -19.70 0.98 7.09
CA ASP A 10 -19.17 -0.14 6.34
C ASP A 10 -17.75 -0.44 6.77
N ASP A 11 -17.45 -1.73 6.90
CA ASP A 11 -16.10 -2.17 7.23
C ASP A 11 -15.16 -1.93 6.07
N VAL A 12 -15.75 -1.66 4.91
CA VAL A 12 -14.99 -1.44 3.70
C VAL A 12 -14.49 0.01 3.63
N ILE A 13 -15.28 0.93 4.19
CA ILE A 13 -14.90 2.33 4.20
C ILE A 13 -14.04 2.64 5.41
N ASP A 14 -14.29 1.94 6.51
CA ASP A 14 -13.48 2.10 7.72
C ASP A 14 -12.02 1.80 7.40
N ASP A 15 -11.83 0.80 6.55
CA ASP A 15 -10.51 0.45 6.04
C ASP A 15 -9.90 1.63 5.29
N ILE A 16 -10.69 2.19 4.36
CA ILE A 16 -10.27 3.33 3.55
C ILE A 16 -9.91 4.52 4.44
N ILE A 17 -10.80 4.85 5.37
CA ILE A 17 -10.57 5.92 6.34
C ILE A 17 -9.24 5.73 7.06
N SER A 18 -9.03 4.52 7.53
CA SER A 18 -7.81 4.16 8.24
C SER A 18 -6.58 4.32 7.35
N LEU A 19 -6.75 4.09 6.05
CA LEU A 19 -5.65 4.22 5.11
C LEU A 19 -5.33 5.68 4.81
N GLU A 20 -6.36 6.48 4.59
CA GLU A 20 -6.15 7.88 4.26
C GLU A 20 -5.73 8.69 5.49
N SER A 21 -5.86 8.09 6.66
CA SER A 21 -5.43 8.73 7.88
C SER A 21 -4.06 8.19 8.33
N SER A 22 -3.91 6.88 8.33
CA SER A 22 -2.69 6.24 8.79
C SER A 22 -2.39 5.01 7.95
N TYR A 23 -2.15 5.23 6.65
CA TYR A 23 -1.87 4.13 5.71
C TYR A 23 -0.77 3.21 6.24
N ASN A 24 0.34 3.80 6.64
CA ASN A 24 1.41 3.07 7.29
C ASN A 24 2.45 4.06 7.78
N GLU A 25 2.05 4.85 8.76
CA GLU A 25 2.92 5.86 9.33
C GLU A 25 4.02 5.21 10.14
N GLU A 26 3.92 3.91 10.32
CA GLU A 26 4.91 3.11 11.03
C GLU A 26 6.32 3.40 10.54
N ILE A 27 6.49 3.56 9.23
CA ILE A 27 7.81 3.81 8.67
C ILE A 27 8.08 5.33 8.60
N LEU A 28 7.02 6.11 8.44
CA LEU A 28 7.12 7.57 8.47
C LEU A 28 7.70 8.02 9.80
N GLY A 29 6.98 7.68 10.87
CA GLY A 29 7.49 7.89 12.21
C GLY A 29 8.18 6.66 12.74
N LEU A 30 9.17 6.18 11.98
CA LEU A 30 9.89 4.96 12.31
C LEU A 30 10.43 4.96 13.74
N MET A 31 10.11 3.91 14.47
CA MET A 31 10.60 3.76 15.83
C MET A 31 11.98 3.12 15.81
N ASP A 32 12.89 3.70 16.56
CA ASP A 32 14.27 3.21 16.59
C ASP A 32 14.50 2.36 17.82
N PRO A 33 15.11 1.17 17.64
CA PRO A 33 15.36 0.23 18.73
C PRO A 33 16.49 0.70 19.67
N ALA A 34 16.18 1.72 20.45
CA ALA A 34 17.11 2.21 21.45
C ALA A 34 16.74 1.65 22.81
N GLY B 1 -1.54 22.01 20.79
CA GLY B 1 -2.24 21.68 19.53
C GLY B 1 -1.28 21.24 18.45
N SER B 2 -1.26 19.94 18.18
CA SER B 2 -0.42 19.39 17.12
C SER B 2 -1.17 18.27 16.41
N ALA B 3 -1.41 18.45 15.12
CA ALA B 3 -2.18 17.49 14.35
C ALA B 3 -1.32 16.31 13.94
N THR B 4 -1.49 15.19 14.62
CA THR B 4 -0.81 13.96 14.26
C THR B 4 -1.48 13.32 13.05
N GLN B 5 -2.68 13.79 12.73
CA GLN B 5 -3.43 13.33 11.58
C GLN B 5 -2.74 13.74 10.28
N SER B 6 -2.23 12.77 9.55
CA SER B 6 -1.63 13.01 8.26
C SER B 6 -2.72 13.27 7.22
N PRO B 7 -2.62 14.41 6.50
CA PRO B 7 -3.60 14.79 5.50
C PRO B 7 -3.77 13.73 4.42
N GLY B 8 -5.02 13.40 4.12
CA GLY B 8 -5.33 12.44 3.08
C GLY B 8 -4.79 12.88 1.75
N ASP B 9 -4.68 14.20 1.57
CA ASP B 9 -4.08 14.78 0.38
C ASP B 9 -2.62 14.39 0.28
N SER B 10 -1.92 14.52 1.39
CA SER B 10 -0.49 14.25 1.45
C SER B 10 -0.22 12.76 1.28
N ARG B 11 -0.98 11.93 1.97
CA ARG B 11 -0.83 10.50 1.87
C ARG B 11 -1.22 10.02 0.48
N ARG B 12 -2.08 10.77 -0.20
CA ARG B 12 -2.54 10.41 -1.52
C ARG B 12 -1.39 10.46 -2.51
N LEU B 13 -0.73 11.61 -2.60
CA LEU B 13 0.40 11.75 -3.51
C LEU B 13 1.55 10.87 -3.05
N SER B 14 1.70 10.74 -1.73
CA SER B 14 2.69 9.84 -1.16
C SER B 14 2.48 8.42 -1.68
N ILE B 15 1.26 7.92 -1.56
CA ILE B 15 0.91 6.62 -2.12
C ILE B 15 1.17 6.56 -3.62
N GLN B 16 0.56 7.46 -4.38
CA GLN B 16 0.65 7.45 -5.84
C GLN B 16 2.09 7.32 -6.34
N ARG B 17 2.99 8.13 -5.77
CA ARG B 17 4.41 8.09 -6.12
C ARG B 17 4.94 6.68 -5.91
N ALA B 18 4.67 6.15 -4.73
CA ALA B 18 5.08 4.80 -4.38
C ALA B 18 4.48 3.77 -5.33
N ILE B 19 3.22 3.97 -5.70
CA ILE B 19 2.53 3.04 -6.56
C ILE B 19 3.17 2.98 -7.94
N GLN B 20 3.54 4.14 -8.47
CA GLN B 20 4.27 4.21 -9.73
C GLN B 20 5.55 3.40 -9.66
N SER B 21 6.25 3.50 -8.54
CA SER B 21 7.44 2.72 -8.29
C SER B 21 7.10 1.23 -8.22
N LEU B 22 6.06 0.92 -7.46
CA LEU B 22 5.67 -0.45 -7.20
C LEU B 22 5.30 -1.17 -8.47
N VAL B 23 4.45 -0.57 -9.29
CA VAL B 23 4.01 -1.22 -10.51
C VAL B 23 5.17 -1.44 -11.46
N HIS B 24 6.03 -0.44 -11.62
CA HIS B 24 7.19 -0.59 -12.49
C HIS B 24 8.07 -1.73 -12.00
N ALA B 25 8.51 -1.62 -10.75
CA ALA B 25 9.40 -2.61 -10.15
C ALA B 25 8.80 -4.02 -10.14
N ALA B 26 7.48 -4.09 -10.11
CA ALA B 26 6.78 -5.37 -10.09
C ALA B 26 6.91 -6.13 -11.41
N GLN B 27 6.88 -5.38 -12.52
CA GLN B 27 6.84 -6.01 -13.84
C GLN B 27 8.12 -5.77 -14.61
N CYS B 28 8.93 -4.85 -14.10
CA CYS B 28 10.20 -4.52 -14.72
C CYS B 28 11.06 -5.77 -14.87
N ARG B 29 11.21 -6.22 -16.11
CA ARG B 29 11.98 -7.42 -16.39
C ARG B 29 13.46 -7.08 -16.51
N ASN B 30 13.73 -5.79 -16.71
CA ASN B 30 15.10 -5.31 -16.81
C ASN B 30 15.83 -5.55 -15.49
N ALA B 31 16.92 -6.29 -15.58
CA ALA B 31 17.69 -6.68 -14.41
C ALA B 31 18.72 -5.62 -14.04
N ASN B 32 19.06 -4.77 -15.01
CA ASN B 32 20.04 -3.71 -14.76
C ASN B 32 19.35 -2.38 -14.50
N CYS B 33 18.04 -2.34 -14.70
CA CYS B 33 17.27 -1.13 -14.44
C CYS B 33 17.28 -0.77 -12.97
N SER B 34 17.90 0.34 -12.66
CA SER B 34 17.83 0.88 -11.32
C SER B 34 17.52 2.36 -11.37
N LEU B 35 16.33 2.68 -11.88
CA LEU B 35 15.89 4.05 -11.79
C LEU B 35 15.65 4.40 -10.33
N PRO B 36 15.45 5.69 -10.02
CA PRO B 36 15.43 6.20 -8.64
C PRO B 36 14.73 5.27 -7.65
N SER B 37 13.46 5.03 -7.89
CA SER B 37 12.66 4.19 -7.01
C SER B 37 12.65 2.72 -7.44
N CYS B 38 12.84 2.43 -8.74
CA CYS B 38 12.64 1.07 -9.25
C CYS B 38 13.55 0.07 -8.57
N GLN B 39 14.82 0.44 -8.41
CA GLN B 39 15.80 -0.44 -7.78
C GLN B 39 15.36 -0.85 -6.38
N LYS B 40 15.11 0.15 -5.54
CA LYS B 40 14.69 -0.09 -4.17
C LYS B 40 13.38 -0.83 -4.14
N MET B 41 12.43 -0.29 -4.88
CA MET B 41 11.07 -0.85 -4.93
C MET B 41 11.08 -2.27 -5.49
N LYS B 42 12.05 -2.56 -6.34
CA LYS B 42 12.25 -3.89 -6.88
C LYS B 42 12.53 -4.89 -5.76
N ARG B 43 13.51 -4.57 -4.92
CA ARG B 43 13.86 -5.42 -3.80
C ARG B 43 12.74 -5.44 -2.78
N VAL B 44 11.87 -4.45 -2.86
CA VAL B 44 10.70 -4.38 -2.00
C VAL B 44 9.62 -5.34 -2.50
N VAL B 45 9.36 -5.34 -3.80
CA VAL B 45 8.48 -6.32 -4.41
C VAL B 45 9.03 -7.71 -4.14
N GLN B 46 10.32 -7.83 -4.37
CA GLN B 46 11.06 -9.08 -4.17
C GLN B 46 11.11 -9.47 -2.70
N HIS B 47 10.84 -8.50 -1.84
CA HIS B 47 10.81 -8.73 -0.40
C HIS B 47 9.49 -9.39 0.00
N THR B 48 8.45 -9.12 -0.77
CA THR B 48 7.14 -9.67 -0.49
C THR B 48 7.09 -11.14 -0.90
N LYS B 49 8.01 -11.52 -1.80
CA LYS B 49 8.17 -12.88 -2.28
C LYS B 49 8.32 -13.87 -1.12
N GLY B 50 9.07 -13.47 -0.12
CA GLY B 50 9.29 -14.32 1.04
C GLY B 50 9.48 -13.52 2.30
N CYS B 51 8.52 -12.64 2.57
CA CYS B 51 8.59 -11.76 3.73
C CYS B 51 8.10 -12.47 4.98
N LYS B 52 8.68 -12.13 6.13
CA LYS B 52 8.35 -12.78 7.38
C LYS B 52 7.77 -11.77 8.38
N ARG B 53 7.31 -12.28 9.54
CA ARG B 53 6.72 -11.46 10.61
C ARG B 53 5.32 -10.97 10.23
N LYS B 54 5.08 -10.90 8.94
CA LYS B 54 3.91 -10.28 8.38
C LYS B 54 2.64 -11.05 8.71
N THR B 55 2.79 -12.35 8.97
CA THR B 55 1.66 -13.19 9.32
C THR B 55 1.05 -12.74 10.65
N ASN B 56 1.81 -11.97 11.42
CA ASN B 56 1.34 -11.44 12.68
C ASN B 56 1.15 -9.93 12.58
N GLY B 57 1.10 -9.43 11.35
CA GLY B 57 0.99 -8.01 11.13
C GLY B 57 2.28 -7.28 11.46
N GLY B 58 3.38 -7.97 11.27
CA GLY B 58 4.68 -7.38 11.58
C GLY B 58 5.16 -6.43 10.52
N CYS B 59 5.37 -6.94 9.31
CA CYS B 59 5.88 -6.14 8.20
C CYS B 59 5.05 -4.87 7.94
N PRO B 60 5.68 -3.69 8.06
CA PRO B 60 5.09 -2.40 7.69
C PRO B 60 5.12 -2.15 6.19
N ILE B 61 6.13 -2.70 5.54
CA ILE B 61 6.31 -2.54 4.10
C ILE B 61 5.19 -3.25 3.35
N CYS B 62 4.96 -4.51 3.68
CA CYS B 62 3.86 -5.26 3.09
C CYS B 62 2.53 -4.63 3.48
N LYS B 63 2.51 -3.99 4.65
CA LYS B 63 1.35 -3.22 5.08
C LYS B 63 1.14 -2.03 4.15
N GLN B 64 2.23 -1.45 3.65
CA GLN B 64 2.16 -0.37 2.67
C GLN B 64 1.82 -0.91 1.29
N LEU B 65 2.52 -1.96 0.87
CA LEU B 65 2.26 -2.62 -0.40
C LEU B 65 0.78 -2.98 -0.48
N ILE B 66 0.23 -3.43 0.64
CA ILE B 66 -1.20 -3.67 0.79
C ILE B 66 -1.97 -2.34 0.76
N ALA B 67 -1.53 -1.40 1.58
CA ALA B 67 -2.18 -0.09 1.70
C ALA B 67 -2.37 0.60 0.36
N LEU B 68 -1.27 0.73 -0.39
CA LEU B 68 -1.30 1.44 -1.66
C LEU B 68 -2.07 0.63 -2.68
N ALA B 69 -1.78 -0.66 -2.75
CA ALA B 69 -2.38 -1.54 -3.74
C ALA B 69 -3.90 -1.60 -3.55
N ALA B 70 -4.36 -1.40 -2.33
CA ALA B 70 -5.78 -1.36 -2.04
C ALA B 70 -6.43 -0.15 -2.70
N TYR B 71 -5.83 1.02 -2.47
CA TYR B 71 -6.23 2.26 -3.12
C TYR B 71 -6.16 2.10 -4.63
N HIS B 72 -5.09 1.50 -5.10
CA HIS B 72 -4.90 1.28 -6.52
C HIS B 72 -5.96 0.30 -7.06
N ALA B 73 -6.19 -0.77 -6.31
CA ALA B 73 -7.13 -1.81 -6.70
C ALA B 73 -8.56 -1.30 -6.76
N LYS B 74 -8.79 -0.15 -6.13
CA LYS B 74 -10.08 0.51 -6.21
C LYS B 74 -10.42 0.88 -7.65
N HIS B 75 -9.40 1.11 -8.45
CA HIS B 75 -9.57 1.50 -9.84
C HIS B 75 -8.66 0.70 -10.77
N CYS B 76 -8.47 -0.59 -10.49
CA CYS B 76 -7.55 -1.40 -11.27
C CYS B 76 -8.28 -2.23 -12.33
N GLN B 77 -7.50 -2.97 -13.12
CA GLN B 77 -8.01 -3.84 -14.18
C GLN B 77 -8.51 -5.16 -13.57
N GLU B 78 -8.06 -5.42 -12.34
CA GLU B 78 -8.53 -6.53 -11.51
C GLU B 78 -8.01 -7.89 -11.98
N ASN B 79 -8.40 -8.30 -13.18
CA ASN B 79 -8.09 -9.63 -13.69
C ASN B 79 -6.58 -9.89 -13.71
N LYS B 80 -5.83 -8.96 -14.30
CA LYS B 80 -4.39 -9.06 -14.33
C LYS B 80 -3.75 -7.75 -13.92
N CYS B 81 -2.76 -7.83 -13.06
CA CYS B 81 -2.08 -6.65 -12.56
C CYS B 81 -0.63 -6.97 -12.21
N PRO B 82 0.29 -6.01 -12.45
CA PRO B 82 1.71 -6.17 -12.19
C PRO B 82 2.07 -6.22 -10.70
N VAL B 83 1.62 -5.23 -9.92
CA VAL B 83 1.95 -5.20 -8.50
C VAL B 83 1.40 -6.43 -7.78
N PRO B 84 2.09 -6.80 -6.71
CA PRO B 84 1.86 -8.06 -5.98
C PRO B 84 0.58 -8.10 -5.15
N PHE B 85 0.39 -7.11 -4.30
CA PHE B 85 -0.70 -7.15 -3.33
C PHE B 85 -2.01 -6.67 -3.91
N CYS B 86 -2.00 -6.21 -5.15
CA CYS B 86 -3.21 -5.71 -5.76
C CYS B 86 -4.16 -6.87 -6.04
N LEU B 87 -3.58 -7.99 -6.47
CA LEU B 87 -4.35 -9.22 -6.61
C LEU B 87 -4.69 -9.77 -5.24
N ASN B 88 -3.82 -9.49 -4.26
CA ASN B 88 -4.07 -9.88 -2.88
C ASN B 88 -5.35 -9.24 -2.34
N ILE B 89 -5.60 -7.99 -2.69
CA ILE B 89 -6.86 -7.33 -2.36
C ILE B 89 -8.03 -8.07 -2.98
N LYS B 90 -7.89 -8.41 -4.25
CA LYS B 90 -8.98 -9.02 -5.00
C LYS B 90 -9.27 -10.42 -4.49
N GLN B 91 -8.26 -11.12 -4.01
CA GLN B 91 -8.43 -12.46 -3.48
C GLN B 91 -8.52 -12.42 -1.95
N LYS B 92 -9.70 -12.73 -1.44
CA LYS B 92 -9.96 -12.76 0.00
C LYS B 92 -9.66 -11.40 0.64
ZN ZN C . 12.76 -0.61 -13.75
ZN ZN D . 7.19 -7.21 3.77
ZN ZN E . -3.55 -3.25 -9.78
N GLY A 1 -24.89 1.19 -7.22
CA GLY A 1 -24.58 0.06 -6.29
C GLY A 1 -25.82 -0.68 -5.88
N SER A 2 -25.63 -1.86 -5.29
CA SER A 2 -26.75 -2.68 -4.86
C SER A 2 -27.45 -2.06 -3.65
N ARG A 3 -28.66 -1.56 -3.86
CA ARG A 3 -29.44 -0.96 -2.78
C ARG A 3 -30.02 -2.03 -1.86
N ALA A 4 -29.94 -3.28 -2.30
CA ALA A 4 -30.38 -4.42 -1.49
C ALA A 4 -29.33 -4.73 -0.42
N SER A 5 -28.20 -4.05 -0.50
CA SER A 5 -27.11 -4.25 0.44
C SER A 5 -26.93 -3.02 1.32
N CYS A 6 -27.96 -2.20 1.43
CA CYS A 6 -27.88 -0.95 2.19
C CYS A 6 -27.90 -1.24 3.69
N MET A 7 -28.34 -2.44 4.05
CA MET A 7 -28.35 -2.86 5.45
C MET A 7 -26.93 -3.18 5.92
N GLN A 8 -26.05 -3.41 4.96
CA GLN A 8 -24.66 -3.74 5.25
C GLN A 8 -23.85 -2.47 5.41
N MET A 9 -23.06 -2.40 6.47
CA MET A 9 -22.22 -1.23 6.71
C MET A 9 -20.82 -1.46 6.14
N ASP A 10 -20.38 -0.53 5.31
CA ASP A 10 -19.08 -0.64 4.64
C ASP A 10 -17.95 -0.61 5.65
N ASP A 11 -17.11 -1.63 5.59
CA ASP A 11 -15.90 -1.66 6.39
C ASP A 11 -14.77 -0.98 5.63
N VAL A 12 -14.91 -1.00 4.31
CA VAL A 12 -13.89 -0.50 3.40
C VAL A 12 -13.70 1.00 3.55
N ILE A 13 -14.79 1.68 3.90
CA ILE A 13 -14.77 3.13 4.05
C ILE A 13 -13.92 3.53 5.25
N ASP A 14 -13.99 2.74 6.31
CA ASP A 14 -13.20 3.01 7.51
C ASP A 14 -11.72 2.77 7.23
N ASP A 15 -11.45 1.81 6.36
CA ASP A 15 -10.08 1.52 5.94
C ASP A 15 -9.48 2.74 5.26
N ILE A 16 -10.30 3.44 4.47
CA ILE A 16 -9.88 4.64 3.76
C ILE A 16 -9.31 5.67 4.74
N ILE A 17 -10.06 5.97 5.80
CA ILE A 17 -9.63 6.92 6.82
C ILE A 17 -8.24 6.56 7.35
N SER A 18 -8.09 5.32 7.76
CA SER A 18 -6.82 4.85 8.30
C SER A 18 -5.71 4.89 7.24
N LEU A 19 -6.08 4.60 6.00
CA LEU A 19 -5.13 4.64 4.88
C LEU A 19 -4.59 6.05 4.70
N GLU A 20 -5.50 7.03 4.69
CA GLU A 20 -5.13 8.42 4.52
C GLU A 20 -4.34 8.93 5.72
N SER A 21 -4.87 8.68 6.91
CA SER A 21 -4.27 9.19 8.14
C SER A 21 -2.92 8.56 8.43
N SER A 22 -2.82 7.24 8.30
CA SER A 22 -1.60 6.53 8.62
C SER A 22 -1.64 5.10 8.10
N TYR A 23 -1.55 4.94 6.79
CA TYR A 23 -1.51 3.61 6.17
C TYR A 23 -0.39 2.77 6.79
N ASN A 24 0.76 3.38 6.96
CA ASN A 24 1.92 2.77 7.62
C ASN A 24 3.05 3.78 7.60
N GLU A 25 2.86 4.87 8.29
CA GLU A 25 3.83 5.95 8.29
C GLU A 25 4.97 5.67 9.24
N GLU A 26 4.84 4.56 9.98
CA GLU A 26 5.88 4.10 10.90
C GLU A 26 7.27 4.16 10.26
N ILE A 27 7.40 3.68 9.04
CA ILE A 27 8.70 3.63 8.38
C ILE A 27 9.09 5.01 7.84
N LEU A 28 8.09 5.83 7.53
CA LEU A 28 8.31 7.19 7.07
C LEU A 28 8.82 8.06 8.21
N GLY A 29 8.00 8.22 9.24
CA GLY A 29 8.35 9.08 10.34
C GLY A 29 8.68 10.48 9.87
N LEU A 30 7.89 10.97 8.92
CA LEU A 30 8.08 12.31 8.37
C LEU A 30 8.06 13.36 9.47
N MET A 31 9.05 14.23 9.43
CA MET A 31 9.18 15.27 10.45
C MET A 31 8.27 16.44 10.13
N ASP A 32 7.60 16.95 11.15
CA ASP A 32 6.71 18.08 11.00
C ASP A 32 7.51 19.38 10.82
N PRO A 33 7.09 20.23 9.88
CA PRO A 33 7.79 21.47 9.57
C PRO A 33 7.42 22.61 10.53
N ALA A 34 7.43 22.30 11.82
CA ALA A 34 7.13 23.25 12.88
C ALA A 34 5.77 23.92 12.67
N GLY B 1 -2.72 22.03 18.54
CA GLY B 1 -2.89 20.56 18.73
C GLY B 1 -1.84 19.77 17.98
N SER B 2 -1.88 18.46 18.13
CA SER B 2 -0.93 17.59 17.47
C SER B 2 -1.47 17.16 16.10
N ALA B 3 -1.02 17.84 15.05
CA ALA B 3 -1.46 17.52 13.69
C ALA B 3 -0.86 16.20 13.25
N THR B 4 -1.63 15.13 13.35
CA THR B 4 -1.12 13.80 13.03
C THR B 4 -1.97 13.13 11.94
N GLN B 5 -3.01 13.82 11.49
CA GLN B 5 -3.85 13.30 10.43
C GLN B 5 -3.36 13.81 9.08
N SER B 6 -2.78 12.92 8.29
CA SER B 6 -2.22 13.28 7.00
C SER B 6 -3.33 13.66 6.01
N PRO B 7 -3.25 14.86 5.42
CA PRO B 7 -4.22 15.33 4.43
C PRO B 7 -4.40 14.34 3.30
N GLY B 8 -5.63 13.86 3.14
CA GLY B 8 -5.93 12.80 2.19
C GLY B 8 -5.50 13.10 0.77
N ASP B 9 -5.62 14.36 0.36
CA ASP B 9 -5.26 14.74 -1.01
C ASP B 9 -3.76 14.59 -1.25
N SER B 10 -2.97 15.24 -0.42
CA SER B 10 -1.52 15.18 -0.54
C SER B 10 -1.01 13.76 -0.29
N ARG B 11 -1.66 13.07 0.63
CA ARG B 11 -1.28 11.70 0.96
C ARG B 11 -1.65 10.75 -0.17
N ARG B 12 -2.71 11.07 -0.88
CA ARG B 12 -3.14 10.28 -2.01
C ARG B 12 -2.06 10.26 -3.08
N LEU B 13 -1.60 11.45 -3.47
CA LEU B 13 -0.59 11.58 -4.51
C LEU B 13 0.75 11.06 -4.02
N SER B 14 1.01 11.19 -2.73
CA SER B 14 2.19 10.62 -2.11
C SER B 14 2.18 9.10 -2.27
N ILE B 15 1.05 8.47 -1.96
CA ILE B 15 0.85 7.06 -2.29
C ILE B 15 1.16 6.78 -3.75
N GLN B 16 0.56 7.56 -4.64
CA GLN B 16 0.78 7.42 -6.09
C GLN B 16 2.26 7.37 -6.42
N ARG B 17 3.05 8.22 -5.77
CA ARG B 17 4.50 8.27 -6.03
C ARG B 17 5.13 6.93 -5.71
N ALA B 18 4.77 6.38 -4.56
CA ALA B 18 5.22 5.06 -4.16
C ALA B 18 4.69 4.01 -5.13
N ILE B 19 3.44 4.19 -5.54
CA ILE B 19 2.81 3.26 -6.45
C ILE B 19 3.51 3.24 -7.80
N GLN B 20 3.91 4.41 -8.28
CA GLN B 20 4.71 4.51 -9.49
C GLN B 20 5.90 3.56 -9.44
N SER B 21 6.56 3.55 -8.29
CA SER B 21 7.67 2.66 -8.06
C SER B 21 7.22 1.21 -8.00
N LEU B 22 6.12 0.98 -7.28
CA LEU B 22 5.62 -0.37 -7.03
C LEU B 22 5.20 -1.04 -8.33
N VAL B 23 4.39 -0.35 -9.13
CA VAL B 23 3.86 -0.94 -10.34
C VAL B 23 4.97 -1.20 -11.36
N HIS B 24 5.91 -0.26 -11.45
CA HIS B 24 7.04 -0.43 -12.35
C HIS B 24 7.94 -1.57 -11.89
N ALA B 25 8.38 -1.52 -10.63
CA ALA B 25 9.27 -2.54 -10.08
C ALA B 25 8.62 -3.93 -10.08
N ALA B 26 7.30 -3.96 -9.98
CA ALA B 26 6.57 -5.22 -9.95
C ALA B 26 6.69 -5.99 -11.26
N GLN B 27 6.88 -5.28 -12.35
CA GLN B 27 6.97 -5.90 -13.67
C GLN B 27 8.19 -5.43 -14.45
N CYS B 28 9.21 -4.96 -13.73
CA CYS B 28 10.41 -4.49 -14.40
C CYS B 28 11.29 -5.67 -14.77
N ARG B 29 11.58 -5.79 -16.05
CA ARG B 29 12.48 -6.83 -16.52
C ARG B 29 13.74 -6.20 -17.10
N ASN B 30 13.80 -4.88 -17.02
CA ASN B 30 14.94 -4.14 -17.53
C ASN B 30 16.14 -4.28 -16.61
N ALA B 31 17.18 -4.89 -17.14
CA ALA B 31 18.39 -5.17 -16.38
C ALA B 31 19.20 -3.89 -16.17
N ASN B 32 19.03 -2.94 -17.07
CA ASN B 32 19.76 -1.68 -16.99
C ASN B 32 18.87 -0.54 -16.48
N CYS B 33 17.72 -0.90 -15.92
CA CYS B 33 16.83 0.07 -15.27
C CYS B 33 17.60 1.00 -14.35
N SER B 34 17.46 2.30 -14.57
CA SER B 34 18.16 3.30 -13.78
C SER B 34 17.23 4.47 -13.44
N LEU B 35 16.02 4.16 -12.98
CA LEU B 35 15.05 5.17 -12.62
C LEU B 35 15.36 5.69 -11.17
N PRO B 36 14.47 6.48 -10.54
CA PRO B 36 14.60 6.75 -9.10
C PRO B 36 14.46 5.51 -8.19
N SER B 37 13.22 5.14 -7.82
CA SER B 37 12.99 4.19 -6.72
C SER B 37 12.87 2.70 -7.15
N CYS B 38 12.60 2.42 -8.43
CA CYS B 38 12.32 1.04 -8.89
C CYS B 38 13.32 0.01 -8.36
N GLN B 39 14.61 0.29 -8.47
CA GLN B 39 15.62 -0.70 -8.04
C GLN B 39 15.46 -1.09 -6.57
N LYS B 40 15.21 -0.10 -5.71
CA LYS B 40 14.89 -0.36 -4.31
C LYS B 40 13.55 -1.07 -4.20
N MET B 41 12.56 -0.48 -4.83
CA MET B 41 11.19 -0.98 -4.79
C MET B 41 11.10 -2.42 -5.31
N LYS B 42 12.01 -2.75 -6.22
CA LYS B 42 12.14 -4.10 -6.74
C LYS B 42 12.47 -5.09 -5.63
N ARG B 43 13.50 -4.78 -4.85
CA ARG B 43 13.85 -5.57 -3.68
C ARG B 43 12.69 -5.61 -2.69
N VAL B 44 11.84 -4.60 -2.73
CA VAL B 44 10.69 -4.52 -1.87
C VAL B 44 9.59 -5.48 -2.36
N VAL B 45 9.31 -5.46 -3.65
CA VAL B 45 8.38 -6.42 -4.25
C VAL B 45 8.92 -7.83 -4.07
N GLN B 46 10.22 -7.94 -4.29
CA GLN B 46 10.95 -9.20 -4.12
C GLN B 46 11.12 -9.57 -2.65
N HIS B 47 10.80 -8.64 -1.76
CA HIS B 47 10.83 -8.91 -0.32
C HIS B 47 9.57 -9.65 0.08
N THR B 48 8.51 -9.38 -0.64
CA THR B 48 7.21 -9.98 -0.36
C THR B 48 7.21 -11.45 -0.76
N LYS B 49 8.02 -11.77 -1.78
CA LYS B 49 8.28 -13.15 -2.22
C LYS B 49 8.29 -14.14 -1.06
N GLY B 50 9.21 -13.93 -0.12
CA GLY B 50 9.30 -14.81 1.02
C GLY B 50 9.31 -14.04 2.31
N CYS B 51 8.35 -13.13 2.46
CA CYS B 51 8.29 -12.29 3.64
C CYS B 51 7.36 -12.88 4.70
N LYS B 52 7.69 -12.64 5.96
CA LYS B 52 6.87 -13.08 7.06
C LYS B 52 6.31 -11.86 7.79
N ARG B 53 6.01 -12.03 9.09
CA ARG B 53 5.49 -10.95 9.95
C ARG B 53 4.05 -10.60 9.58
N LYS B 54 3.83 -10.28 8.31
CA LYS B 54 2.52 -9.84 7.83
C LYS B 54 1.49 -10.93 7.98
N THR B 55 1.93 -12.16 8.25
CA THR B 55 1.01 -13.26 8.46
C THR B 55 0.10 -12.95 9.64
N ASN B 56 0.62 -12.17 10.60
CA ASN B 56 -0.16 -11.71 11.74
C ASN B 56 -0.36 -10.20 11.65
N GLY B 57 0.01 -9.65 10.50
CA GLY B 57 -0.05 -8.22 10.29
C GLY B 57 1.12 -7.49 10.95
N GLY B 58 2.32 -8.02 10.77
CA GLY B 58 3.48 -7.44 11.40
C GLY B 58 4.41 -6.69 10.45
N CYS B 59 4.41 -7.05 9.17
CA CYS B 59 5.32 -6.40 8.23
C CYS B 59 4.81 -5.02 7.85
N PRO B 60 5.61 -3.97 8.09
CA PRO B 60 5.24 -2.59 7.75
C PRO B 60 5.36 -2.32 6.26
N ILE B 61 6.27 -3.03 5.62
CA ILE B 61 6.48 -2.87 4.20
C ILE B 61 5.36 -3.56 3.45
N CYS B 62 5.08 -4.80 3.83
CA CYS B 62 3.95 -5.51 3.25
C CYS B 62 2.64 -4.79 3.59
N LYS B 63 2.57 -4.20 4.78
CA LYS B 63 1.48 -3.28 5.12
C LYS B 63 1.33 -2.19 4.07
N GLN B 64 2.44 -1.61 3.63
CA GLN B 64 2.42 -0.57 2.63
C GLN B 64 2.12 -1.12 1.25
N LEU B 65 2.77 -2.21 0.90
CA LEU B 65 2.49 -2.90 -0.35
C LEU B 65 1.00 -3.23 -0.43
N ILE B 66 0.45 -3.69 0.68
CA ILE B 66 -0.98 -3.92 0.82
C ILE B 66 -1.75 -2.60 0.74
N ALA B 67 -1.28 -1.61 1.51
CA ALA B 67 -1.90 -0.30 1.58
C ALA B 67 -2.09 0.33 0.21
N LEU B 68 -0.99 0.51 -0.51
CA LEU B 68 -1.06 1.18 -1.80
C LEU B 68 -1.78 0.29 -2.80
N ALA B 69 -1.57 -1.02 -2.71
CA ALA B 69 -2.20 -1.95 -3.64
C ALA B 69 -3.71 -1.97 -3.47
N ALA B 70 -4.18 -1.69 -2.26
CA ALA B 70 -5.60 -1.60 -1.99
C ALA B 70 -6.19 -0.41 -2.70
N TYR B 71 -5.51 0.73 -2.54
CA TYR B 71 -5.86 1.96 -3.25
C TYR B 71 -5.73 1.77 -4.76
N HIS B 72 -4.66 1.09 -5.16
CA HIS B 72 -4.43 0.81 -6.56
C HIS B 72 -5.54 -0.11 -7.11
N ALA B 73 -5.86 -1.17 -6.36
CA ALA B 73 -6.86 -2.16 -6.76
C ALA B 73 -8.27 -1.57 -6.80
N LYS B 74 -8.43 -0.37 -6.25
CA LYS B 74 -9.71 0.33 -6.28
C LYS B 74 -10.13 0.61 -7.72
N HIS B 75 -9.17 0.62 -8.63
CA HIS B 75 -9.45 0.91 -10.03
C HIS B 75 -9.10 -0.32 -10.88
N CYS B 76 -9.00 -1.46 -10.24
CA CYS B 76 -8.57 -2.68 -10.90
C CYS B 76 -9.73 -3.66 -11.11
N GLN B 77 -10.41 -3.53 -12.24
CA GLN B 77 -11.46 -4.47 -12.61
C GLN B 77 -10.85 -5.68 -13.31
N GLU B 78 -9.57 -5.57 -13.62
CA GLU B 78 -8.80 -6.69 -14.16
C GLU B 78 -8.28 -7.55 -13.02
N ASN B 79 -8.14 -8.84 -13.28
CA ASN B 79 -7.63 -9.77 -12.29
C ASN B 79 -6.12 -9.80 -12.33
N LYS B 80 -5.57 -9.83 -13.54
CA LYS B 80 -4.12 -9.85 -13.71
C LYS B 80 -3.58 -8.43 -13.58
N CYS B 81 -2.61 -8.25 -12.69
CA CYS B 81 -2.09 -6.93 -12.41
C CYS B 81 -0.60 -6.98 -12.13
N PRO B 82 0.07 -5.82 -12.23
CA PRO B 82 1.51 -5.70 -12.00
C PRO B 82 1.89 -5.88 -10.54
N VAL B 83 1.51 -4.92 -9.69
CA VAL B 83 1.85 -5.00 -8.28
C VAL B 83 1.29 -6.27 -7.64
N PRO B 84 2.02 -6.73 -6.62
CA PRO B 84 1.85 -8.05 -6.01
C PRO B 84 0.59 -8.19 -5.15
N PHE B 85 0.39 -7.27 -4.23
CA PHE B 85 -0.67 -7.39 -3.26
C PHE B 85 -2.02 -6.96 -3.83
N CYS B 86 -2.04 -6.49 -5.07
CA CYS B 86 -3.30 -6.15 -5.71
C CYS B 86 -4.19 -7.38 -5.76
N LEU B 87 -3.60 -8.49 -6.17
CA LEU B 87 -4.30 -9.75 -6.24
C LEU B 87 -4.53 -10.30 -4.83
N ASN B 88 -3.66 -9.90 -3.91
CA ASN B 88 -3.84 -10.22 -2.49
C ASN B 88 -5.14 -9.60 -1.96
N ILE B 89 -5.41 -8.35 -2.34
CA ILE B 89 -6.68 -7.71 -2.03
C ILE B 89 -7.84 -8.56 -2.55
N LYS B 90 -7.73 -8.97 -3.81
CA LYS B 90 -8.76 -9.78 -4.44
C LYS B 90 -8.85 -11.16 -3.83
N GLN B 91 -7.85 -11.49 -3.00
CA GLN B 91 -7.76 -12.77 -2.32
C GLN B 91 -7.63 -13.91 -3.31
N LYS B 92 -7.08 -13.60 -4.48
CA LYS B 92 -6.92 -14.57 -5.54
C LYS B 92 -5.48 -15.03 -5.61
ZN ZN C . 12.57 -0.49 -13.35
ZN ZN D . 7.21 -7.64 3.98
ZN ZN E . -4.17 -3.70 -9.66
N GLY A 1 -37.32 2.42 6.89
CA GLY A 1 -36.53 2.99 5.78
C GLY A 1 -35.70 1.93 5.08
N SER A 2 -34.44 2.24 4.83
CA SER A 2 -33.55 1.32 4.15
C SER A 2 -32.24 1.23 4.92
N ARG A 3 -31.39 0.27 4.53
CA ARG A 3 -30.10 0.04 5.18
C ARG A 3 -30.27 -0.35 6.65
N ALA A 4 -31.37 -1.03 6.94
CA ALA A 4 -31.65 -1.48 8.29
C ALA A 4 -30.85 -2.74 8.60
N SER A 5 -30.47 -3.45 7.56
CA SER A 5 -29.61 -4.62 7.70
C SER A 5 -28.16 -4.19 7.56
N CYS A 6 -27.93 -2.89 7.56
CA CYS A 6 -26.60 -2.33 7.46
C CYS A 6 -26.25 -1.57 8.74
N MET A 7 -26.96 -1.90 9.81
CA MET A 7 -26.75 -1.25 11.10
C MET A 7 -25.66 -1.98 11.89
N GLN A 8 -24.50 -2.10 11.27
CA GLN A 8 -23.38 -2.81 11.86
C GLN A 8 -22.09 -2.07 11.53
N MET A 9 -21.08 -2.24 12.36
CA MET A 9 -19.79 -1.66 12.09
C MET A 9 -19.04 -2.53 11.09
N ASP A 10 -18.91 -2.02 9.88
CA ASP A 10 -18.30 -2.78 8.79
C ASP A 10 -16.81 -2.88 8.99
N ASP A 11 -16.22 -3.93 8.46
CA ASP A 11 -14.79 -4.14 8.57
C ASP A 11 -14.07 -3.47 7.43
N VAL A 12 -14.82 -3.17 6.37
CA VAL A 12 -14.25 -2.59 5.17
C VAL A 12 -14.01 -1.11 5.34
N ILE A 13 -14.83 -0.48 6.16
CA ILE A 13 -14.66 0.94 6.45
C ILE A 13 -13.47 1.14 7.36
N ASP A 14 -13.18 0.14 8.18
CA ASP A 14 -12.00 0.15 9.03
C ASP A 14 -10.75 0.22 8.17
N ASP A 15 -10.75 -0.53 7.06
CA ASP A 15 -9.64 -0.52 6.12
C ASP A 15 -9.37 0.90 5.61
N ILE A 16 -10.36 1.49 4.96
CA ILE A 16 -10.21 2.79 4.33
C ILE A 16 -9.89 3.87 5.36
N ILE A 17 -10.55 3.79 6.52
CA ILE A 17 -10.27 4.69 7.63
C ILE A 17 -8.81 4.59 8.04
N SER A 18 -8.35 3.37 8.25
CA SER A 18 -6.95 3.12 8.61
C SER A 18 -6.01 3.66 7.54
N LEU A 19 -6.33 3.37 6.27
CA LEU A 19 -5.48 3.80 5.15
C LEU A 19 -5.29 5.31 5.13
N GLU A 20 -6.39 6.05 5.32
CA GLU A 20 -6.33 7.50 5.29
C GLU A 20 -5.74 8.08 6.56
N SER A 21 -6.08 7.49 7.71
CA SER A 21 -5.60 8.00 8.99
C SER A 21 -4.15 7.64 9.23
N SER A 22 -3.86 6.35 9.25
CA SER A 22 -2.51 5.87 9.54
C SER A 22 -2.24 4.55 8.81
N TYR A 23 -2.22 4.61 7.47
CA TYR A 23 -1.90 3.44 6.63
C TYR A 23 -0.66 2.71 7.17
N ASN A 24 0.30 3.50 7.62
CA ASN A 24 1.47 3.01 8.33
C ASN A 24 2.26 4.21 8.80
N GLU A 25 1.86 4.74 9.91
CA GLU A 25 2.48 5.94 10.44
C GLU A 25 3.87 5.63 10.99
N GLU A 26 4.18 4.34 11.06
CA GLU A 26 5.50 3.88 11.45
C GLU A 26 6.52 4.22 10.36
N ILE A 27 6.24 3.79 9.14
CA ILE A 27 7.15 4.07 8.02
C ILE A 27 6.87 5.45 7.39
N LEU A 28 5.84 6.12 7.90
CA LEU A 28 5.52 7.47 7.48
C LEU A 28 6.19 8.46 8.44
N GLY A 29 6.03 8.20 9.72
CA GLY A 29 6.67 9.01 10.73
C GLY A 29 7.89 8.31 11.27
N LEU A 30 8.90 8.24 10.41
CA LEU A 30 10.15 7.53 10.72
C LEU A 30 10.69 7.92 12.07
N MET A 31 11.06 6.90 12.83
CA MET A 31 11.65 7.11 14.15
C MET A 31 13.11 7.50 14.00
N ASP A 32 13.52 8.53 14.72
CA ASP A 32 14.90 8.99 14.67
C ASP A 32 15.77 8.12 15.57
N PRO A 33 16.85 7.55 15.03
CA PRO A 33 17.79 6.75 15.78
C PRO A 33 18.97 7.58 16.28
N ALA A 34 20.02 6.92 16.71
CA ALA A 34 21.22 7.60 17.15
C ALA A 34 22.15 7.79 15.96
N GLY B 1 3.47 16.02 22.78
CA GLY B 1 4.57 15.68 21.84
C GLY B 1 4.14 15.84 20.40
N SER B 2 4.85 15.20 19.49
CA SER B 2 4.54 15.27 18.08
C SER B 2 3.49 14.22 17.70
N ALA B 3 2.32 14.68 17.32
CA ALA B 3 1.22 13.79 16.94
C ALA B 3 0.58 14.27 15.65
N THR B 4 0.88 13.59 14.56
CA THR B 4 0.35 13.95 13.26
C THR B 4 0.00 12.70 12.45
N GLN B 5 -1.26 12.61 12.05
CA GLN B 5 -1.72 11.51 11.23
C GLN B 5 -1.35 11.76 9.77
N SER B 6 -1.72 10.85 8.89
CA SER B 6 -1.45 10.98 7.48
C SER B 6 -2.23 12.17 6.90
N PRO B 7 -1.54 13.18 6.37
CA PRO B 7 -2.18 14.33 5.75
C PRO B 7 -2.82 13.95 4.43
N GLY B 8 -4.09 14.30 4.26
CA GLY B 8 -4.89 13.84 3.13
C GLY B 8 -4.18 13.96 1.79
N ASP B 9 -3.84 15.18 1.41
CA ASP B 9 -3.21 15.44 0.11
C ASP B 9 -1.84 14.78 0.02
N SER B 10 -1.03 15.03 1.03
CA SER B 10 0.35 14.55 1.04
C SER B 10 0.43 13.04 0.93
N ARG B 11 -0.39 12.33 1.72
CA ARG B 11 -0.38 10.88 1.70
C ARG B 11 -0.95 10.37 0.38
N ARG B 12 -1.85 11.14 -0.22
CA ARG B 12 -2.48 10.74 -1.47
C ARG B 12 -1.44 10.71 -2.58
N LEU B 13 -0.70 11.80 -2.73
CA LEU B 13 0.34 11.86 -3.73
C LEU B 13 1.49 10.94 -3.36
N SER B 14 1.77 10.85 -2.06
CA SER B 14 2.80 9.95 -1.55
C SER B 14 2.53 8.51 -1.99
N ILE B 15 1.29 8.04 -1.75
CA ILE B 15 0.87 6.75 -2.25
C ILE B 15 1.14 6.61 -3.75
N GLN B 16 0.60 7.54 -4.53
CA GLN B 16 0.76 7.52 -5.99
C GLN B 16 2.23 7.42 -6.41
N ARG B 17 3.08 8.20 -5.75
CA ARG B 17 4.52 8.15 -6.01
C ARG B 17 5.03 6.74 -5.83
N ALA B 18 4.72 6.19 -4.68
CA ALA B 18 5.09 4.82 -4.34
C ALA B 18 4.51 3.84 -5.33
N ILE B 19 3.27 4.07 -5.71
CA ILE B 19 2.58 3.19 -6.63
C ILE B 19 3.27 3.14 -7.99
N GLN B 20 3.68 4.29 -8.49
CA GLN B 20 4.44 4.36 -9.73
C GLN B 20 5.70 3.52 -9.64
N SER B 21 6.35 3.56 -8.50
CA SER B 21 7.51 2.74 -8.23
C SER B 21 7.15 1.27 -8.21
N LEU B 22 6.06 0.98 -7.50
CA LEU B 22 5.62 -0.39 -7.28
C LEU B 22 5.22 -1.06 -8.58
N VAL B 23 4.39 -0.39 -9.36
CA VAL B 23 3.89 -0.96 -10.61
C VAL B 23 5.02 -1.23 -11.59
N HIS B 24 5.98 -0.30 -11.67
CA HIS B 24 7.13 -0.49 -12.55
C HIS B 24 8.01 -1.63 -12.05
N ALA B 25 8.49 -1.51 -10.81
CA ALA B 25 9.42 -2.48 -10.23
C ALA B 25 8.82 -3.88 -10.18
N ALA B 26 7.51 -3.96 -10.04
CA ALA B 26 6.81 -5.24 -9.94
C ALA B 26 7.02 -6.10 -11.17
N GLN B 27 7.04 -5.47 -12.34
CA GLN B 27 7.05 -6.21 -13.59
C GLN B 27 8.14 -5.69 -14.52
N CYS B 28 9.06 -4.91 -13.96
CA CYS B 28 10.13 -4.34 -14.75
C CYS B 28 11.00 -5.44 -15.33
N ARG B 29 11.06 -5.50 -16.65
CA ARG B 29 11.70 -6.60 -17.35
C ARG B 29 13.21 -6.37 -17.46
N ASN B 30 13.61 -5.12 -17.54
CA ASN B 30 15.01 -4.78 -17.74
C ASN B 30 15.83 -5.13 -16.52
N ALA B 31 16.77 -6.03 -16.73
CA ALA B 31 17.57 -6.61 -15.65
C ALA B 31 18.56 -5.61 -15.08
N ASN B 32 18.92 -4.61 -15.88
CA ASN B 32 19.87 -3.61 -15.42
C ASN B 32 19.19 -2.29 -15.07
N CYS B 33 17.87 -2.25 -15.22
CA CYS B 33 17.13 -1.05 -14.86
C CYS B 33 17.14 -0.85 -13.36
N SER B 34 17.58 0.32 -12.97
CA SER B 34 17.49 0.73 -11.59
C SER B 34 17.26 2.22 -11.51
N LEU B 35 16.13 2.66 -12.06
CA LEU B 35 15.76 4.04 -11.90
C LEU B 35 15.58 4.35 -10.42
N PRO B 36 15.45 5.65 -10.05
CA PRO B 36 15.51 6.11 -8.67
C PRO B 36 14.81 5.19 -7.68
N SER B 37 13.53 4.97 -7.90
CA SER B 37 12.72 4.12 -7.03
C SER B 37 12.69 2.66 -7.49
N CYS B 38 12.79 2.41 -8.80
CA CYS B 38 12.58 1.06 -9.35
C CYS B 38 13.46 0.03 -8.69
N GLN B 39 14.72 0.36 -8.51
CA GLN B 39 15.70 -0.55 -7.91
C GLN B 39 15.29 -0.97 -6.49
N LYS B 40 15.03 0.01 -5.65
CA LYS B 40 14.65 -0.23 -4.27
C LYS B 40 13.31 -0.93 -4.21
N MET B 41 12.37 -0.36 -4.96
CA MET B 41 11.01 -0.87 -4.99
C MET B 41 10.98 -2.30 -5.56
N LYS B 42 11.93 -2.61 -6.43
CA LYS B 42 12.13 -3.96 -6.93
C LYS B 42 12.37 -4.92 -5.77
N ARG B 43 13.36 -4.60 -4.94
CA ARG B 43 13.68 -5.40 -3.77
C ARG B 43 12.52 -5.40 -2.78
N VAL B 44 11.70 -4.36 -2.84
CA VAL B 44 10.52 -4.28 -1.99
C VAL B 44 9.50 -5.32 -2.44
N VAL B 45 9.23 -5.36 -3.75
CA VAL B 45 8.38 -6.39 -4.33
C VAL B 45 8.97 -7.75 -4.00
N GLN B 46 10.26 -7.88 -4.24
CA GLN B 46 11.03 -9.10 -3.97
C GLN B 46 10.94 -9.50 -2.50
N HIS B 47 10.88 -8.52 -1.62
CA HIS B 47 10.80 -8.75 -0.19
C HIS B 47 9.47 -9.36 0.19
N THR B 48 8.43 -9.04 -0.57
CA THR B 48 7.11 -9.52 -0.26
C THR B 48 6.92 -10.96 -0.74
N LYS B 49 7.84 -11.42 -1.59
CA LYS B 49 7.90 -12.83 -2.00
C LYS B 49 7.86 -13.75 -0.79
N GLY B 50 8.86 -13.63 0.08
CA GLY B 50 8.94 -14.47 1.25
C GLY B 50 9.10 -13.65 2.52
N CYS B 51 8.20 -12.71 2.73
CA CYS B 51 8.29 -11.83 3.88
C CYS B 51 7.51 -12.41 5.06
N LYS B 52 7.92 -12.04 6.26
CA LYS B 52 7.28 -12.49 7.48
C LYS B 52 6.56 -11.32 8.15
N ARG B 53 6.10 -11.54 9.37
CA ARG B 53 5.45 -10.51 10.20
C ARG B 53 4.06 -10.14 9.70
N LYS B 54 3.92 -9.82 8.42
CA LYS B 54 2.62 -9.43 7.85
C LYS B 54 1.60 -10.53 8.01
N THR B 55 2.08 -11.76 8.23
CA THR B 55 1.20 -12.88 8.47
C THR B 55 0.29 -12.60 9.67
N ASN B 56 0.82 -11.84 10.63
CA ASN B 56 0.08 -11.41 11.80
C ASN B 56 -0.22 -9.92 11.70
N GLY B 57 -0.02 -9.37 10.51
CA GLY B 57 -0.16 -7.96 10.27
C GLY B 57 0.94 -7.16 10.93
N GLY B 58 2.18 -7.58 10.73
CA GLY B 58 3.30 -6.93 11.37
C GLY B 58 4.19 -6.15 10.42
N CYS B 59 4.41 -6.66 9.20
CA CYS B 59 5.31 -5.98 8.27
C CYS B 59 4.73 -4.64 7.80
N PRO B 60 5.47 -3.54 8.03
CA PRO B 60 5.04 -2.19 7.64
C PRO B 60 5.16 -1.94 6.14
N ILE B 61 6.16 -2.54 5.54
CA ILE B 61 6.38 -2.41 4.12
C ILE B 61 5.27 -3.11 3.36
N CYS B 62 5.04 -4.37 3.71
CA CYS B 62 3.97 -5.12 3.08
C CYS B 62 2.63 -4.45 3.38
N LYS B 63 2.48 -3.90 4.60
CA LYS B 63 1.36 -3.03 4.92
C LYS B 63 1.22 -1.90 3.91
N GLN B 64 2.32 -1.24 3.57
CA GLN B 64 2.30 -0.17 2.57
C GLN B 64 1.84 -0.69 1.22
N LEU B 65 2.48 -1.74 0.74
CA LEU B 65 2.08 -2.34 -0.52
C LEU B 65 0.60 -2.67 -0.50
N ILE B 66 0.18 -3.41 0.52
CA ILE B 66 -1.24 -3.64 0.78
C ILE B 66 -2.03 -2.33 0.72
N ALA B 67 -1.55 -1.33 1.44
CA ALA B 67 -2.17 -0.01 1.52
C ALA B 67 -2.37 0.59 0.14
N LEU B 68 -1.28 0.71 -0.60
CA LEU B 68 -1.31 1.37 -1.90
C LEU B 68 -2.04 0.51 -2.91
N ALA B 69 -1.78 -0.81 -2.88
CA ALA B 69 -2.37 -1.73 -3.83
C ALA B 69 -3.87 -1.80 -3.65
N ALA B 70 -4.35 -1.59 -2.43
CA ALA B 70 -5.77 -1.53 -2.17
C ALA B 70 -6.37 -0.32 -2.87
N TYR B 71 -5.75 0.84 -2.64
CA TYR B 71 -6.10 2.08 -3.32
C TYR B 71 -6.01 1.91 -4.83
N HIS B 72 -4.95 1.29 -5.28
CA HIS B 72 -4.73 1.03 -6.69
C HIS B 72 -5.81 0.08 -7.24
N ALA B 73 -6.07 -1.00 -6.50
CA ALA B 73 -7.03 -2.04 -6.92
C ALA B 73 -8.47 -1.53 -6.85
N LYS B 74 -8.68 -0.40 -6.19
CA LYS B 74 -10.00 0.21 -6.11
C LYS B 74 -10.56 0.46 -7.50
N HIS B 75 -9.66 0.68 -8.45
CA HIS B 75 -10.05 0.93 -9.82
C HIS B 75 -9.44 -0.12 -10.75
N CYS B 76 -9.33 -1.34 -10.24
CA CYS B 76 -8.82 -2.46 -11.01
C CYS B 76 -9.92 -3.46 -11.30
N GLN B 77 -10.46 -3.39 -12.52
CA GLN B 77 -11.55 -4.27 -12.92
C GLN B 77 -11.00 -5.51 -13.59
N GLU B 78 -9.70 -5.50 -13.85
CA GLU B 78 -9.01 -6.62 -14.46
C GLU B 78 -8.40 -7.53 -13.39
N ASN B 79 -8.16 -8.78 -13.75
CA ASN B 79 -7.65 -9.77 -12.80
C ASN B 79 -6.15 -9.97 -12.96
N LYS B 80 -5.55 -9.27 -13.90
CA LYS B 80 -4.11 -9.36 -14.10
C LYS B 80 -3.48 -7.98 -13.92
N CYS B 81 -2.71 -7.84 -12.86
CA CYS B 81 -2.11 -6.56 -12.53
C CYS B 81 -0.63 -6.68 -12.25
N PRO B 82 0.10 -5.57 -12.40
CA PRO B 82 1.56 -5.54 -12.21
C PRO B 82 1.96 -5.74 -10.75
N VAL B 83 1.58 -4.80 -9.87
CA VAL B 83 1.98 -4.88 -8.46
C VAL B 83 1.50 -6.18 -7.83
N PRO B 84 2.22 -6.60 -6.79
CA PRO B 84 2.02 -7.90 -6.14
C PRO B 84 0.74 -7.98 -5.32
N PHE B 85 0.52 -7.01 -4.46
CA PHE B 85 -0.57 -7.10 -3.51
C PHE B 85 -1.92 -6.74 -4.11
N CYS B 86 -1.95 -6.31 -5.37
CA CYS B 86 -3.24 -6.01 -5.99
C CYS B 86 -4.00 -7.30 -6.20
N LEU B 87 -3.26 -8.33 -6.60
CA LEU B 87 -3.84 -9.65 -6.78
C LEU B 87 -4.08 -10.28 -5.41
N ASN B 88 -3.39 -9.77 -4.40
CA ASN B 88 -3.63 -10.18 -3.02
C ASN B 88 -4.98 -9.63 -2.55
N ILE B 89 -5.27 -8.38 -2.88
CA ILE B 89 -6.60 -7.81 -2.65
C ILE B 89 -7.66 -8.68 -3.30
N LYS B 90 -7.36 -9.15 -4.51
CA LYS B 90 -8.31 -9.94 -5.30
C LYS B 90 -8.56 -11.30 -4.65
N GLN B 91 -7.73 -11.69 -3.70
CA GLN B 91 -7.90 -12.95 -2.99
C GLN B 91 -9.02 -12.81 -1.95
N LYS B 92 -10.25 -12.99 -2.40
CA LYS B 92 -11.41 -12.91 -1.54
C LYS B 92 -12.26 -14.17 -1.67
ZN ZN C . 12.72 -0.48 -13.90
ZN ZN D . 7.25 -7.19 4.06
ZN ZN E . -4.35 -3.41 -9.83
N GLY A 1 -23.87 -5.28 -3.93
CA GLY A 1 -25.19 -5.92 -3.72
C GLY A 1 -25.31 -6.52 -2.34
N SER A 2 -26.56 -6.73 -1.90
CA SER A 2 -26.87 -7.33 -0.59
C SER A 2 -26.57 -6.36 0.56
N ARG A 3 -25.47 -5.62 0.47
CA ARG A 3 -25.09 -4.67 1.50
C ARG A 3 -24.91 -5.38 2.83
N ALA A 4 -24.05 -6.39 2.85
CA ALA A 4 -23.82 -7.19 4.04
C ALA A 4 -23.00 -6.42 5.06
N SER A 5 -22.25 -5.44 4.59
CA SER A 5 -21.44 -4.61 5.46
C SER A 5 -22.29 -3.54 6.13
N CYS A 6 -23.21 -2.96 5.36
CA CYS A 6 -24.11 -1.94 5.90
C CYS A 6 -25.22 -2.60 6.71
N MET A 7 -25.43 -3.89 6.46
CA MET A 7 -26.36 -4.70 7.25
C MET A 7 -25.87 -4.79 8.69
N GLN A 8 -24.58 -4.56 8.85
CA GLN A 8 -23.94 -4.55 10.15
C GLN A 8 -23.22 -3.23 10.33
N MET A 9 -22.06 -3.26 10.96
CA MET A 9 -21.19 -2.09 10.99
C MET A 9 -20.09 -2.26 9.95
N ASP A 10 -19.79 -1.20 9.22
CA ASP A 10 -18.71 -1.25 8.24
C ASP A 10 -17.37 -1.31 8.94
N ASP A 11 -16.71 -2.44 8.82
CA ASP A 11 -15.39 -2.63 9.38
C ASP A 11 -14.36 -1.88 8.53
N VAL A 12 -14.73 -1.67 7.26
CA VAL A 12 -13.82 -1.09 6.29
C VAL A 12 -13.61 0.41 6.52
N ILE A 13 -14.67 1.10 6.93
CA ILE A 13 -14.63 2.55 7.03
C ILE A 13 -13.63 3.03 8.07
N ASP A 14 -13.50 2.27 9.14
CA ASP A 14 -12.55 2.61 10.20
C ASP A 14 -11.12 2.42 9.73
N ASP A 15 -10.87 1.34 8.99
CA ASP A 15 -9.54 1.12 8.44
C ASP A 15 -9.22 2.16 7.39
N ILE A 16 -10.18 2.47 6.53
CA ILE A 16 -10.00 3.50 5.51
C ILE A 16 -9.48 4.80 6.14
N ILE A 17 -10.16 5.26 7.17
CA ILE A 17 -9.77 6.47 7.88
C ILE A 17 -8.37 6.33 8.47
N SER A 18 -8.15 5.25 9.20
CA SER A 18 -6.87 4.97 9.83
C SER A 18 -5.74 4.88 8.79
N LEU A 19 -6.07 4.41 7.60
CA LEU A 19 -5.11 4.30 6.51
C LEU A 19 -4.85 5.68 5.89
N GLU A 20 -5.87 6.52 5.87
CA GLU A 20 -5.73 7.89 5.39
C GLU A 20 -4.76 8.67 6.29
N SER A 21 -4.93 8.50 7.59
CA SER A 21 -4.10 9.19 8.56
C SER A 21 -2.70 8.56 8.67
N SER A 22 -2.66 7.25 8.88
CA SER A 22 -1.39 6.56 9.04
C SER A 22 -1.38 5.26 8.22
N TYR A 23 -1.28 5.41 6.90
CA TYR A 23 -1.23 4.27 5.98
C TYR A 23 -0.13 3.29 6.38
N ASN A 24 1.03 3.84 6.69
CA ASN A 24 2.16 3.06 7.15
C ASN A 24 3.21 4.01 7.68
N GLU A 25 2.85 4.68 8.76
CA GLU A 25 3.66 5.72 9.35
C GLU A 25 4.90 5.11 10.01
N GLU A 26 4.90 3.78 10.09
CA GLU A 26 6.04 3.02 10.61
C GLU A 26 7.35 3.50 10.01
N ILE A 27 7.43 3.49 8.69
CA ILE A 27 8.67 3.82 7.99
C ILE A 27 8.90 5.34 8.05
N LEU A 28 7.81 6.10 8.11
CA LEU A 28 7.87 7.55 8.25
C LEU A 28 8.58 7.94 9.54
N GLY A 29 8.01 7.51 10.65
CA GLY A 29 8.54 7.89 11.94
C GLY A 29 8.62 9.40 12.10
N LEU A 30 7.62 10.09 11.57
CA LEU A 30 7.58 11.54 11.64
C LEU A 30 7.48 12.01 13.08
N MET A 31 7.95 13.21 13.34
CA MET A 31 8.01 13.72 14.69
C MET A 31 7.14 14.96 14.84
N ASP A 32 6.39 14.99 15.91
CA ASP A 32 5.50 16.12 16.20
C ASP A 32 6.31 17.27 16.78
N PRO A 33 5.84 18.52 16.57
CA PRO A 33 6.56 19.73 16.98
C PRO A 33 6.56 19.93 18.50
N ALA A 34 7.25 19.04 19.20
CA ALA A 34 7.39 19.15 20.64
C ALA A 34 8.84 18.91 21.03
N GLY B 1 -9.04 17.43 21.92
CA GLY B 1 -7.71 16.87 22.22
C GLY B 1 -6.68 17.25 21.18
N SER B 2 -5.98 16.26 20.65
CA SER B 2 -4.94 16.51 19.67
C SER B 2 -4.87 15.34 18.69
N ALA B 3 -5.94 15.11 17.97
CA ALA B 3 -5.99 14.04 16.98
C ALA B 3 -5.39 14.51 15.67
N THR B 4 -4.14 14.15 15.43
CA THR B 4 -3.44 14.55 14.23
C THR B 4 -3.88 13.71 13.04
N GLN B 5 -4.95 14.15 12.38
CA GLN B 5 -5.45 13.47 11.20
C GLN B 5 -4.71 13.95 9.96
N SER B 6 -3.88 13.09 9.41
CA SER B 6 -3.14 13.40 8.20
C SER B 6 -4.10 13.47 7.01
N PRO B 7 -3.98 14.53 6.19
CA PRO B 7 -4.82 14.71 5.01
C PRO B 7 -4.83 13.48 4.11
N GLY B 8 -5.99 12.83 4.02
CA GLY B 8 -6.12 11.62 3.23
C GLY B 8 -5.83 11.86 1.76
N ASP B 9 -6.21 13.04 1.27
CA ASP B 9 -5.92 13.43 -0.10
C ASP B 9 -4.43 13.48 -0.34
N SER B 10 -3.72 14.01 0.63
CA SER B 10 -2.28 14.19 0.53
C SER B 10 -1.57 12.84 0.56
N ARG B 11 -2.03 11.94 1.41
CA ARG B 11 -1.47 10.61 1.47
C ARG B 11 -1.90 9.81 0.26
N ARG B 12 -3.05 10.14 -0.31
CA ARG B 12 -3.53 9.50 -1.51
C ARG B 12 -2.58 9.75 -2.68
N LEU B 13 -2.21 11.01 -2.89
CA LEU B 13 -1.30 11.35 -3.96
C LEU B 13 0.13 10.91 -3.61
N SER B 14 0.44 10.92 -2.33
CA SER B 14 1.71 10.40 -1.84
C SER B 14 1.85 8.92 -2.20
N ILE B 15 0.78 8.16 -1.92
CA ILE B 15 0.70 6.77 -2.36
C ILE B 15 1.04 6.63 -3.84
N GLN B 16 0.39 7.43 -4.68
CA GLN B 16 0.58 7.38 -6.13
C GLN B 16 2.06 7.40 -6.51
N ARG B 17 2.83 8.26 -5.83
CA ARG B 17 4.26 8.39 -6.10
C ARG B 17 4.96 7.06 -5.87
N ALA B 18 4.64 6.46 -4.74
CA ALA B 18 5.16 5.15 -4.39
C ALA B 18 4.65 4.08 -5.35
N ILE B 19 3.39 4.21 -5.74
CA ILE B 19 2.77 3.25 -6.63
C ILE B 19 3.46 3.21 -7.99
N GLN B 20 3.88 4.38 -8.47
CA GLN B 20 4.64 4.45 -9.70
C GLN B 20 5.88 3.54 -9.63
N SER B 21 6.53 3.59 -8.49
CA SER B 21 7.67 2.74 -8.23
C SER B 21 7.24 1.27 -8.18
N LEU B 22 6.13 1.04 -7.50
CA LEU B 22 5.64 -0.31 -7.25
C LEU B 22 5.21 -1.00 -8.53
N VAL B 23 4.40 -0.32 -9.35
CA VAL B 23 3.93 -0.90 -10.60
C VAL B 23 5.10 -1.22 -11.52
N HIS B 24 6.05 -0.30 -11.61
CA HIS B 24 7.21 -0.52 -12.47
C HIS B 24 8.06 -1.68 -11.95
N ALA B 25 8.47 -1.59 -10.70
CA ALA B 25 9.33 -2.61 -10.09
C ALA B 25 8.65 -3.98 -10.06
N ALA B 26 7.33 -4.01 -9.99
CA ALA B 26 6.59 -5.27 -9.95
C ALA B 26 6.68 -6.01 -11.28
N GLN B 27 6.77 -5.28 -12.38
CA GLN B 27 6.84 -5.87 -13.70
C GLN B 27 8.01 -5.31 -14.51
N CYS B 28 9.09 -4.96 -13.84
CA CYS B 28 10.26 -4.49 -14.55
C CYS B 28 11.05 -5.69 -15.03
N ARG B 29 11.00 -5.93 -16.32
CA ARG B 29 11.62 -7.12 -16.89
C ARG B 29 13.05 -6.82 -17.33
N ASN B 30 13.40 -5.53 -17.33
CA ASN B 30 14.76 -5.12 -17.68
C ASN B 30 15.71 -5.40 -16.54
N ALA B 31 16.62 -6.32 -16.79
CA ALA B 31 17.53 -6.82 -15.76
C ALA B 31 18.52 -5.77 -15.29
N ASN B 32 18.84 -4.81 -16.15
CA ASN B 32 19.83 -3.79 -15.79
C ASN B 32 19.16 -2.52 -15.29
N CYS B 33 17.84 -2.41 -15.47
CA CYS B 33 17.14 -1.21 -15.02
C CYS B 33 17.25 -1.03 -13.53
N SER B 34 17.59 0.19 -13.14
CA SER B 34 17.59 0.57 -11.75
C SER B 34 17.37 2.06 -11.63
N LEU B 35 16.24 2.53 -12.16
CA LEU B 35 15.89 3.92 -12.00
C LEU B 35 15.75 4.25 -10.51
N PRO B 36 15.63 5.54 -10.17
CA PRO B 36 15.72 6.02 -8.78
C PRO B 36 15.02 5.11 -7.77
N SER B 37 13.72 4.94 -7.92
CA SER B 37 12.96 4.12 -7.00
C SER B 37 12.86 2.66 -7.46
N CYS B 38 13.02 2.40 -8.76
CA CYS B 38 12.75 1.05 -9.30
C CYS B 38 13.62 -0.01 -8.64
N GLN B 39 14.91 0.28 -8.50
CA GLN B 39 15.84 -0.66 -7.89
C GLN B 39 15.45 -0.99 -6.46
N LYS B 40 15.22 0.03 -5.65
CA LYS B 40 14.81 -0.14 -4.28
C LYS B 40 13.48 -0.86 -4.20
N MET B 41 12.52 -0.32 -4.93
CA MET B 41 11.15 -0.84 -4.93
C MET B 41 11.11 -2.27 -5.47
N LYS B 42 12.06 -2.61 -6.33
CA LYS B 42 12.20 -3.97 -6.83
C LYS B 42 12.49 -4.93 -5.68
N ARG B 43 13.45 -4.57 -4.84
CA ARG B 43 13.76 -5.34 -3.64
C ARG B 43 12.58 -5.35 -2.67
N VAL B 44 11.68 -4.40 -2.83
CA VAL B 44 10.49 -4.31 -2.02
C VAL B 44 9.47 -5.35 -2.47
N VAL B 45 9.21 -5.39 -3.77
CA VAL B 45 8.37 -6.42 -4.35
C VAL B 45 8.97 -7.79 -4.07
N GLN B 46 10.28 -7.84 -4.24
CA GLN B 46 11.08 -9.05 -3.99
C GLN B 46 11.18 -9.37 -2.51
N HIS B 47 10.89 -8.40 -1.66
CA HIS B 47 10.86 -8.60 -0.22
C HIS B 47 9.68 -9.48 0.15
N THR B 48 8.52 -9.17 -0.41
CA THR B 48 7.27 -9.83 -0.06
C THR B 48 7.29 -11.31 -0.47
N LYS B 49 8.17 -11.64 -1.42
CA LYS B 49 8.45 -13.03 -1.80
C LYS B 49 8.48 -13.99 -0.61
N GLY B 50 9.50 -13.87 0.24
CA GLY B 50 9.68 -14.83 1.30
C GLY B 50 9.38 -14.28 2.67
N CYS B 51 8.46 -13.34 2.74
CA CYS B 51 8.09 -12.73 4.00
C CYS B 51 7.45 -13.71 4.97
N LYS B 52 8.22 -14.05 6.00
CA LYS B 52 7.74 -14.89 7.08
C LYS B 52 7.52 -14.02 8.33
N ARG B 53 7.94 -12.76 8.22
CA ARG B 53 7.78 -11.81 9.32
C ARG B 53 6.44 -11.08 9.22
N LYS B 54 5.74 -11.28 8.11
CA LYS B 54 4.46 -10.62 7.89
C LYS B 54 3.40 -11.17 8.83
N THR B 55 3.46 -12.47 9.10
CA THR B 55 2.51 -13.10 10.01
C THR B 55 2.71 -12.60 11.44
N ASN B 56 3.86 -11.98 11.69
CA ASN B 56 4.18 -11.44 13.00
C ASN B 56 3.81 -9.97 13.07
N GLY B 57 3.26 -9.48 11.98
CA GLY B 57 2.89 -8.08 11.88
C GLY B 57 4.09 -7.16 11.83
N GLY B 58 5.20 -7.68 11.32
CA GLY B 58 6.43 -6.92 11.33
C GLY B 58 6.87 -6.49 9.95
N CYS B 59 5.97 -6.58 8.97
CA CYS B 59 6.26 -6.08 7.64
C CYS B 59 5.60 -4.72 7.39
N PRO B 60 6.35 -3.62 7.54
CA PRO B 60 5.85 -2.27 7.23
C PRO B 60 5.86 -2.03 5.73
N ILE B 61 6.60 -2.88 5.04
CA ILE B 61 6.68 -2.80 3.61
C ILE B 61 5.46 -3.49 3.00
N CYS B 62 5.23 -4.74 3.37
CA CYS B 62 4.00 -5.43 2.96
C CYS B 62 2.78 -4.60 3.36
N LYS B 63 2.85 -4.00 4.54
CA LYS B 63 1.81 -3.10 5.02
C LYS B 63 1.60 -1.93 4.06
N GLN B 64 2.66 -1.50 3.39
CA GLN B 64 2.58 -0.45 2.40
C GLN B 64 2.02 -0.94 1.09
N LEU B 65 2.55 -2.05 0.58
CA LEU B 65 2.01 -2.65 -0.63
C LEU B 65 0.51 -2.86 -0.49
N ILE B 66 0.14 -3.51 0.61
CA ILE B 66 -1.26 -3.61 1.03
C ILE B 66 -1.94 -2.24 0.97
N ALA B 67 -1.35 -1.26 1.63
CA ALA B 67 -1.88 0.09 1.70
C ALA B 67 -2.12 0.68 0.32
N LEU B 68 -1.08 0.65 -0.52
CA LEU B 68 -1.13 1.28 -1.83
C LEU B 68 -2.00 0.46 -2.79
N ALA B 69 -1.83 -0.86 -2.77
CA ALA B 69 -2.53 -1.73 -3.71
C ALA B 69 -4.03 -1.71 -3.48
N ALA B 70 -4.44 -1.53 -2.24
CA ALA B 70 -5.85 -1.43 -1.91
C ALA B 70 -6.44 -0.17 -2.56
N TYR B 71 -5.65 0.89 -2.57
CA TYR B 71 -5.99 2.12 -3.25
C TYR B 71 -5.91 1.94 -4.76
N HIS B 72 -4.82 1.34 -5.21
CA HIS B 72 -4.59 1.12 -6.63
C HIS B 72 -5.70 0.23 -7.22
N ALA B 73 -6.06 -0.82 -6.49
CA ALA B 73 -7.08 -1.77 -6.94
C ALA B 73 -8.48 -1.15 -6.93
N LYS B 74 -8.63 -0.01 -6.26
CA LYS B 74 -9.88 0.74 -6.29
C LYS B 74 -10.26 1.08 -7.72
N HIS B 75 -9.25 1.31 -8.54
CA HIS B 75 -9.44 1.71 -9.92
C HIS B 75 -9.23 0.52 -10.86
N CYS B 76 -8.98 -0.64 -10.26
CA CYS B 76 -8.70 -1.84 -11.03
C CYS B 76 -9.95 -2.70 -11.19
N GLN B 77 -10.46 -2.75 -12.41
CA GLN B 77 -11.60 -3.59 -12.72
C GLN B 77 -11.14 -4.95 -13.23
N GLU B 78 -9.83 -5.05 -13.49
CA GLU B 78 -9.23 -6.29 -13.95
C GLU B 78 -8.62 -7.05 -12.77
N ASN B 79 -8.45 -8.35 -12.95
CA ASN B 79 -7.93 -9.21 -11.90
C ASN B 79 -6.42 -9.35 -12.01
N LYS B 80 -5.92 -9.36 -13.23
CA LYS B 80 -4.48 -9.39 -13.46
C LYS B 80 -3.92 -7.98 -13.43
N CYS B 81 -2.78 -7.81 -12.77
CA CYS B 81 -2.25 -6.49 -12.53
C CYS B 81 -0.76 -6.53 -12.22
N PRO B 82 -0.09 -5.37 -12.30
CA PRO B 82 1.34 -5.25 -12.06
C PRO B 82 1.72 -5.56 -10.62
N VAL B 83 1.41 -4.63 -9.72
CA VAL B 83 1.78 -4.78 -8.32
C VAL B 83 1.18 -6.05 -7.72
N PRO B 84 1.91 -6.58 -6.73
CA PRO B 84 1.70 -7.91 -6.18
C PRO B 84 0.44 -8.03 -5.32
N PHE B 85 0.18 -7.04 -4.49
CA PHE B 85 -0.92 -7.11 -3.55
C PHE B 85 -2.24 -6.70 -4.18
N CYS B 86 -2.22 -6.25 -5.43
CA CYS B 86 -3.47 -5.91 -6.09
C CYS B 86 -4.23 -7.19 -6.35
N LEU B 87 -3.50 -8.21 -6.78
CA LEU B 87 -4.08 -9.52 -7.01
C LEU B 87 -4.40 -10.18 -5.68
N ASN B 88 -3.74 -9.71 -4.61
CA ASN B 88 -4.08 -10.14 -3.25
C ASN B 88 -5.47 -9.62 -2.87
N ILE B 89 -5.74 -8.36 -3.20
CA ILE B 89 -7.08 -7.79 -3.06
C ILE B 89 -8.09 -8.58 -3.90
N LYS B 90 -7.71 -8.86 -5.13
CA LYS B 90 -8.60 -9.53 -6.07
C LYS B 90 -8.84 -10.99 -5.69
N GLN B 91 -8.04 -11.50 -4.76
CA GLN B 91 -8.22 -12.85 -4.26
C GLN B 91 -8.58 -12.81 -2.78
N LYS B 92 -8.64 -13.96 -2.15
CA LYS B 92 -8.94 -14.01 -0.73
C LYS B 92 -7.72 -14.52 0.03
ZN ZN C . 12.80 -0.61 -13.81
ZN ZN D . 7.03 -8.26 3.74
ZN ZN E . -4.30 -3.17 -9.90
N GLY A 1 -34.50 1.84 14.23
CA GLY A 1 -34.78 1.71 12.78
C GLY A 1 -33.53 1.81 11.95
N SER A 2 -33.13 0.68 11.36
CA SER A 2 -31.95 0.63 10.51
C SER A 2 -32.17 1.44 9.24
N ARG A 3 -31.25 2.35 8.94
CA ARG A 3 -31.38 3.20 7.78
C ARG A 3 -30.50 2.67 6.64
N ALA A 4 -31.16 2.34 5.53
CA ALA A 4 -30.50 1.71 4.39
C ALA A 4 -29.39 2.57 3.84
N SER A 5 -29.64 3.88 3.77
CA SER A 5 -28.65 4.81 3.24
C SER A 5 -27.44 4.90 4.16
N CYS A 6 -27.68 4.74 5.46
CA CYS A 6 -26.61 4.89 6.44
C CYS A 6 -25.79 3.61 6.59
N MET A 7 -26.42 2.46 6.32
CA MET A 7 -25.72 1.18 6.46
C MET A 7 -24.94 0.86 5.20
N GLN A 8 -25.03 1.72 4.20
CA GLN A 8 -24.31 1.54 2.95
C GLN A 8 -22.91 2.11 2.99
N MET A 9 -22.56 2.73 4.12
CA MET A 9 -21.22 3.24 4.31
C MET A 9 -20.21 2.10 4.36
N ASP A 10 -19.31 2.09 3.39
CA ASP A 10 -18.31 1.04 3.27
C ASP A 10 -17.35 1.08 4.44
N ASP A 11 -16.94 -0.09 4.88
CA ASP A 11 -15.93 -0.19 5.93
C ASP A 11 -14.57 0.09 5.34
N VAL A 12 -14.51 0.05 4.01
CA VAL A 12 -13.26 0.25 3.29
C VAL A 12 -12.87 1.72 3.28
N ILE A 13 -13.87 2.60 3.28
CA ILE A 13 -13.61 4.02 3.32
C ILE A 13 -13.17 4.43 4.73
N ASP A 14 -13.63 3.65 5.70
CA ASP A 14 -13.19 3.81 7.08
C ASP A 14 -11.70 3.50 7.18
N ASP A 15 -11.28 2.43 6.51
CA ASP A 15 -9.86 2.10 6.39
C ASP A 15 -9.10 3.26 5.80
N ILE A 16 -9.64 3.83 4.73
CA ILE A 16 -9.01 4.96 4.05
C ILE A 16 -8.72 6.09 5.04
N ILE A 17 -9.74 6.51 5.78
CA ILE A 17 -9.59 7.57 6.77
C ILE A 17 -8.46 7.27 7.77
N SER A 18 -8.47 6.05 8.28
CA SER A 18 -7.45 5.60 9.20
C SER A 18 -6.07 5.61 8.54
N LEU A 19 -6.01 5.17 7.29
CA LEU A 19 -4.75 5.14 6.54
C LEU A 19 -4.28 6.55 6.22
N GLU A 20 -5.22 7.45 6.01
CA GLU A 20 -4.91 8.88 5.83
C GLU A 20 -4.08 9.39 7.00
N SER A 21 -4.26 8.77 8.16
CA SER A 21 -3.51 9.12 9.35
C SER A 21 -2.26 8.26 9.49
N SER A 22 -2.45 6.95 9.57
CA SER A 22 -1.34 6.04 9.81
C SER A 22 -1.35 4.86 8.81
N TYR A 23 -1.23 5.19 7.53
CA TYR A 23 -1.16 4.18 6.46
C TYR A 23 -0.10 3.12 6.74
N ASN A 24 1.07 3.57 7.17
CA ASN A 24 2.17 2.69 7.52
C ASN A 24 3.16 3.48 8.35
N GLU A 25 2.68 3.94 9.48
CA GLU A 25 3.45 4.80 10.36
C GLU A 25 4.62 4.04 10.96
N GLU A 26 4.61 2.73 10.75
CA GLU A 26 5.69 1.86 11.16
C GLU A 26 7.04 2.38 10.69
N ILE A 27 7.17 2.60 9.38
CA ILE A 27 8.44 3.01 8.80
C ILE A 27 8.70 4.50 9.03
N LEU A 28 7.61 5.26 9.21
CA LEU A 28 7.71 6.68 9.55
C LEU A 28 8.47 6.88 10.85
N GLY A 29 7.98 6.24 11.88
CA GLY A 29 8.61 6.33 13.18
C GLY A 29 7.90 7.31 14.08
N LEU A 30 7.84 8.56 13.61
CA LEU A 30 7.16 9.62 14.33
C LEU A 30 5.72 9.21 14.63
N MET A 31 5.36 9.26 15.89
CA MET A 31 4.04 8.82 16.33
C MET A 31 3.02 9.94 16.17
N ASP A 32 1.86 9.59 15.64
CA ASP A 32 0.78 10.54 15.43
C ASP A 32 0.27 11.09 16.77
N PRO A 33 0.00 12.40 16.83
CA PRO A 33 -0.45 13.06 18.06
C PRO A 33 -1.91 12.78 18.39
N ALA A 34 -2.19 11.57 18.86
CA ALA A 34 -3.53 11.18 19.26
C ALA A 34 -3.45 10.08 20.30
N GLY B 1 12.35 19.38 15.57
CA GLY B 1 11.14 20.04 16.11
C GLY B 1 9.98 19.95 15.14
N SER B 2 8.81 20.40 15.59
CA SER B 2 7.58 20.35 14.80
C SER B 2 7.24 18.91 14.42
N ALA B 3 6.66 18.19 15.37
CA ALA B 3 6.25 16.82 15.13
C ALA B 3 4.86 16.76 14.53
N THR B 4 4.80 16.62 13.22
CA THR B 4 3.53 16.55 12.51
C THR B 4 3.40 15.23 11.78
N GLN B 5 2.20 14.69 11.76
CA GLN B 5 1.95 13.46 11.05
C GLN B 5 1.52 13.77 9.62
N SER B 6 2.04 13.00 8.68
CA SER B 6 1.83 13.26 7.25
C SER B 6 0.35 13.38 6.92
N PRO B 7 -0.10 14.59 6.54
CA PRO B 7 -1.49 14.84 6.17
C PRO B 7 -1.95 13.91 5.06
N GLY B 8 -3.22 13.51 5.15
CA GLY B 8 -3.81 12.59 4.21
C GLY B 8 -3.66 13.05 2.77
N ASP B 9 -3.69 14.36 2.56
CA ASP B 9 -3.47 14.94 1.25
C ASP B 9 -2.11 14.52 0.71
N SER B 10 -1.07 14.74 1.51
CA SER B 10 0.29 14.48 1.10
C SER B 10 0.53 12.97 0.99
N ARG B 11 -0.10 12.19 1.86
CA ARG B 11 0.05 10.75 1.82
C ARG B 11 -0.71 10.17 0.64
N ARG B 12 -1.79 10.84 0.24
CA ARG B 12 -2.59 10.41 -0.89
C ARG B 12 -1.77 10.42 -2.17
N LEU B 13 -1.01 11.49 -2.37
CA LEU B 13 -0.13 11.59 -3.52
C LEU B 13 1.14 10.76 -3.31
N SER B 14 1.60 10.72 -2.06
CA SER B 14 2.75 9.90 -1.68
C SER B 14 2.51 8.45 -2.08
N ILE B 15 1.29 7.95 -1.80
CA ILE B 15 0.88 6.64 -2.27
C ILE B 15 1.13 6.47 -3.77
N GLN B 16 0.56 7.35 -4.56
CA GLN B 16 0.67 7.29 -6.02
C GLN B 16 2.12 7.21 -6.47
N ARG B 17 2.96 8.09 -5.92
CA ARG B 17 4.38 8.11 -6.22
C ARG B 17 5.01 6.75 -5.95
N ALA B 18 4.66 6.20 -4.80
CA ALA B 18 5.09 4.87 -4.43
C ALA B 18 4.54 3.84 -5.40
N ILE B 19 3.27 3.99 -5.74
CA ILE B 19 2.60 3.05 -6.64
C ILE B 19 3.24 3.04 -8.01
N GLN B 20 3.60 4.22 -8.51
CA GLN B 20 4.32 4.34 -9.78
C GLN B 20 5.59 3.49 -9.74
N SER B 21 6.29 3.57 -8.62
CA SER B 21 7.47 2.75 -8.39
C SER B 21 7.11 1.28 -8.32
N LEU B 22 6.03 0.99 -7.58
CA LEU B 22 5.62 -0.37 -7.33
C LEU B 22 5.19 -1.08 -8.61
N VAL B 23 4.35 -0.43 -9.39
CA VAL B 23 3.85 -1.04 -10.62
C VAL B 23 4.98 -1.30 -11.60
N HIS B 24 5.92 -0.37 -11.71
CA HIS B 24 7.08 -0.55 -12.58
C HIS B 24 7.98 -1.66 -12.04
N ALA B 25 8.39 -1.54 -10.79
CA ALA B 25 9.30 -2.51 -10.16
C ALA B 25 8.72 -3.92 -10.13
N ALA B 26 7.40 -4.02 -9.93
CA ALA B 26 6.74 -5.31 -9.84
C ALA B 26 6.96 -6.16 -11.08
N GLN B 27 6.90 -5.53 -12.24
CA GLN B 27 6.99 -6.24 -13.50
C GLN B 27 8.18 -5.75 -14.33
N CYS B 28 9.15 -5.13 -13.69
CA CYS B 28 10.33 -4.67 -14.39
C CYS B 28 11.18 -5.87 -14.81
N ARG B 29 11.17 -6.18 -16.10
CA ARG B 29 11.94 -7.30 -16.61
C ARG B 29 13.27 -6.80 -17.18
N ASN B 30 13.75 -5.72 -16.60
CA ASN B 30 15.02 -5.12 -17.01
C ASN B 30 16.10 -5.51 -16.02
N ALA B 31 17.29 -5.78 -16.54
CA ALA B 31 18.42 -6.16 -15.72
C ALA B 31 19.36 -4.99 -15.50
N ASN B 32 19.17 -3.93 -16.28
CA ASN B 32 19.99 -2.74 -16.17
C ASN B 32 19.16 -1.50 -15.88
N CYS B 33 17.96 -1.71 -15.33
CA CYS B 33 17.11 -0.59 -14.91
C CYS B 33 17.85 0.29 -13.91
N SER B 34 17.84 1.59 -14.16
CA SER B 34 18.56 2.53 -13.31
C SER B 34 17.76 3.82 -13.14
N LEU B 35 16.48 3.69 -12.83
CA LEU B 35 15.63 4.83 -12.55
C LEU B 35 15.89 5.30 -11.09
N PRO B 36 15.11 6.24 -10.52
CA PRO B 36 15.20 6.54 -9.08
C PRO B 36 14.75 5.39 -8.15
N SER B 37 13.43 5.13 -8.09
CA SER B 37 12.85 4.28 -7.03
C SER B 37 12.74 2.78 -7.39
N CYS B 38 12.49 2.44 -8.66
CA CYS B 38 12.25 1.04 -9.09
C CYS B 38 13.25 0.06 -8.48
N GLN B 39 14.52 0.44 -8.46
CA GLN B 39 15.57 -0.42 -7.92
C GLN B 39 15.27 -0.83 -6.48
N LYS B 40 14.93 0.14 -5.66
CA LYS B 40 14.62 -0.09 -4.26
C LYS B 40 13.27 -0.76 -4.13
N MET B 41 12.33 -0.22 -4.86
CA MET B 41 10.96 -0.74 -4.89
C MET B 41 10.93 -2.17 -5.42
N LYS B 42 11.90 -2.51 -6.26
CA LYS B 42 12.08 -3.86 -6.76
C LYS B 42 12.33 -4.81 -5.60
N ARG B 43 13.25 -4.43 -4.71
CA ARG B 43 13.53 -5.19 -3.51
C ARG B 43 12.34 -5.20 -2.56
N VAL B 44 11.42 -4.26 -2.75
CA VAL B 44 10.21 -4.19 -1.97
C VAL B 44 9.22 -5.26 -2.45
N VAL B 45 9.06 -5.36 -3.77
CA VAL B 45 8.28 -6.43 -4.37
C VAL B 45 8.93 -7.78 -4.06
N GLN B 46 10.25 -7.77 -4.21
CA GLN B 46 11.07 -8.96 -3.97
C GLN B 46 11.09 -9.32 -2.48
N HIS B 47 10.69 -8.37 -1.65
CA HIS B 47 10.51 -8.60 -0.23
C HIS B 47 9.32 -9.52 0.01
N THR B 48 8.26 -9.29 -0.75
CA THR B 48 6.99 -9.98 -0.55
C THR B 48 7.05 -11.42 -1.05
N LYS B 49 8.08 -11.73 -1.85
CA LYS B 49 8.23 -13.06 -2.46
C LYS B 49 8.06 -14.18 -1.45
N GLY B 50 8.63 -14.02 -0.27
CA GLY B 50 8.52 -15.03 0.75
C GLY B 50 8.20 -14.43 2.10
N CYS B 51 7.19 -13.59 2.15
CA CYS B 51 6.78 -12.95 3.37
C CYS B 51 5.90 -13.84 4.23
N LYS B 52 6.48 -14.34 5.32
CA LYS B 52 5.73 -15.06 6.34
C LYS B 52 5.49 -14.15 7.54
N ARG B 53 6.43 -13.23 7.75
CA ARG B 53 6.42 -12.35 8.91
C ARG B 53 5.12 -11.53 9.00
N LYS B 54 4.48 -11.30 7.87
CA LYS B 54 3.31 -10.44 7.82
C LYS B 54 2.17 -10.99 8.66
N THR B 55 2.14 -12.29 8.85
CA THR B 55 1.08 -12.93 9.63
C THR B 55 1.18 -12.54 11.10
N ASN B 56 2.36 -12.06 11.49
CA ASN B 56 2.61 -11.64 12.87
C ASN B 56 2.52 -10.13 12.97
N GLY B 57 1.98 -9.51 11.93
CA GLY B 57 1.89 -8.06 11.88
C GLY B 57 3.26 -7.40 11.83
N GLY B 58 4.23 -8.13 11.28
CA GLY B 58 5.59 -7.63 11.24
C GLY B 58 5.83 -6.72 10.06
N CYS B 59 5.57 -7.22 8.86
CA CYS B 59 5.80 -6.48 7.61
C CYS B 59 5.14 -5.10 7.60
N PRO B 60 5.95 -4.03 7.70
CA PRO B 60 5.48 -2.66 7.47
C PRO B 60 5.44 -2.36 5.98
N ILE B 61 6.27 -3.07 5.26
CA ILE B 61 6.37 -2.92 3.83
C ILE B 61 5.14 -3.52 3.18
N CYS B 62 4.79 -4.75 3.57
CA CYS B 62 3.54 -5.35 3.13
C CYS B 62 2.36 -4.52 3.59
N LYS B 63 2.48 -3.89 4.77
CA LYS B 63 1.48 -2.95 5.24
C LYS B 63 1.30 -1.80 4.25
N GLN B 64 2.40 -1.33 3.66
CA GLN B 64 2.34 -0.32 2.61
C GLN B 64 1.83 -0.91 1.30
N LEU B 65 2.42 -2.03 0.90
CA LEU B 65 2.00 -2.74 -0.30
C LEU B 65 0.48 -2.95 -0.27
N ILE B 66 -0.01 -3.41 0.87
CA ILE B 66 -1.44 -3.53 1.13
C ILE B 66 -2.11 -2.16 1.05
N ALA B 67 -1.56 -1.19 1.78
CA ALA B 67 -2.08 0.17 1.82
C ALA B 67 -2.30 0.75 0.43
N LEU B 68 -1.26 0.68 -0.39
CA LEU B 68 -1.30 1.28 -1.71
C LEU B 68 -2.05 0.40 -2.71
N ALA B 69 -1.77 -0.90 -2.69
CA ALA B 69 -2.35 -1.81 -3.68
C ALA B 69 -3.86 -1.91 -3.52
N ALA B 70 -4.35 -1.73 -2.30
CA ALA B 70 -5.78 -1.71 -2.07
C ALA B 70 -6.40 -0.51 -2.79
N TYR B 71 -5.80 0.65 -2.59
CA TYR B 71 -6.16 1.87 -3.30
C TYR B 71 -6.04 1.67 -4.81
N HIS B 72 -4.94 1.07 -5.22
CA HIS B 72 -4.67 0.83 -6.62
C HIS B 72 -5.71 -0.14 -7.21
N ALA B 73 -5.98 -1.22 -6.48
CA ALA B 73 -6.91 -2.25 -6.94
C ALA B 73 -8.35 -1.75 -6.94
N LYS B 74 -8.59 -0.61 -6.30
CA LYS B 74 -9.92 0.01 -6.29
C LYS B 74 -10.38 0.33 -7.70
N HIS B 75 -9.41 0.59 -8.57
CA HIS B 75 -9.72 0.92 -9.95
C HIS B 75 -9.17 -0.15 -10.88
N CYS B 76 -9.03 -1.35 -10.35
CA CYS B 76 -8.54 -2.49 -11.11
C CYS B 76 -9.64 -3.53 -11.28
N GLN B 77 -10.13 -3.68 -12.50
CA GLN B 77 -11.16 -4.66 -12.79
C GLN B 77 -10.57 -5.79 -13.62
N GLU B 78 -9.28 -6.05 -13.40
CA GLU B 78 -8.57 -7.08 -14.14
C GLU B 78 -7.86 -8.01 -13.17
N ASN B 79 -7.78 -9.28 -13.54
CA ASN B 79 -7.10 -10.28 -12.72
C ASN B 79 -5.64 -10.43 -13.15
N LYS B 80 -5.26 -9.71 -14.18
CA LYS B 80 -3.86 -9.60 -14.57
C LYS B 80 -3.40 -8.18 -14.32
N CYS B 81 -2.61 -7.98 -13.28
CA CYS B 81 -2.20 -6.65 -12.90
C CYS B 81 -0.80 -6.67 -12.28
N PRO B 82 -0.01 -5.63 -12.52
CA PRO B 82 1.43 -5.61 -12.20
C PRO B 82 1.75 -5.85 -10.73
N VAL B 83 1.40 -4.87 -9.87
CA VAL B 83 1.77 -4.97 -8.46
C VAL B 83 1.17 -6.22 -7.80
N PRO B 84 1.88 -6.69 -6.77
CA PRO B 84 1.67 -7.99 -6.15
C PRO B 84 0.39 -8.10 -5.35
N PHE B 85 0.15 -7.13 -4.47
CA PHE B 85 -0.99 -7.20 -3.58
C PHE B 85 -2.29 -6.82 -4.26
N CYS B 86 -2.22 -6.37 -5.50
CA CYS B 86 -3.43 -6.02 -6.24
C CYS B 86 -4.30 -7.27 -6.39
N LEU B 87 -3.64 -8.37 -6.68
CA LEU B 87 -4.31 -9.65 -6.85
C LEU B 87 -4.55 -10.29 -5.49
N ASN B 88 -3.77 -9.86 -4.50
CA ASN B 88 -3.97 -10.33 -3.13
C ASN B 88 -5.28 -9.77 -2.56
N ILE B 89 -5.53 -8.48 -2.83
CA ILE B 89 -6.81 -7.87 -2.49
C ILE B 89 -7.97 -8.68 -3.06
N LYS B 90 -7.83 -9.11 -4.30
CA LYS B 90 -8.87 -9.84 -4.98
C LYS B 90 -8.97 -11.27 -4.46
N GLN B 91 -7.88 -12.01 -4.54
CA GLN B 91 -7.89 -13.43 -4.24
C GLN B 91 -7.27 -13.73 -2.89
N LYS B 92 -8.11 -13.92 -1.89
CA LYS B 92 -7.67 -14.41 -0.60
C LYS B 92 -7.84 -15.92 -0.54
ZN ZN C . 12.58 -0.67 -13.50
ZN ZN D . 6.38 -8.39 3.51
ZN ZN E . -4.04 -3.39 -10.06
N GLY A 1 -32.31 8.08 0.31
CA GLY A 1 -33.02 7.09 -0.54
C GLY A 1 -33.12 5.75 0.14
N SER A 2 -34.08 4.94 -0.27
CA SER A 2 -34.28 3.63 0.32
C SER A 2 -33.33 2.61 -0.30
N ARG A 3 -32.21 2.39 0.36
CA ARG A 3 -31.24 1.41 -0.09
C ARG A 3 -31.03 0.35 0.98
N ALA A 4 -31.31 -0.90 0.63
CA ALA A 4 -31.15 -2.01 1.57
C ALA A 4 -29.69 -2.16 1.98
N SER A 5 -28.79 -1.75 1.10
CA SER A 5 -27.37 -1.78 1.38
C SER A 5 -26.99 -0.74 2.43
N CYS A 6 -27.66 0.41 2.37
CA CYS A 6 -27.42 1.49 3.33
C CYS A 6 -28.04 1.17 4.68
N MET A 7 -28.86 0.13 4.73
CA MET A 7 -29.48 -0.31 5.97
C MET A 7 -28.49 -1.18 6.76
N GLN A 8 -27.34 -1.43 6.15
CA GLN A 8 -26.27 -2.15 6.82
C GLN A 8 -25.08 -1.23 7.00
N MET A 9 -24.47 -1.29 8.18
CA MET A 9 -23.28 -0.51 8.45
C MET A 9 -22.07 -1.22 7.88
N ASP A 10 -21.38 -0.55 6.97
CA ASP A 10 -20.26 -1.17 6.26
C ASP A 10 -18.97 -1.09 7.05
N ASP A 11 -18.33 -2.24 7.19
CA ASP A 11 -17.00 -2.31 7.79
C ASP A 11 -15.97 -1.88 6.76
N VAL A 12 -16.30 -2.12 5.50
CA VAL A 12 -15.40 -1.82 4.39
C VAL A 12 -15.16 -0.32 4.28
N ILE A 13 -16.21 0.46 4.44
CA ILE A 13 -16.11 1.91 4.29
C ILE A 13 -15.29 2.51 5.43
N ASP A 14 -15.31 1.85 6.58
CA ASP A 14 -14.52 2.27 7.72
C ASP A 14 -13.07 1.90 7.50
N ASP A 15 -12.87 0.73 6.88
CA ASP A 15 -11.53 0.26 6.57
C ASP A 15 -10.87 1.17 5.53
N ILE A 16 -11.60 1.45 4.45
CA ILE A 16 -11.07 2.25 3.33
C ILE A 16 -10.37 3.52 3.81
N ILE A 17 -11.09 4.34 4.57
CA ILE A 17 -10.55 5.61 5.05
C ILE A 17 -9.28 5.38 5.85
N SER A 18 -9.39 4.61 6.93
CA SER A 18 -8.24 4.31 7.78
C SER A 18 -7.08 3.70 6.99
N LEU A 19 -7.43 2.81 6.06
CA LEU A 19 -6.46 2.10 5.26
C LEU A 19 -5.64 3.06 4.40
N GLU A 20 -6.30 3.97 3.70
CA GLU A 20 -5.61 4.85 2.78
C GLU A 20 -5.04 6.08 3.50
N SER A 21 -5.81 6.64 4.41
CA SER A 21 -5.44 7.91 5.04
C SER A 21 -4.20 7.77 5.93
N SER A 22 -4.07 6.63 6.59
CA SER A 22 -2.90 6.39 7.43
C SER A 22 -1.89 5.52 6.70
N TYR A 23 -2.42 4.54 5.97
CA TYR A 23 -1.66 3.53 5.19
C TYR A 23 -0.57 2.82 6.01
N ASN A 24 0.44 3.55 6.46
CA ASN A 24 1.45 3.04 7.34
C ASN A 24 2.34 4.17 7.78
N GLU A 25 1.85 4.95 8.71
CA GLU A 25 2.57 6.10 9.22
C GLU A 25 3.72 5.64 10.11
N GLU A 26 3.76 4.34 10.37
CA GLU A 26 4.82 3.74 11.17
C GLU A 26 6.20 4.03 10.58
N ILE A 27 6.40 3.70 9.31
CA ILE A 27 7.69 3.92 8.66
C ILE A 27 7.76 5.31 8.02
N LEU A 28 6.65 6.04 8.08
CA LEU A 28 6.55 7.36 7.48
C LEU A 28 6.75 8.45 8.53
N GLY A 29 6.11 8.28 9.67
CA GLY A 29 6.13 9.29 10.70
C GLY A 29 7.12 8.95 11.78
N LEU A 30 8.38 9.05 11.44
CA LEU A 30 9.46 8.84 12.40
C LEU A 30 9.56 10.05 13.31
N MET A 31 10.26 9.87 14.41
CA MET A 31 10.49 10.96 15.35
C MET A 31 11.88 11.54 15.15
N ASP A 32 11.95 12.86 15.10
CA ASP A 32 13.22 13.54 14.88
C ASP A 32 13.92 13.80 16.20
N PRO A 33 15.27 13.78 16.19
CA PRO A 33 16.07 13.97 17.41
C PRO A 33 16.05 15.42 17.92
N ALA A 34 14.86 15.92 18.21
CA ALA A 34 14.69 17.25 18.75
C ALA A 34 14.28 17.17 20.21
N GLY B 1 0.08 21.33 17.70
CA GLY B 1 -0.48 20.26 16.84
C GLY B 1 -1.90 20.57 16.41
N SER B 2 -2.83 20.42 17.35
CA SER B 2 -4.25 20.67 17.10
C SER B 2 -4.84 19.63 16.15
N ALA B 3 -4.55 19.75 14.86
CA ALA B 3 -5.08 18.83 13.87
C ALA B 3 -4.15 17.64 13.68
N THR B 4 -4.48 16.54 14.33
CA THR B 4 -3.72 15.31 14.19
C THR B 4 -4.39 14.38 13.18
N GLN B 5 -5.34 14.94 12.43
CA GLN B 5 -6.09 14.20 11.44
C GLN B 5 -5.18 13.73 10.31
N SER B 6 -5.54 12.62 9.70
CA SER B 6 -4.77 12.06 8.60
C SER B 6 -4.98 12.89 7.34
N PRO B 7 -3.89 13.43 6.77
CA PRO B 7 -3.97 14.26 5.57
C PRO B 7 -4.37 13.47 4.34
N GLY B 8 -5.22 14.07 3.52
CA GLY B 8 -5.71 13.40 2.34
C GLY B 8 -4.84 13.67 1.13
N ASP B 9 -4.80 14.93 0.70
CA ASP B 9 -4.12 15.34 -0.52
C ASP B 9 -2.68 14.84 -0.59
N SER B 10 -1.88 15.32 0.36
CA SER B 10 -0.45 15.02 0.39
C SER B 10 -0.17 13.52 0.44
N ARG B 11 -0.75 12.85 1.41
CA ARG B 11 -0.62 11.42 1.56
C ARG B 11 -1.07 10.67 0.32
N ARG B 12 -2.25 11.00 -0.17
CA ARG B 12 -2.77 10.41 -1.40
C ARG B 12 -1.73 10.42 -2.51
N LEU B 13 -1.19 11.59 -2.84
CA LEU B 13 -0.21 11.69 -3.91
C LEU B 13 1.09 11.00 -3.50
N SER B 14 1.42 11.07 -2.22
CA SER B 14 2.58 10.35 -1.69
C SER B 14 2.44 8.85 -1.96
N ILE B 15 1.28 8.28 -1.63
CA ILE B 15 0.98 6.91 -2.03
C ILE B 15 1.23 6.70 -3.53
N GLN B 16 0.64 7.55 -4.35
CA GLN B 16 0.76 7.45 -5.79
C GLN B 16 2.23 7.45 -6.24
N ARG B 17 3.05 8.28 -5.58
CA ARG B 17 4.48 8.32 -5.87
C ARG B 17 5.11 6.97 -5.65
N ALA B 18 4.76 6.37 -4.52
CA ALA B 18 5.22 5.04 -4.17
C ALA B 18 4.66 4.01 -5.14
N ILE B 19 3.41 4.21 -5.52
CA ILE B 19 2.72 3.28 -6.41
C ILE B 19 3.38 3.24 -7.78
N GLN B 20 3.81 4.39 -8.28
CA GLN B 20 4.58 4.45 -9.52
C GLN B 20 5.79 3.54 -9.46
N SER B 21 6.50 3.59 -8.34
CA SER B 21 7.64 2.73 -8.10
C SER B 21 7.22 1.28 -8.08
N LEU B 22 6.14 1.01 -7.37
CA LEU B 22 5.66 -0.34 -7.14
C LEU B 22 5.23 -1.00 -8.45
N VAL B 23 4.42 -0.31 -9.23
CA VAL B 23 3.90 -0.88 -10.47
C VAL B 23 5.02 -1.17 -11.46
N HIS B 24 6.02 -0.30 -11.53
CA HIS B 24 7.17 -0.54 -12.39
C HIS B 24 8.03 -1.69 -11.86
N ALA B 25 8.52 -1.52 -10.64
CA ALA B 25 9.43 -2.50 -10.03
C ALA B 25 8.81 -3.89 -9.92
N ALA B 26 7.48 -3.94 -9.81
CA ALA B 26 6.77 -5.20 -9.68
C ALA B 26 6.98 -6.10 -10.90
N GLN B 27 6.93 -5.50 -12.07
CA GLN B 27 6.97 -6.25 -13.30
C GLN B 27 8.15 -5.84 -14.18
N CYS B 28 9.09 -5.10 -13.60
CA CYS B 28 10.23 -4.62 -14.37
C CYS B 28 11.04 -5.81 -14.88
N ARG B 29 11.15 -5.90 -16.19
CA ARG B 29 11.79 -7.04 -16.84
C ARG B 29 13.30 -6.81 -16.96
N ASN B 30 13.69 -5.56 -17.11
CA ASN B 30 15.10 -5.21 -17.24
C ASN B 30 15.82 -5.43 -15.93
N ALA B 31 16.65 -6.45 -15.91
CA ALA B 31 17.32 -6.89 -14.71
C ALA B 31 18.33 -5.87 -14.22
N ASN B 32 18.87 -5.08 -15.14
CA ASN B 32 19.86 -4.08 -14.77
C ASN B 32 19.23 -2.70 -14.65
N CYS B 33 17.91 -2.62 -14.85
CA CYS B 33 17.21 -1.36 -14.62
C CYS B 33 17.32 -0.96 -13.16
N SER B 34 17.72 0.26 -12.95
CA SER B 34 17.74 0.81 -11.61
C SER B 34 17.45 2.28 -11.65
N LEU B 35 16.27 2.63 -12.14
CA LEU B 35 15.83 3.99 -12.02
C LEU B 35 15.68 4.34 -10.54
N PRO B 36 15.52 5.64 -10.21
CA PRO B 36 15.60 6.12 -8.83
C PRO B 36 14.94 5.20 -7.81
N SER B 37 13.65 5.00 -7.97
CA SER B 37 12.89 4.17 -7.04
C SER B 37 12.82 2.70 -7.47
N CYS B 38 12.92 2.42 -8.78
CA CYS B 38 12.67 1.05 -9.26
C CYS B 38 13.60 0.05 -8.62
N GLN B 39 14.87 0.39 -8.54
CA GLN B 39 15.88 -0.50 -7.97
C GLN B 39 15.53 -0.91 -6.54
N LYS B 40 15.25 0.08 -5.71
CA LYS B 40 14.93 -0.15 -4.31
C LYS B 40 13.60 -0.85 -4.19
N MET B 41 12.63 -0.31 -4.90
CA MET B 41 11.28 -0.84 -4.87
C MET B 41 11.24 -2.27 -5.41
N LYS B 42 12.12 -2.58 -6.35
CA LYS B 42 12.28 -3.92 -6.88
C LYS B 42 12.59 -4.91 -5.76
N ARG B 43 13.60 -4.58 -4.96
CA ARG B 43 14.00 -5.42 -3.84
C ARG B 43 12.92 -5.45 -2.77
N VAL B 44 12.02 -4.48 -2.80
CA VAL B 44 10.90 -4.46 -1.89
C VAL B 44 9.82 -5.45 -2.36
N VAL B 45 9.49 -5.41 -3.65
CA VAL B 45 8.60 -6.40 -4.25
C VAL B 45 9.18 -7.79 -4.03
N GLN B 46 10.48 -7.87 -4.24
CA GLN B 46 11.23 -9.10 -4.05
C GLN B 46 11.29 -9.52 -2.59
N HIS B 47 11.12 -8.55 -1.69
CA HIS B 47 11.11 -8.81 -0.25
C HIS B 47 9.75 -9.34 0.17
N THR B 48 8.72 -8.92 -0.54
CA THR B 48 7.36 -9.32 -0.20
C THR B 48 7.04 -10.71 -0.72
N LYS B 49 7.93 -11.24 -1.58
CA LYS B 49 7.74 -12.57 -2.15
C LYS B 49 7.48 -13.60 -1.06
N GLY B 50 8.37 -13.63 -0.07
CA GLY B 50 8.23 -14.55 1.04
C GLY B 50 8.51 -13.89 2.37
N CYS B 51 7.77 -12.83 2.66
CA CYS B 51 7.97 -12.07 3.87
C CYS B 51 7.05 -12.56 5.00
N LYS B 52 5.80 -12.84 4.63
CA LYS B 52 4.77 -13.31 5.58
C LYS B 52 4.54 -12.31 6.72
N ARG B 53 3.78 -12.76 7.74
CA ARG B 53 3.56 -12.02 9.00
C ARG B 53 2.64 -10.81 8.83
N LYS B 54 2.88 -10.03 7.80
CA LYS B 54 2.24 -8.74 7.62
C LYS B 54 0.71 -8.82 7.60
N THR B 55 0.17 -9.95 7.18
CA THR B 55 -1.25 -10.06 6.94
C THR B 55 -2.05 -9.84 8.23
N ASN B 56 -1.39 -10.04 9.37
CA ASN B 56 -2.04 -9.86 10.66
C ASN B 56 -1.39 -8.72 11.43
N GLY B 57 -0.71 -7.83 10.72
CA GLY B 57 -0.09 -6.68 11.35
C GLY B 57 1.38 -6.86 11.62
N GLY B 58 2.04 -7.66 10.79
CA GLY B 58 3.47 -7.88 10.95
C GLY B 58 4.30 -6.86 10.19
N CYS B 59 4.78 -7.25 9.02
CA CYS B 59 5.61 -6.39 8.18
C CYS B 59 4.93 -5.07 7.85
N PRO B 60 5.56 -3.93 8.23
CA PRO B 60 5.03 -2.60 7.92
C PRO B 60 5.21 -2.23 6.45
N ILE B 61 6.31 -2.72 5.87
CA ILE B 61 6.59 -2.51 4.46
C ILE B 61 5.54 -3.19 3.62
N CYS B 62 5.38 -4.49 3.82
CA CYS B 62 4.37 -5.24 3.10
C CYS B 62 2.98 -4.68 3.41
N LYS B 63 2.82 -4.12 4.62
CA LYS B 63 1.60 -3.43 5.00
C LYS B 63 1.41 -2.17 4.16
N GLN B 64 2.50 -1.52 3.78
CA GLN B 64 2.45 -0.38 2.88
C GLN B 64 2.02 -0.82 1.49
N LEU B 65 2.72 -1.81 0.96
CA LEU B 65 2.38 -2.35 -0.34
C LEU B 65 0.91 -2.74 -0.38
N ILE B 66 0.51 -3.56 0.58
CA ILE B 66 -0.91 -3.88 0.81
C ILE B 66 -1.75 -2.60 0.82
N ALA B 67 -1.30 -1.62 1.61
CA ALA B 67 -1.97 -0.34 1.74
C ALA B 67 -2.20 0.33 0.38
N LEU B 68 -1.11 0.55 -0.34
CA LEU B 68 -1.18 1.24 -1.61
C LEU B 68 -1.93 0.41 -2.63
N ALA B 69 -1.69 -0.89 -2.64
CA ALA B 69 -2.30 -1.78 -3.61
C ALA B 69 -3.81 -1.84 -3.44
N ALA B 70 -4.29 -1.66 -2.22
CA ALA B 70 -5.72 -1.63 -1.97
C ALA B 70 -6.34 -0.40 -2.62
N TYR B 71 -5.70 0.74 -2.41
CA TYR B 71 -6.05 1.98 -3.07
C TYR B 71 -5.94 1.85 -4.58
N HIS B 72 -4.84 1.25 -5.02
CA HIS B 72 -4.59 1.03 -6.43
C HIS B 72 -5.65 0.09 -7.02
N ALA B 73 -5.99 -0.96 -6.29
CA ALA B 73 -6.96 -1.96 -6.74
C ALA B 73 -8.37 -1.38 -6.80
N LYS B 74 -8.58 -0.23 -6.17
CA LYS B 74 -9.87 0.44 -6.17
C LYS B 74 -10.35 0.75 -7.59
N HIS B 75 -9.39 0.88 -8.49
CA HIS B 75 -9.72 1.14 -9.89
C HIS B 75 -9.20 0.01 -10.77
N CYS B 76 -9.04 -1.16 -10.17
CA CYS B 76 -8.55 -2.33 -10.88
C CYS B 76 -9.62 -3.39 -11.01
N GLN B 77 -10.10 -3.58 -12.23
CA GLN B 77 -10.97 -4.70 -12.55
C GLN B 77 -10.14 -5.80 -13.20
N GLU B 78 -8.83 -5.71 -12.95
CA GLU B 78 -7.85 -6.55 -13.60
C GLU B 78 -7.74 -7.90 -12.93
N ASN B 79 -7.64 -8.94 -13.74
CA ASN B 79 -7.35 -10.27 -13.24
C ASN B 79 -5.85 -10.49 -13.26
N LYS B 80 -5.16 -9.64 -14.00
CA LYS B 80 -3.71 -9.63 -14.05
C LYS B 80 -3.21 -8.20 -13.91
N CYS B 81 -2.49 -7.93 -12.84
CA CYS B 81 -2.04 -6.57 -12.56
C CYS B 81 -0.58 -6.58 -12.12
N PRO B 82 0.15 -5.50 -12.38
CA PRO B 82 1.60 -5.44 -12.15
C PRO B 82 2.00 -5.66 -10.69
N VAL B 83 1.60 -4.73 -9.81
CA VAL B 83 1.97 -4.84 -8.40
C VAL B 83 1.46 -6.15 -7.79
N PRO B 84 2.13 -6.58 -6.73
CA PRO B 84 1.93 -7.89 -6.12
C PRO B 84 0.62 -8.01 -5.36
N PHE B 85 0.36 -7.06 -4.49
CA PHE B 85 -0.75 -7.16 -3.56
C PHE B 85 -2.07 -6.75 -4.18
N CYS B 86 -2.05 -6.30 -5.43
CA CYS B 86 -3.29 -5.92 -6.09
C CYS B 86 -4.22 -7.13 -6.19
N LEU B 87 -3.65 -8.23 -6.67
CA LEU B 87 -4.41 -9.47 -6.76
C LEU B 87 -4.54 -10.11 -5.38
N ASN B 88 -3.66 -9.73 -4.46
CA ASN B 88 -3.79 -10.14 -3.05
C ASN B 88 -5.13 -9.66 -2.49
N ILE B 89 -5.47 -8.39 -2.75
CA ILE B 89 -6.76 -7.84 -2.37
C ILE B 89 -7.91 -8.70 -2.90
N LYS B 90 -7.84 -9.06 -4.17
CA LYS B 90 -8.93 -9.78 -4.82
C LYS B 90 -9.04 -11.22 -4.36
N GLN B 91 -8.00 -11.72 -3.70
CA GLN B 91 -8.03 -13.08 -3.18
C GLN B 91 -8.58 -13.09 -1.75
N LYS B 92 -9.90 -13.20 -1.66
CA LYS B 92 -10.57 -13.26 -0.36
C LYS B 92 -10.50 -14.68 0.19
ZN ZN C . 12.75 -0.72 -13.73
ZN ZN D . 7.74 -7.33 4.04
ZN ZN E . -4.03 -3.22 -9.88
N GLY A 1 -28.47 -10.12 -1.06
CA GLY A 1 -27.28 -9.89 -0.19
C GLY A 1 -27.29 -8.52 0.43
N SER A 2 -26.94 -8.44 1.70
CA SER A 2 -26.89 -7.18 2.41
C SER A 2 -25.84 -7.26 3.52
N ARG A 3 -25.07 -6.19 3.68
CA ARG A 3 -24.04 -6.14 4.71
C ARG A 3 -24.66 -5.88 6.08
N ALA A 4 -24.92 -6.96 6.81
CA ALA A 4 -25.51 -6.89 8.14
C ALA A 4 -24.61 -6.13 9.10
N SER A 5 -23.31 -6.22 8.87
CA SER A 5 -22.33 -5.54 9.71
C SER A 5 -22.41 -4.02 9.51
N CYS A 6 -23.09 -3.59 8.46
CA CYS A 6 -23.26 -2.18 8.18
C CYS A 6 -24.53 -1.63 8.80
N MET A 7 -25.29 -2.50 9.45
CA MET A 7 -26.46 -2.07 10.20
C MET A 7 -25.99 -1.34 11.45
N GLN A 8 -24.95 -1.89 12.07
CA GLN A 8 -24.29 -1.26 13.20
C GLN A 8 -23.17 -0.35 12.70
N MET A 9 -22.31 0.08 13.60
CA MET A 9 -21.17 0.89 13.21
C MET A 9 -20.12 0.03 12.52
N ASP A 10 -19.66 0.48 11.36
CA ASP A 10 -18.65 -0.25 10.61
C ASP A 10 -17.27 -0.05 11.23
N ASP A 11 -16.78 -1.08 11.89
CA ASP A 11 -15.42 -1.04 12.43
C ASP A 11 -14.42 -1.11 11.29
N VAL A 12 -14.86 -1.70 10.19
CA VAL A 12 -14.01 -1.92 9.03
C VAL A 12 -13.63 -0.59 8.38
N ILE A 13 -14.58 0.36 8.35
CA ILE A 13 -14.32 1.65 7.74
C ILE A 13 -13.49 2.51 8.67
N ASP A 14 -13.70 2.34 9.97
CA ASP A 14 -12.92 3.07 10.97
C ASP A 14 -11.45 2.70 10.83
N ASP A 15 -11.21 1.42 10.58
CA ASP A 15 -9.86 0.93 10.34
C ASP A 15 -9.29 1.57 9.07
N ILE A 16 -10.12 1.67 8.04
CA ILE A 16 -9.73 2.32 6.79
C ILE A 16 -9.38 3.79 7.01
N ILE A 17 -10.23 4.50 7.73
CA ILE A 17 -9.98 5.89 8.10
C ILE A 17 -8.63 6.03 8.80
N SER A 18 -8.40 5.14 9.74
CA SER A 18 -7.15 5.12 10.49
C SER A 18 -5.96 4.78 9.59
N LEU A 19 -6.24 4.20 8.43
CA LEU A 19 -5.19 3.90 7.44
C LEU A 19 -4.97 5.08 6.52
N GLU A 20 -6.05 5.76 6.18
CA GLU A 20 -5.96 6.93 5.32
C GLU A 20 -5.13 8.04 5.99
N SER A 21 -5.05 7.98 7.30
CA SER A 21 -4.22 8.90 8.07
C SER A 21 -2.90 8.24 8.46
N SER A 22 -2.98 7.13 9.19
CA SER A 22 -1.80 6.43 9.66
C SER A 22 -1.75 5.00 9.11
N TYR A 23 -1.72 4.89 7.79
CA TYR A 23 -1.61 3.60 7.10
C TYR A 23 -0.46 2.77 7.68
N ASN A 24 0.69 3.39 7.80
CA ASN A 24 1.85 2.81 8.44
C ASN A 24 2.94 3.86 8.50
N GLU A 25 2.77 4.81 9.39
CA GLU A 25 3.72 5.89 9.54
C GLU A 25 4.90 5.42 10.38
N GLU A 26 4.76 4.23 10.96
CA GLU A 26 5.81 3.64 11.77
C GLU A 26 7.11 3.53 11.00
N ILE A 27 7.04 3.02 9.78
CA ILE A 27 8.23 2.88 8.95
C ILE A 27 8.42 4.14 8.11
N LEU A 28 7.40 5.00 8.11
CA LEU A 28 7.44 6.24 7.37
C LEU A 28 8.37 7.24 8.07
N GLY A 29 8.03 7.54 9.32
CA GLY A 29 8.87 8.41 10.12
C GLY A 29 10.03 7.66 10.76
N LEU A 30 10.46 6.59 10.10
CA LEU A 30 11.57 5.78 10.57
C LEU A 30 12.89 6.53 10.43
N MET A 31 13.77 6.33 11.40
CA MET A 31 15.10 6.91 11.34
C MET A 31 16.08 5.88 10.80
N ASP A 32 16.82 6.27 9.78
CA ASP A 32 17.76 5.36 9.13
C ASP A 32 18.98 5.12 10.01
N PRO A 33 19.46 3.87 10.05
CA PRO A 33 20.65 3.50 10.82
C PRO A 33 21.95 3.88 10.12
N ALA A 34 22.14 5.18 9.92
CA ALA A 34 23.34 5.72 9.27
C ALA A 34 23.49 5.18 7.85
N GLY B 1 -0.21 21.38 18.19
CA GLY B 1 -0.52 21.42 16.75
C GLY B 1 -2.00 21.54 16.48
N SER B 2 -2.35 22.00 15.29
CA SER B 2 -3.75 22.13 14.91
C SER B 2 -4.30 20.79 14.46
N ALA B 3 -3.46 19.99 13.81
CA ALA B 3 -3.82 18.67 13.34
C ALA B 3 -2.58 17.85 13.07
N THR B 4 -2.23 16.98 14.02
CA THR B 4 -1.07 16.12 13.86
C THR B 4 -1.37 14.98 12.90
N GLN B 5 -2.65 14.63 12.80
CA GLN B 5 -3.08 13.57 11.90
C GLN B 5 -2.77 13.95 10.45
N SER B 6 -2.28 12.99 9.70
CA SER B 6 -1.92 13.21 8.31
C SER B 6 -3.17 13.18 7.43
N PRO B 7 -3.31 14.15 6.52
CA PRO B 7 -4.46 14.24 5.64
C PRO B 7 -4.40 13.19 4.53
N GLY B 8 -5.55 12.58 4.27
CA GLY B 8 -5.64 11.53 3.28
C GLY B 8 -5.38 12.04 1.87
N ASP B 9 -5.50 13.36 1.71
CA ASP B 9 -5.26 14.00 0.42
C ASP B 9 -3.77 13.93 0.07
N SER B 10 -2.92 14.29 1.03
CA SER B 10 -1.49 14.36 0.78
C SER B 10 -0.89 12.96 0.71
N ARG B 11 -1.37 12.07 1.55
CA ARG B 11 -0.92 10.69 1.53
C ARG B 11 -1.35 10.02 0.22
N ARG B 12 -2.44 10.48 -0.37
CA ARG B 12 -2.93 9.91 -1.61
C ARG B 12 -1.92 10.09 -2.73
N LEU B 13 -1.51 11.33 -2.96
CA LEU B 13 -0.53 11.62 -3.99
C LEU B 13 0.82 11.01 -3.64
N SER B 14 1.13 10.96 -2.35
CA SER B 14 2.33 10.30 -1.87
C SER B 14 2.30 8.82 -2.23
N ILE B 15 1.19 8.16 -1.90
CA ILE B 15 0.96 6.79 -2.34
C ILE B 15 1.16 6.63 -3.86
N GLN B 16 0.53 7.50 -4.63
CA GLN B 16 0.64 7.46 -6.09
C GLN B 16 2.09 7.39 -6.55
N ARG B 17 2.95 8.18 -5.90
CA ARG B 17 4.38 8.18 -6.20
C ARG B 17 4.97 6.81 -5.99
N ALA B 18 4.69 6.26 -4.82
CA ALA B 18 5.13 4.92 -4.47
C ALA B 18 4.57 3.89 -5.43
N ILE B 19 3.31 4.08 -5.80
CA ILE B 19 2.63 3.17 -6.70
C ILE B 19 3.29 3.15 -8.07
N GLN B 20 3.77 4.31 -8.52
CA GLN B 20 4.54 4.41 -9.76
C GLN B 20 5.77 3.51 -9.68
N SER B 21 6.48 3.60 -8.57
CA SER B 21 7.63 2.76 -8.31
C SER B 21 7.22 1.30 -8.29
N LEU B 22 6.14 1.02 -7.58
CA LEU B 22 5.67 -0.33 -7.35
C LEU B 22 5.30 -1.01 -8.67
N VAL B 23 4.50 -0.33 -9.48
CA VAL B 23 4.01 -0.91 -10.70
C VAL B 23 5.16 -1.22 -11.68
N HIS B 24 6.11 -0.30 -11.80
CA HIS B 24 7.25 -0.53 -12.68
C HIS B 24 8.13 -1.66 -12.13
N ALA B 25 8.56 -1.52 -10.88
CA ALA B 25 9.46 -2.49 -10.26
C ALA B 25 8.82 -3.88 -10.18
N ALA B 26 7.50 -3.93 -10.10
CA ALA B 26 6.80 -5.20 -10.02
C ALA B 26 6.98 -6.04 -11.28
N GLN B 27 6.84 -5.40 -12.42
CA GLN B 27 6.85 -6.09 -13.70
C GLN B 27 8.11 -5.82 -14.49
N CYS B 28 9.06 -5.09 -13.90
CA CYS B 28 10.28 -4.75 -14.60
C CYS B 28 11.06 -6.02 -14.92
N ARG B 29 11.11 -6.37 -16.20
CA ARG B 29 11.76 -7.60 -16.63
C ARG B 29 13.28 -7.42 -16.60
N ASN B 30 13.71 -6.18 -16.78
CA ASN B 30 15.11 -5.84 -16.67
C ASN B 30 15.54 -5.91 -15.22
N ALA B 31 16.29 -6.95 -14.91
CA ALA B 31 16.73 -7.20 -13.55
C ALA B 31 17.78 -6.19 -13.12
N ASN B 32 18.45 -5.60 -14.10
CA ASN B 32 19.54 -4.69 -13.86
C ASN B 32 19.04 -3.24 -13.81
N CYS B 33 17.85 -3.01 -14.36
CA CYS B 33 17.24 -1.69 -14.35
C CYS B 33 17.20 -1.12 -12.95
N SER B 34 17.88 -0.02 -12.77
CA SER B 34 17.85 0.66 -11.51
C SER B 34 17.60 2.12 -11.70
N LEU B 35 16.43 2.46 -12.20
CA LEU B 35 16.00 3.83 -12.17
C LEU B 35 15.81 4.23 -10.71
N PRO B 36 15.67 5.54 -10.42
CA PRO B 36 15.69 6.07 -9.06
C PRO B 36 14.93 5.21 -8.04
N SER B 37 13.66 4.99 -8.32
CA SER B 37 12.80 4.24 -7.43
C SER B 37 12.77 2.74 -7.76
N CYS B 38 12.94 2.37 -9.04
CA CYS B 38 12.70 1.00 -9.49
C CYS B 38 13.61 0.01 -8.78
N GLN B 39 14.88 0.34 -8.67
CA GLN B 39 15.84 -0.55 -8.03
C GLN B 39 15.41 -0.89 -6.61
N LYS B 40 15.22 0.14 -5.80
CA LYS B 40 14.80 -0.01 -4.42
C LYS B 40 13.49 -0.74 -4.35
N MET B 41 12.52 -0.24 -5.10
CA MET B 41 11.17 -0.78 -5.09
C MET B 41 11.16 -2.23 -5.59
N LYS B 42 12.09 -2.56 -6.48
CA LYS B 42 12.27 -3.91 -6.98
C LYS B 42 12.60 -4.86 -5.83
N ARG B 43 13.57 -4.48 -5.02
CA ARG B 43 13.97 -5.28 -3.87
C ARG B 43 12.86 -5.31 -2.83
N VAL B 44 11.95 -4.34 -2.93
CA VAL B 44 10.80 -4.27 -2.06
C VAL B 44 9.74 -5.30 -2.50
N VAL B 45 9.42 -5.31 -3.79
CA VAL B 45 8.55 -6.34 -4.36
C VAL B 45 9.15 -7.71 -4.09
N GLN B 46 10.46 -7.77 -4.24
CA GLN B 46 11.23 -8.98 -3.98
C GLN B 46 11.29 -9.29 -2.48
N HIS B 47 11.03 -8.30 -1.67
CA HIS B 47 10.97 -8.46 -0.23
C HIS B 47 9.63 -9.09 0.15
N THR B 48 8.59 -8.72 -0.58
CA THR B 48 7.26 -9.19 -0.30
C THR B 48 7.13 -10.67 -0.67
N LYS B 49 8.12 -11.17 -1.43
CA LYS B 49 8.16 -12.57 -1.81
C LYS B 49 8.25 -13.46 -0.57
N GLY B 50 9.19 -13.12 0.31
CA GLY B 50 9.42 -13.91 1.50
C GLY B 50 8.42 -13.62 2.59
N CYS B 51 7.95 -12.38 2.66
CA CYS B 51 6.97 -11.98 3.63
C CYS B 51 5.68 -12.79 3.46
N LYS B 52 5.28 -13.51 4.50
CA LYS B 52 4.07 -14.31 4.46
C LYS B 52 3.17 -13.97 5.64
N ARG B 53 3.79 -13.84 6.82
CA ARG B 53 3.07 -13.59 8.06
C ARG B 53 2.31 -12.27 8.01
N LYS B 54 2.72 -11.38 7.11
CA LYS B 54 2.12 -10.05 6.99
C LYS B 54 0.61 -10.11 6.76
N THR B 55 0.14 -11.22 6.19
CA THR B 55 -1.28 -11.37 5.89
C THR B 55 -2.12 -11.37 7.16
N ASN B 56 -1.49 -11.70 8.28
CA ASN B 56 -2.18 -11.76 9.57
C ASN B 56 -1.84 -10.54 10.40
N GLY B 57 -1.41 -9.47 9.74
CA GLY B 57 -1.04 -8.26 10.45
C GLY B 57 0.39 -8.30 10.93
N GLY B 58 1.31 -8.49 9.99
CA GLY B 58 2.71 -8.59 10.34
C GLY B 58 3.54 -7.49 9.72
N CYS B 59 4.16 -7.79 8.59
CA CYS B 59 5.06 -6.87 7.93
C CYS B 59 4.40 -5.51 7.65
N PRO B 60 5.01 -4.43 8.17
CA PRO B 60 4.51 -3.05 8.01
C PRO B 60 4.71 -2.54 6.58
N ILE B 61 5.84 -2.88 5.99
CA ILE B 61 6.12 -2.52 4.61
C ILE B 61 5.07 -3.12 3.71
N CYS B 62 4.80 -4.41 3.92
CA CYS B 62 3.77 -5.10 3.17
C CYS B 62 2.39 -4.60 3.53
N LYS B 63 2.25 -4.08 4.74
CA LYS B 63 1.03 -3.40 5.14
C LYS B 63 0.86 -2.11 4.34
N GLN B 64 1.97 -1.52 3.93
CA GLN B 64 1.95 -0.37 3.04
C GLN B 64 1.71 -0.78 1.60
N LEU B 65 2.46 -1.78 1.16
CA LEU B 65 2.25 -2.36 -0.16
C LEU B 65 0.79 -2.76 -0.33
N ILE B 66 0.21 -3.32 0.72
CA ILE B 66 -1.23 -3.58 0.80
C ILE B 66 -2.00 -2.26 0.74
N ALA B 67 -1.62 -1.32 1.59
CA ALA B 67 -2.27 0.00 1.68
C ALA B 67 -2.37 0.68 0.32
N LEU B 68 -1.26 0.75 -0.38
CA LEU B 68 -1.22 1.43 -1.68
C LEU B 68 -1.97 0.60 -2.72
N ALA B 69 -1.71 -0.69 -2.74
CA ALA B 69 -2.31 -1.56 -3.74
C ALA B 69 -3.82 -1.66 -3.55
N ALA B 70 -4.27 -1.52 -2.32
CA ALA B 70 -5.71 -1.48 -2.05
C ALA B 70 -6.32 -0.22 -2.64
N TYR B 71 -5.64 0.89 -2.44
CA TYR B 71 -6.00 2.17 -3.06
C TYR B 71 -5.96 2.04 -4.58
N HIS B 72 -4.92 1.43 -5.09
CA HIS B 72 -4.78 1.21 -6.51
C HIS B 72 -5.90 0.28 -7.02
N ALA B 73 -6.20 -0.75 -6.23
CA ALA B 73 -7.20 -1.75 -6.59
C ALA B 73 -8.62 -1.21 -6.45
N LYS B 74 -8.76 -0.03 -5.85
CA LYS B 74 -10.06 0.62 -5.73
C LYS B 74 -10.70 0.85 -7.10
N HIS B 75 -9.87 0.88 -8.13
CA HIS B 75 -10.35 1.06 -9.49
C HIS B 75 -9.86 -0.08 -10.38
N CYS B 76 -9.71 -1.25 -9.79
CA CYS B 76 -9.24 -2.41 -10.52
C CYS B 76 -10.27 -3.52 -10.48
N GLN B 77 -10.31 -4.32 -11.55
CA GLN B 77 -11.19 -5.47 -11.61
C GLN B 77 -10.40 -6.69 -12.07
N GLU B 78 -9.97 -6.67 -13.32
CA GLU B 78 -9.19 -7.74 -13.90
C GLU B 78 -8.28 -7.18 -15.00
N ASN B 79 -7.27 -6.44 -14.56
CA ASN B 79 -6.44 -5.65 -15.44
C ASN B 79 -5.13 -6.34 -15.74
N LYS B 80 -4.94 -7.53 -15.18
CA LYS B 80 -3.65 -8.22 -15.22
C LYS B 80 -2.58 -7.30 -14.64
N CYS B 81 -2.90 -6.74 -13.49
CA CYS B 81 -2.07 -5.73 -12.85
C CYS B 81 -0.68 -6.23 -12.54
N PRO B 82 0.32 -5.35 -12.71
CA PRO B 82 1.72 -5.66 -12.45
C PRO B 82 2.07 -5.76 -10.98
N VAL B 83 1.63 -4.78 -10.17
CA VAL B 83 1.96 -4.80 -8.75
C VAL B 83 1.50 -6.08 -8.08
N PRO B 84 2.20 -6.45 -7.01
CA PRO B 84 1.99 -7.70 -6.31
C PRO B 84 0.66 -7.74 -5.54
N PHE B 85 0.41 -6.74 -4.74
CA PHE B 85 -0.67 -6.82 -3.77
C PHE B 85 -2.03 -6.50 -4.38
N CYS B 86 -2.08 -6.10 -5.65
CA CYS B 86 -3.38 -5.77 -6.22
C CYS B 86 -4.18 -7.05 -6.41
N LEU B 87 -3.52 -8.08 -6.89
CA LEU B 87 -4.16 -9.37 -7.05
C LEU B 87 -4.26 -10.07 -5.70
N ASN B 88 -3.50 -9.57 -4.72
CA ASN B 88 -3.63 -10.03 -3.34
C ASN B 88 -4.96 -9.57 -2.74
N ILE B 89 -5.27 -8.27 -2.93
CA ILE B 89 -6.56 -7.72 -2.50
C ILE B 89 -7.73 -8.55 -3.04
N LYS B 90 -7.62 -8.98 -4.28
CA LYS B 90 -8.71 -9.64 -4.96
C LYS B 90 -8.84 -11.10 -4.53
N GLN B 91 -7.86 -11.58 -3.78
CA GLN B 91 -7.88 -12.96 -3.29
C GLN B 91 -8.40 -13.01 -1.86
N LYS B 92 -9.67 -12.66 -1.70
CA LYS B 92 -10.31 -12.71 -0.40
C LYS B 92 -11.08 -14.02 -0.25
ZN ZN C . 12.79 -0.81 -13.92
ZN ZN D . 7.20 -7.23 3.68
ZN ZN E . -4.61 -3.06 -9.94
N GLY A 1 -25.63 -3.13 0.50
CA GLY A 1 -25.16 -4.40 1.12
C GLY A 1 -26.22 -5.01 2.00
N SER A 2 -26.02 -6.28 2.37
CA SER A 2 -26.96 -6.97 3.23
C SER A 2 -26.35 -7.23 4.61
N ARG A 3 -25.11 -6.78 4.79
CA ARG A 3 -24.42 -6.91 6.07
C ARG A 3 -23.65 -5.64 6.39
N ALA A 4 -24.14 -4.53 5.88
CA ALA A 4 -23.50 -3.23 6.06
C ALA A 4 -24.30 -2.33 6.99
N SER A 5 -25.53 -2.04 6.59
CA SER A 5 -26.39 -1.12 7.33
C SER A 5 -26.99 -1.79 8.57
N CYS A 6 -26.73 -3.09 8.72
CA CYS A 6 -27.19 -3.82 9.90
C CYS A 6 -26.41 -3.40 11.12
N MET A 7 -25.26 -2.75 10.88
CA MET A 7 -24.44 -2.20 11.96
C MET A 7 -24.48 -0.69 11.90
N GLN A 8 -25.51 -0.17 11.25
CA GLN A 8 -25.67 1.27 11.01
C GLN A 8 -24.59 1.80 10.09
N MET A 9 -23.47 2.15 10.67
CA MET A 9 -22.33 2.62 9.91
C MET A 9 -21.47 1.44 9.50
N ASP A 10 -21.09 1.40 8.24
CA ASP A 10 -20.24 0.36 7.71
C ASP A 10 -18.89 0.38 8.40
N ASP A 11 -18.40 -0.80 8.77
CA ASP A 11 -17.07 -0.92 9.33
C ASP A 11 -16.04 -0.84 8.21
N VAL A 12 -16.53 -1.01 6.99
CA VAL A 12 -15.67 -1.01 5.82
C VAL A 12 -15.14 0.39 5.53
N ILE A 13 -15.93 1.41 5.85
CA ILE A 13 -15.55 2.78 5.58
C ILE A 13 -14.58 3.27 6.66
N ASP A 14 -14.63 2.62 7.82
CA ASP A 14 -13.66 2.91 8.87
C ASP A 14 -12.26 2.62 8.37
N ASP A 15 -12.14 1.52 7.64
CA ASP A 15 -10.87 1.16 7.00
C ASP A 15 -10.47 2.24 6.02
N ILE A 16 -11.45 2.73 5.25
CA ILE A 16 -11.21 3.80 4.29
C ILE A 16 -10.64 5.03 5.00
N ILE A 17 -11.33 5.48 6.05
CA ILE A 17 -10.87 6.62 6.85
C ILE A 17 -9.44 6.39 7.34
N SER A 18 -9.21 5.22 7.89
CA SER A 18 -7.89 4.83 8.39
C SER A 18 -6.85 4.91 7.27
N LEU A 19 -7.20 4.45 6.08
CA LEU A 19 -6.30 4.49 4.93
C LEU A 19 -6.06 5.93 4.47
N GLU A 20 -7.13 6.70 4.41
CA GLU A 20 -7.06 8.09 3.96
C GLU A 20 -6.22 8.94 4.90
N SER A 21 -6.17 8.55 6.16
CA SER A 21 -5.41 9.29 7.16
C SER A 21 -4.04 8.65 7.36
N SER A 22 -4.03 7.42 7.83
CA SER A 22 -2.81 6.72 8.14
C SER A 22 -2.77 5.37 7.42
N TYR A 23 -2.59 5.42 6.10
CA TYR A 23 -2.45 4.21 5.29
C TYR A 23 -1.41 3.27 5.92
N ASN A 24 -0.33 3.88 6.42
CA ASN A 24 0.69 3.16 7.17
C ASN A 24 1.66 4.19 7.72
N GLU A 25 1.13 5.11 8.49
CA GLU A 25 1.87 6.22 9.05
C GLU A 25 2.87 5.72 10.10
N GLU A 26 2.71 4.44 10.44
CA GLU A 26 3.59 3.75 11.38
C GLU A 26 5.07 3.91 11.04
N ILE A 27 5.41 3.83 9.75
CA ILE A 27 6.81 3.95 9.35
C ILE A 27 7.19 5.41 9.15
N LEU A 28 6.20 6.24 8.90
CA LEU A 28 6.38 7.69 8.77
C LEU A 28 6.90 8.28 10.07
N GLY A 29 6.44 7.71 11.15
CA GLY A 29 6.96 8.06 12.46
C GLY A 29 6.04 8.99 13.21
N LEU A 30 4.98 9.44 12.53
CA LEU A 30 3.99 10.30 13.18
C LEU A 30 3.17 9.51 14.18
N MET A 31 2.60 10.20 15.14
CA MET A 31 1.85 9.58 16.21
C MET A 31 0.35 9.75 16.02
N ASP A 32 -0.41 8.80 16.52
CA ASP A 32 -1.86 8.90 16.51
C ASP A 32 -2.30 9.82 17.65
N PRO A 33 -3.25 10.72 17.37
CA PRO A 33 -3.71 11.71 18.36
C PRO A 33 -4.54 11.09 19.48
N ALA A 34 -3.88 10.31 20.33
CA ALA A 34 -4.53 9.66 21.46
C ALA A 34 -3.71 9.87 22.73
N GLY B 1 3.84 21.57 13.35
CA GLY B 1 3.12 21.84 12.08
C GLY B 1 1.61 21.87 12.29
N SER B 2 0.91 22.51 11.37
CA SER B 2 -0.55 22.65 11.48
C SER B 2 -1.23 21.28 11.32
N ALA B 3 -0.64 20.42 10.51
CA ALA B 3 -1.19 19.09 10.30
C ALA B 3 -0.14 18.03 10.60
N THR B 4 -0.21 17.47 11.79
CA THR B 4 0.69 16.39 12.19
C THR B 4 0.22 15.09 11.56
N GLN B 5 -1.09 14.87 11.61
CA GLN B 5 -1.71 13.74 10.95
C GLN B 5 -1.68 13.93 9.45
N SER B 6 -1.40 12.88 8.72
CA SER B 6 -1.31 12.96 7.27
C SER B 6 -2.69 13.20 6.63
N PRO B 7 -2.85 14.36 5.97
CA PRO B 7 -4.05 14.63 5.20
C PRO B 7 -4.12 13.76 3.96
N GLY B 8 -5.34 13.44 3.56
CA GLY B 8 -5.57 12.56 2.43
C GLY B 8 -4.98 13.10 1.14
N ASP B 9 -4.84 14.42 1.08
CA ASP B 9 -4.26 15.09 -0.08
C ASP B 9 -2.78 14.76 -0.21
N SER B 10 -2.04 14.95 0.87
CA SER B 10 -0.60 14.83 0.83
C SER B 10 -0.17 13.37 0.76
N ARG B 11 -0.78 12.52 1.56
CA ARG B 11 -0.48 11.11 1.54
C ARG B 11 -0.91 10.50 0.20
N ARG B 12 -1.85 11.13 -0.49
CA ARG B 12 -2.33 10.64 -1.77
C ARG B 12 -1.18 10.54 -2.76
N LEU B 13 -0.57 11.67 -3.06
CA LEU B 13 0.52 11.70 -4.02
C LEU B 13 1.70 10.89 -3.50
N SER B 14 1.88 10.89 -2.19
CA SER B 14 2.93 10.09 -1.55
C SER B 14 2.69 8.60 -1.82
N ILE B 15 1.47 8.13 -1.57
CA ILE B 15 1.07 6.78 -1.99
C ILE B 15 1.37 6.55 -3.46
N GLN B 16 0.87 7.45 -4.30
CA GLN B 16 1.03 7.32 -5.75
C GLN B 16 2.51 7.21 -6.14
N ARG B 17 3.39 7.95 -5.46
CA ARG B 17 4.84 7.84 -5.68
C ARG B 17 5.29 6.41 -5.47
N ALA B 18 4.95 5.91 -4.29
CA ALA B 18 5.25 4.54 -3.93
C ALA B 18 4.65 3.58 -4.93
N ILE B 19 3.43 3.86 -5.34
CA ILE B 19 2.72 3.02 -6.28
C ILE B 19 3.42 3.02 -7.64
N GLN B 20 3.80 4.20 -8.12
CA GLN B 20 4.58 4.31 -9.35
C GLN B 20 5.84 3.47 -9.29
N SER B 21 6.48 3.48 -8.13
CA SER B 21 7.64 2.65 -7.89
C SER B 21 7.27 1.18 -7.97
N LEU B 22 6.19 0.85 -7.29
CA LEU B 22 5.76 -0.53 -7.12
C LEU B 22 5.31 -1.12 -8.44
N VAL B 23 4.43 -0.42 -9.16
CA VAL B 23 3.90 -0.93 -10.42
C VAL B 23 5.01 -1.18 -11.43
N HIS B 24 6.02 -0.31 -11.45
CA HIS B 24 7.12 -0.49 -12.36
C HIS B 24 7.99 -1.67 -11.92
N ALA B 25 8.55 -1.58 -10.72
CA ALA B 25 9.45 -2.61 -10.20
C ALA B 25 8.79 -3.99 -10.14
N ALA B 26 7.48 -4.02 -9.99
CA ALA B 26 6.76 -5.29 -9.89
C ALA B 26 6.87 -6.11 -11.17
N GLN B 27 6.87 -5.45 -12.32
CA GLN B 27 6.82 -6.15 -13.59
C GLN B 27 7.94 -5.73 -14.51
N CYS B 28 8.85 -4.92 -14.00
CA CYS B 28 10.00 -4.48 -14.77
C CYS B 28 10.97 -5.65 -14.93
N ARG B 29 10.82 -6.40 -16.01
CA ARG B 29 11.60 -7.60 -16.24
C ARG B 29 13.06 -7.26 -16.54
N ASN B 30 13.29 -6.05 -17.03
CA ASN B 30 14.64 -5.60 -17.32
C ASN B 30 15.42 -5.38 -16.04
N ALA B 31 16.39 -6.24 -15.81
CA ALA B 31 17.17 -6.23 -14.59
C ALA B 31 18.16 -5.06 -14.57
N ASN B 32 18.63 -4.66 -15.76
CA ASN B 32 19.60 -3.58 -15.83
C ASN B 32 18.92 -2.24 -15.58
N CYS B 33 17.60 -2.19 -15.77
CA CYS B 33 16.85 -1.00 -15.42
C CYS B 33 16.87 -0.78 -13.92
N SER B 34 17.58 0.25 -13.51
CA SER B 34 17.60 0.64 -12.13
C SER B 34 17.36 2.12 -12.01
N LEU B 35 16.21 2.58 -12.47
CA LEU B 35 15.84 3.94 -12.27
C LEU B 35 15.67 4.21 -10.76
N PRO B 36 15.53 5.48 -10.36
CA PRO B 36 15.59 5.90 -8.95
C PRO B 36 14.85 4.96 -8.01
N SER B 37 13.55 4.83 -8.22
CA SER B 37 12.71 4.02 -7.36
C SER B 37 12.61 2.56 -7.84
N CYS B 38 12.86 2.31 -9.13
CA CYS B 38 12.65 0.98 -9.70
C CYS B 38 13.56 -0.05 -9.04
N GLN B 39 14.83 0.30 -8.89
CA GLN B 39 15.81 -0.60 -8.29
C GLN B 39 15.48 -0.89 -6.83
N LYS B 40 15.21 0.17 -6.09
CA LYS B 40 14.88 0.08 -4.68
C LYS B 40 13.62 -0.73 -4.49
N MET B 41 12.58 -0.26 -5.16
CA MET B 41 11.25 -0.87 -5.04
C MET B 41 11.26 -2.31 -5.54
N LYS B 42 12.18 -2.62 -6.45
CA LYS B 42 12.38 -3.99 -6.90
C LYS B 42 12.65 -4.93 -5.74
N ARG B 43 13.60 -4.54 -4.88
CA ARG B 43 13.95 -5.34 -3.72
C ARG B 43 12.79 -5.37 -2.74
N VAL B 44 11.93 -4.36 -2.81
CA VAL B 44 10.75 -4.31 -1.97
C VAL B 44 9.70 -5.32 -2.45
N VAL B 45 9.48 -5.36 -3.76
CA VAL B 45 8.61 -6.37 -4.37
C VAL B 45 9.17 -7.75 -4.07
N GLN B 46 10.48 -7.84 -4.19
CA GLN B 46 11.23 -9.06 -3.92
C GLN B 46 11.27 -9.36 -2.41
N HIS B 47 10.89 -8.39 -1.61
CA HIS B 47 10.83 -8.54 -0.16
C HIS B 47 9.51 -9.17 0.25
N THR B 48 8.51 -9.00 -0.60
CA THR B 48 7.19 -9.51 -0.30
C THR B 48 7.09 -10.98 -0.68
N LYS B 49 8.05 -11.44 -1.50
CA LYS B 49 8.24 -12.85 -1.82
C LYS B 49 8.03 -13.74 -0.59
N GLY B 50 8.90 -13.58 0.40
CA GLY B 50 8.81 -14.41 1.59
C GLY B 50 8.95 -13.60 2.86
N CYS B 51 8.08 -12.61 3.02
CA CYS B 51 8.11 -11.77 4.21
C CYS B 51 7.36 -12.46 5.35
N LYS B 52 8.10 -12.93 6.35
CA LYS B 52 7.51 -13.65 7.48
C LYS B 52 7.04 -12.67 8.56
N ARG B 53 6.20 -13.17 9.47
CA ARG B 53 5.61 -12.36 10.54
C ARG B 53 4.92 -11.14 9.95
N LYS B 54 4.12 -11.39 8.94
CA LYS B 54 3.46 -10.31 8.22
C LYS B 54 2.00 -10.16 8.63
N THR B 55 1.19 -11.19 8.38
CA THR B 55 -0.26 -11.10 8.53
C THR B 55 -0.68 -10.89 9.99
N ASN B 56 0.24 -11.16 10.90
CA ASN B 56 -0.05 -11.04 12.32
C ASN B 56 0.24 -9.63 12.84
N GLY B 57 0.24 -8.67 11.94
CA GLY B 57 0.52 -7.30 12.33
C GLY B 57 2.00 -7.05 12.47
N GLY B 58 2.77 -7.59 11.54
CA GLY B 58 4.21 -7.47 11.61
C GLY B 58 4.76 -6.48 10.60
N CYS B 59 4.98 -6.94 9.37
CA CYS B 59 5.58 -6.11 8.34
C CYS B 59 4.74 -4.87 8.04
N PRO B 60 5.31 -3.67 8.30
CA PRO B 60 4.66 -2.41 7.96
C PRO B 60 4.78 -2.09 6.47
N ILE B 61 5.84 -2.61 5.87
CA ILE B 61 6.09 -2.43 4.45
C ILE B 61 5.04 -3.18 3.64
N CYS B 62 4.83 -4.45 3.97
CA CYS B 62 3.82 -5.24 3.32
C CYS B 62 2.44 -4.70 3.64
N LYS B 63 2.31 -4.11 4.83
CA LYS B 63 1.12 -3.38 5.21
C LYS B 63 0.89 -2.19 4.28
N GLN B 64 1.99 -1.55 3.85
CA GLN B 64 1.91 -0.48 2.87
C GLN B 64 1.63 -1.03 1.47
N LEU B 65 2.39 -2.04 1.08
CA LEU B 65 2.19 -2.71 -0.19
C LEU B 65 0.73 -3.15 -0.33
N ILE B 66 0.16 -3.62 0.78
CA ILE B 66 -1.27 -3.91 0.88
C ILE B 66 -2.08 -2.63 0.80
N ALA B 67 -1.72 -1.65 1.63
CA ALA B 67 -2.41 -0.36 1.71
C ALA B 67 -2.54 0.30 0.34
N LEU B 68 -1.42 0.47 -0.33
CA LEU B 68 -1.40 1.16 -1.62
C LEU B 68 -2.08 0.32 -2.68
N ALA B 69 -1.82 -0.99 -2.66
CA ALA B 69 -2.38 -1.89 -3.66
C ALA B 69 -3.89 -1.96 -3.57
N ALA B 70 -4.43 -1.77 -2.37
CA ALA B 70 -5.88 -1.75 -2.19
C ALA B 70 -6.46 -0.52 -2.90
N TYR B 71 -5.85 0.62 -2.65
CA TYR B 71 -6.18 1.86 -3.35
C TYR B 71 -5.94 1.73 -4.85
N HIS B 72 -4.85 1.09 -5.21
CA HIS B 72 -4.51 0.89 -6.60
C HIS B 72 -5.51 -0.05 -7.28
N ALA B 73 -5.87 -1.13 -6.58
CA ALA B 73 -6.80 -2.13 -7.10
C ALA B 73 -8.21 -1.56 -7.23
N LYS B 74 -8.42 -0.36 -6.71
CA LYS B 74 -9.70 0.33 -6.83
C LYS B 74 -9.98 0.71 -8.28
N HIS B 75 -8.94 0.63 -9.11
CA HIS B 75 -9.06 0.95 -10.52
C HIS B 75 -8.46 -0.18 -11.36
N CYS B 76 -8.58 -1.40 -10.85
CA CYS B 76 -7.97 -2.54 -11.50
C CYS B 76 -9.00 -3.55 -11.98
N GLN B 77 -9.25 -3.53 -13.28
CA GLN B 77 -10.14 -4.49 -13.90
C GLN B 77 -9.37 -5.32 -14.92
N GLU B 78 -8.06 -5.35 -14.75
CA GLU B 78 -7.18 -6.09 -15.63
C GLU B 78 -6.87 -7.46 -15.02
N ASN B 79 -7.09 -8.51 -15.82
CA ASN B 79 -6.92 -9.89 -15.35
C ASN B 79 -5.49 -10.17 -14.91
N LYS B 80 -4.55 -9.38 -15.40
CA LYS B 80 -3.16 -9.51 -15.00
C LYS B 80 -2.60 -8.15 -14.67
N CYS B 81 -2.36 -7.90 -13.39
CA CYS B 81 -1.98 -6.57 -12.96
C CYS B 81 -0.59 -6.56 -12.32
N PRO B 82 0.22 -5.54 -12.71
CA PRO B 82 1.59 -5.32 -12.23
C PRO B 82 1.85 -5.68 -10.76
N VAL B 83 1.51 -4.77 -9.83
CA VAL B 83 1.91 -4.92 -8.43
C VAL B 83 1.41 -6.23 -7.80
N PRO B 84 2.13 -6.67 -6.77
CA PRO B 84 1.98 -7.98 -6.16
C PRO B 84 0.71 -8.13 -5.33
N PHE B 85 0.47 -7.18 -4.44
CA PHE B 85 -0.64 -7.28 -3.50
C PHE B 85 -1.96 -6.89 -4.14
N CYS B 86 -1.91 -6.44 -5.39
CA CYS B 86 -3.13 -6.10 -6.11
C CYS B 86 -3.97 -7.35 -6.28
N LEU B 87 -3.31 -8.42 -6.69
CA LEU B 87 -3.95 -9.70 -6.86
C LEU B 87 -4.23 -10.33 -5.49
N ASN B 88 -3.46 -9.90 -4.49
CA ASN B 88 -3.74 -10.28 -3.10
C ASN B 88 -5.09 -9.75 -2.66
N ILE B 89 -5.38 -8.49 -3.01
CA ILE B 89 -6.71 -7.91 -2.79
C ILE B 89 -7.79 -8.75 -3.48
N LYS B 90 -7.53 -9.17 -4.70
CA LYS B 90 -8.53 -9.90 -5.46
C LYS B 90 -8.84 -11.26 -4.84
N GLN B 91 -7.94 -11.74 -3.98
CA GLN B 91 -8.16 -13.01 -3.30
C GLN B 91 -8.90 -12.78 -1.98
N LYS B 92 -9.23 -11.53 -1.71
CA LYS B 92 -9.97 -11.19 -0.51
C LYS B 92 -11.45 -11.03 -0.85
ZN ZN C . 12.55 -0.46 -14.25
ZN ZN D . 7.27 -7.09 4.02
ZN ZN E . -3.71 -3.44 -9.89
#